data_9HKO
#
_entry.id   9HKO
#
_cell.length_a   1.00
_cell.length_b   1.00
_cell.length_c   1.00
_cell.angle_alpha   90.00
_cell.angle_beta   90.00
_cell.angle_gamma   90.00
#
_symmetry.space_group_name_H-M   'P 1'
#
loop_
_entity.id
_entity.type
_entity.pdbx_description
1 polymer 'Glycine betaine transporter BetP'
2 non-polymer '(1S)-2-{[{[(2R)-2,3-DIHYDROXYPROPYL]OXY}(HYDROXY)PHOSPHORYL]OXY}-1-[(PALMITOYLOXY)METHYL]ETHYL STEARATE'
3 non-polymer 'TRIMETHYL GLYCINE'
4 non-polymer 'SODIUM ION'
#
_entity_poly.entity_id   1
_entity_poly.type   'polypeptide(L)'
_entity_poly.pdbx_seq_one_letter_code
;WSHPQFEKMTTSDPNPKPIVEDAQPEQITATEELAGLLENPTNLEGKLADAEEEIILEGEDTQASLNWSVIVPALVIVLA
TVVWGIGFKDSFTNFASSALSAVVDNLGWAFILFGTVFVFFIVVIAASKFGTIRLGRIDEAPEFRTVSWISMMFAAGMGI
GLMFYGTTEPLTFYRNGVPGHDEHNVGVAMSTTMFHWTLHPWAIYAIVGLAIAYSTFRVGRKQLLSSAFVPLIGEKGAEG
WLGKLIDILAIIATVFGTACSLGLGALQIGAGLSAANIIEDPSDWTIVGIVSVLTLAFIFSAISGVGKGIQYLSNANMVL
AALLAIFVFVVGPTVSILNLLPGSIGNYLSNFFQMAGRTAMSADGTAGEWLGSWTIFYWAWWISWSPFVGMFLARISRGR
SIREFILGVLLVPAGVSTVWFSIFGGTAIVFEQNGESIWGDGAAEEQLFGLLHALPGGQIMGIIAMILLGTFFITSADSA
STVMGTMSQHGQLEANKWVTAAWGVATAAIGLTLLLSGGDNALSNLQNVTIVAATPFLFVVIGLMFALVKDLSNDVIYLE
YREQQRFNARLARERRVHNEHRKRELAAKRRRERKASGAGKRR
;
_entity_poly.pdbx_strand_id   A,B,C
#
# COMPACT_ATOMS: atom_id res chain seq x y z
N ALA A 64 13.16 25.17 38.58
CA ALA A 64 14.50 25.81 38.57
C ALA A 64 15.48 25.04 39.46
N SER A 65 14.96 24.26 40.39
CA SER A 65 15.80 23.45 41.25
C SER A 65 16.51 22.38 40.43
N LEU A 66 17.36 21.60 41.08
CA LEU A 66 18.16 20.59 40.40
C LEU A 66 17.49 19.24 40.32
N ASN A 67 16.30 19.07 40.92
CA ASN A 67 15.57 17.82 40.86
C ASN A 67 16.49 16.64 41.19
N TRP A 68 17.02 16.67 42.41
CA TRP A 68 17.99 15.65 42.82
C TRP A 68 17.38 14.27 42.85
N SER A 69 16.05 14.16 42.84
CA SER A 69 15.40 12.85 42.74
C SER A 69 15.57 12.23 41.37
N VAL A 70 16.06 12.98 40.38
CA VAL A 70 16.30 12.46 39.05
C VAL A 70 17.81 12.36 38.76
N ILE A 71 18.60 13.31 39.24
CA ILE A 71 20.03 13.28 38.98
C ILE A 71 20.69 12.12 39.72
N VAL A 72 20.37 11.96 41.01
CA VAL A 72 21.06 10.95 41.82
C VAL A 72 20.83 9.54 41.29
N PRO A 73 19.59 9.10 41.03
CA PRO A 73 19.43 7.76 40.46
C PRO A 73 20.13 7.56 39.13
N ALA A 74 20.18 8.60 38.28
CA ALA A 74 20.83 8.47 36.99
C ALA A 74 22.34 8.45 37.13
N LEU A 75 22.90 9.25 38.05
CA LEU A 75 24.33 9.22 38.29
C LEU A 75 24.77 7.87 38.83
N VAL A 76 24.01 7.32 39.78
CA VAL A 76 24.43 6.09 40.42
C VAL A 76 24.55 4.97 39.40
N ILE A 77 23.58 4.86 38.50
CA ILE A 77 23.64 3.82 37.47
C ILE A 77 24.82 4.07 36.53
N VAL A 78 25.05 5.33 36.15
CA VAL A 78 26.17 5.64 35.27
C VAL A 78 27.49 5.39 35.96
N LEU A 79 27.62 5.85 37.21
CA LEU A 79 28.88 5.65 37.94
C LEU A 79 29.15 4.17 38.17
N ALA A 80 28.12 3.39 38.46
CA ALA A 80 28.31 1.95 38.63
C ALA A 80 28.84 1.31 37.36
N THR A 81 28.32 1.73 36.20
CA THR A 81 28.80 1.18 34.94
C THR A 81 30.27 1.51 34.72
N VAL A 82 30.68 2.75 35.02
CA VAL A 82 32.07 3.13 34.84
C VAL A 82 32.96 2.35 35.80
N VAL A 83 32.57 2.26 37.07
CA VAL A 83 33.36 1.51 38.04
C VAL A 83 33.39 0.04 37.66
N TRP A 84 32.24 -0.52 37.29
CA TRP A 84 32.16 -1.93 36.96
C TRP A 84 32.88 -2.23 35.66
N GLY A 85 32.61 -1.44 34.61
CA GLY A 85 33.22 -1.71 33.32
C GLY A 85 34.72 -1.55 33.34
N ILE A 86 35.20 -0.46 33.94
CA ILE A 86 36.64 -0.22 34.01
C ILE A 86 37.28 -1.10 35.08
N GLY A 87 36.67 -1.19 36.25
CA GLY A 87 37.27 -1.94 37.34
C GLY A 87 37.38 -3.42 37.03
N PHE A 88 36.29 -4.01 36.53
CA PHE A 88 36.20 -5.46 36.29
C PHE A 88 35.76 -5.67 34.84
N LYS A 89 36.72 -5.70 33.93
CA LYS A 89 36.40 -5.83 32.51
C LYS A 89 35.77 -7.19 32.21
N ASP A 90 36.35 -8.26 32.76
CA ASP A 90 35.85 -9.60 32.45
C ASP A 90 34.41 -9.77 32.94
N SER A 91 34.12 -9.33 34.16
CA SER A 91 32.78 -9.49 34.71
C SER A 91 31.77 -8.65 33.93
N PHE A 92 32.14 -7.43 33.56
CA PHE A 92 31.21 -6.57 32.83
C PHE A 92 30.89 -7.15 31.47
N THR A 93 31.89 -7.63 30.75
CA THR A 93 31.64 -8.17 29.42
C THR A 93 30.69 -9.36 29.46
N ASN A 94 30.87 -10.24 30.45
CA ASN A 94 30.01 -11.41 30.54
C ASN A 94 28.57 -11.01 30.85
N PHE A 95 28.37 -10.05 31.75
CA PHE A 95 27.02 -9.62 32.06
C PHE A 95 26.33 -9.02 30.84
N ALA A 96 27.05 -8.20 30.07
CA ALA A 96 26.46 -7.61 28.87
C ALA A 96 26.04 -8.69 27.89
N SER A 97 26.88 -9.72 27.72
CA SER A 97 26.52 -10.82 26.84
C SER A 97 25.30 -11.58 27.37
N SER A 98 25.27 -11.85 28.67
CA SER A 98 24.12 -12.54 29.26
C SER A 98 22.87 -11.67 29.17
N ALA A 99 23.01 -10.37 29.44
CA ALA A 99 21.85 -9.48 29.41
C ALA A 99 21.24 -9.42 28.01
N LEU A 100 22.09 -9.36 26.98
CA LEU A 100 21.57 -9.28 25.62
C LEU A 100 20.76 -10.50 25.26
N SER A 101 21.24 -11.69 25.63
CA SER A 101 20.52 -12.92 25.28
C SER A 101 19.13 -12.93 25.90
N ALA A 102 19.03 -12.56 27.17
CA ALA A 102 17.72 -12.52 27.82
C ALA A 102 16.82 -11.47 27.20
N VAL A 103 17.38 -10.30 26.86
CA VAL A 103 16.58 -9.23 26.29
C VAL A 103 16.13 -9.59 24.88
N VAL A 104 17.05 -10.08 24.06
CA VAL A 104 16.70 -10.39 22.67
C VAL A 104 15.74 -11.56 22.60
N ASP A 105 15.94 -12.57 23.45
CA ASP A 105 15.11 -13.77 23.39
C ASP A 105 13.68 -13.47 23.85
N ASN A 106 13.53 -13.04 25.09
CA ASN A 106 12.22 -12.87 25.70
C ASN A 106 11.57 -11.52 25.39
N LEU A 107 12.26 -10.65 24.66
CA LEU A 107 11.72 -9.33 24.38
C LEU A 107 11.96 -8.85 22.96
N GLY A 108 12.65 -9.63 22.12
CA GLY A 108 12.93 -9.19 20.77
C GLY A 108 11.67 -8.95 19.96
N TRP A 109 10.62 -9.73 20.21
CA TRP A 109 9.35 -9.52 19.53
C TRP A 109 8.82 -8.12 19.77
N ALA A 110 9.10 -7.54 20.94
CA ALA A 110 8.61 -6.20 21.25
C ALA A 110 9.24 -5.15 20.33
N PHE A 111 10.55 -5.23 20.13
CA PHE A 111 11.20 -4.31 19.19
C PHE A 111 10.66 -4.51 17.79
N ILE A 112 10.53 -5.77 17.36
CA ILE A 112 10.10 -6.06 15.99
C ILE A 112 8.64 -5.69 15.82
N LEU A 113 7.80 -6.06 16.77
CA LEU A 113 6.36 -5.81 16.65
C LEU A 113 6.06 -4.33 16.70
N PHE A 114 6.57 -3.64 17.72
CA PHE A 114 6.26 -2.23 17.92
C PHE A 114 7.12 -1.32 17.08
N GLY A 115 8.21 -1.81 16.51
CA GLY A 115 8.98 -0.99 15.60
C GLY A 115 8.19 -0.59 14.37
N THR A 116 7.32 -1.48 13.89
CA THR A 116 6.49 -1.19 12.73
C THR A 116 5.11 -0.66 13.10
N VAL A 117 4.71 -0.76 14.37
CA VAL A 117 3.49 -0.09 14.81
C VAL A 117 3.69 1.41 14.82
N PHE A 118 4.88 1.86 15.20
CA PHE A 118 5.17 3.30 15.20
C PHE A 118 4.98 3.90 13.82
N VAL A 119 5.41 3.18 12.78
CA VAL A 119 5.28 3.68 11.42
C VAL A 119 3.80 3.80 11.04
N PHE A 120 3.00 2.79 11.40
CA PHE A 120 1.56 2.85 11.14
C PHE A 120 0.91 3.95 11.96
N PHE A 121 1.25 4.02 13.26
CA PHE A 121 0.61 4.99 14.14
C PHE A 121 0.85 6.41 13.65
N ILE A 122 2.07 6.69 13.21
CA ILE A 122 2.43 8.06 12.83
C ILE A 122 1.74 8.46 11.54
N VAL A 123 1.75 7.58 10.55
CA VAL A 123 1.12 7.91 9.26
C VAL A 123 -0.37 8.16 9.45
N VAL A 124 -1.00 7.41 10.35
CA VAL A 124 -2.41 7.62 10.63
C VAL A 124 -2.64 8.96 11.31
N ILE A 125 -1.79 9.31 12.28
CA ILE A 125 -1.96 10.57 13.01
C ILE A 125 -1.78 11.76 12.07
N ALA A 126 -1.02 11.59 11.00
CA ALA A 126 -0.80 12.65 10.04
C ALA A 126 -1.92 12.76 9.01
N ALA A 127 -2.94 11.91 9.09
CA ALA A 127 -4.11 12.01 8.22
C ALA A 127 -5.42 11.94 8.98
N SER A 128 -5.40 11.63 10.27
CA SER A 128 -6.62 11.37 11.03
C SER A 128 -7.01 12.59 11.85
N LYS A 129 -7.46 13.64 11.14
CA LYS A 129 -8.17 14.74 11.77
C LYS A 129 -7.26 15.60 12.65
N PHE A 130 -6.04 15.12 12.90
CA PHE A 130 -5.10 15.82 13.76
C PHE A 130 -3.98 16.50 12.98
N GLY A 131 -3.82 16.18 11.70
CA GLY A 131 -2.80 16.81 10.90
C GLY A 131 -2.96 18.31 10.80
N THR A 132 -4.15 18.82 11.09
CA THR A 132 -4.42 20.25 11.01
C THR A 132 -4.08 20.98 12.30
N ILE A 133 -4.10 20.31 13.45
CA ILE A 133 -3.74 20.97 14.69
C ILE A 133 -2.34 21.56 14.56
N ARG A 134 -2.10 22.66 15.26
CA ARG A 134 -0.83 23.36 15.20
C ARG A 134 -0.12 23.29 16.55
N LEU A 135 1.19 23.02 16.51
CA LEU A 135 1.99 22.85 17.72
C LEU A 135 2.27 24.24 18.31
N GLY A 136 1.24 24.81 18.90
CA GLY A 136 1.32 26.13 19.50
C GLY A 136 -0.05 26.69 19.77
N ARG A 137 -0.30 27.91 19.35
CA ARG A 137 -1.62 28.50 19.38
C ARG A 137 -2.14 28.64 17.95
N ILE A 138 -3.47 28.69 17.82
CA ILE A 138 -4.06 28.84 16.50
C ILE A 138 -3.58 30.15 15.89
N ASP A 139 -3.24 30.10 14.59
CA ASP A 139 -2.73 31.22 13.81
C ASP A 139 -1.25 31.46 14.06
N GLU A 140 -0.57 30.61 14.83
CA GLU A 140 0.86 30.75 15.03
C GLU A 140 1.61 30.30 13.79
N ALA A 141 2.83 30.80 13.65
CA ALA A 141 3.66 30.52 12.48
C ALA A 141 5.05 30.08 12.90
N PRO A 142 5.69 29.23 12.12
CA PRO A 142 7.03 28.74 12.48
C PRO A 142 8.06 29.85 12.51
N GLU A 143 8.97 29.76 13.47
CA GLU A 143 10.03 30.74 13.64
C GLU A 143 11.32 30.35 12.92
N PHE A 144 11.38 29.17 12.31
CA PHE A 144 12.49 28.72 11.50
C PHE A 144 11.98 28.46 10.09
N ARG A 145 12.67 29.01 9.10
CA ARG A 145 12.28 28.75 7.72
C ARG A 145 12.48 27.28 7.38
N THR A 146 11.67 26.78 6.45
CA THR A 146 11.60 25.34 6.23
C THR A 146 12.98 24.75 5.96
N VAL A 147 13.76 25.38 5.09
CA VAL A 147 15.08 24.86 4.76
C VAL A 147 15.95 24.81 6.00
N SER A 148 15.93 25.87 6.80
CA SER A 148 16.71 25.89 8.03
C SER A 148 16.15 24.90 9.05
N TRP A 149 14.83 24.77 9.12
CA TRP A 149 14.22 23.83 10.06
C TRP A 149 14.64 22.40 9.76
N ILE A 150 14.64 22.03 8.48
CA ILE A 150 15.02 20.69 8.09
C ILE A 150 16.48 20.42 8.43
N SER A 151 17.33 21.43 8.29
CA SER A 151 18.76 21.24 8.49
C SER A 151 19.08 20.87 9.93
N MET A 152 18.43 21.51 10.89
CA MET A 152 18.76 21.28 12.29
C MET A 152 18.18 19.97 12.81
N MET A 153 17.25 19.37 12.12
CA MET A 153 16.65 18.15 12.60
C MET A 153 17.44 16.97 12.14
N PHE A 154 17.97 17.00 10.93
CA PHE A 154 18.84 15.92 10.47
C PHE A 154 20.23 16.00 11.07
N ALA A 155 20.67 17.20 11.46
CA ALA A 155 21.97 17.32 12.12
C ALA A 155 21.92 16.78 13.54
N ALA A 156 20.88 17.15 14.29
CA ALA A 156 20.70 16.60 15.63
C ALA A 156 20.13 15.19 15.60
N GLY A 157 19.33 14.88 14.59
CA GLY A 157 18.76 13.54 14.50
C GLY A 157 19.80 12.47 14.25
N MET A 158 20.77 12.77 13.39
CA MET A 158 21.77 11.80 12.97
C MET A 158 23.12 12.14 13.59
N GLY A 159 23.74 11.15 14.22
CA GLY A 159 25.11 11.27 14.68
C GLY A 159 26.05 10.63 13.69
N ILE A 160 26.79 9.62 14.12
CA ILE A 160 27.73 8.87 13.26
C ILE A 160 27.17 7.53 12.77
N GLY A 161 26.12 7.53 11.97
CA GLY A 161 25.51 6.30 11.53
C GLY A 161 25.56 6.19 10.03
N LEU A 162 25.74 7.32 9.36
CA LEU A 162 25.93 7.33 7.93
C LEU A 162 27.41 7.23 7.57
N MET A 163 28.30 7.47 8.52
CA MET A 163 29.73 7.28 8.32
C MET A 163 30.14 5.86 8.68
N PHE A 164 29.78 5.42 9.89
CA PHE A 164 30.19 4.09 10.33
C PHE A 164 29.56 3.00 9.49
N TYR A 165 28.27 3.12 9.19
CA TYR A 165 27.52 2.09 8.49
C TYR A 165 27.16 2.48 7.07
N GLY A 166 27.69 3.61 6.58
CA GLY A 166 27.38 4.01 5.22
C GLY A 166 27.89 3.02 4.19
N THR A 167 29.04 2.42 4.45
CA THR A 167 29.65 1.41 3.59
C THR A 167 29.61 0.01 4.18
N THR A 168 29.79 -0.11 5.50
CA THR A 168 29.87 -1.42 6.12
C THR A 168 28.57 -2.20 5.96
N GLU A 169 27.43 -1.55 6.16
CA GLU A 169 26.17 -2.29 6.23
C GLU A 169 25.74 -2.81 4.86
N PRO A 170 25.53 -1.97 3.84
CA PRO A 170 25.14 -2.51 2.53
C PRO A 170 26.15 -3.48 1.96
N LEU A 171 27.45 -3.29 2.25
CA LEU A 171 28.45 -4.24 1.76
C LEU A 171 28.39 -5.55 2.52
N THR A 172 28.18 -5.50 3.84
CA THR A 172 28.10 -6.71 4.63
C THR A 172 26.94 -7.59 4.17
N PHE A 173 25.79 -6.99 3.88
CA PHE A 173 24.66 -7.76 3.42
C PHE A 173 24.84 -8.27 1.99
N TYR A 174 25.74 -7.67 1.22
CA TYR A 174 26.02 -8.19 -0.10
C TYR A 174 26.85 -9.46 -0.02
N ARG A 175 27.86 -9.49 0.85
CA ARG A 175 28.71 -10.68 0.97
C ARG A 175 28.01 -11.77 1.76
N ASN A 176 27.69 -11.51 3.02
CA ASN A 176 27.16 -12.55 3.89
C ASN A 176 25.70 -12.84 3.61
N GLY A 177 24.93 -11.84 3.19
CA GLY A 177 23.51 -12.00 2.98
C GLY A 177 22.72 -11.76 4.26
N VAL A 178 21.41 -11.75 4.11
CA VAL A 178 20.49 -11.52 5.22
C VAL A 178 19.71 -12.80 5.47
N PRO A 179 19.18 -13.02 6.67
CA PRO A 179 18.39 -14.23 6.90
C PRO A 179 17.21 -14.33 5.94
N GLY A 180 16.97 -15.54 5.46
CA GLY A 180 15.89 -15.77 4.53
C GLY A 180 16.20 -15.43 3.09
N HIS A 181 17.45 -15.15 2.76
CA HIS A 181 17.85 -14.81 1.40
C HIS A 181 19.22 -15.41 1.12
N ASP A 182 19.72 -15.16 -0.07
CA ASP A 182 20.99 -15.66 -0.55
C ASP A 182 22.03 -14.55 -0.53
N GLU A 183 23.27 -14.92 -0.85
CA GLU A 183 24.36 -13.96 -0.88
C GLU A 183 24.41 -13.24 -2.23
N HIS A 184 25.27 -12.25 -2.32
CA HIS A 184 25.56 -11.56 -3.56
C HIS A 184 24.26 -11.13 -4.25
N ASN A 185 23.37 -10.54 -3.47
CA ASN A 185 22.10 -9.99 -3.95
C ASN A 185 22.11 -8.50 -3.63
N VAL A 186 22.17 -7.67 -4.66
CA VAL A 186 22.20 -6.22 -4.45
C VAL A 186 20.82 -5.65 -4.21
N GLY A 187 19.76 -6.37 -4.61
CA GLY A 187 18.42 -5.87 -4.33
C GLY A 187 18.10 -5.88 -2.86
N VAL A 188 18.47 -6.95 -2.16
CA VAL A 188 18.17 -7.06 -0.73
C VAL A 188 19.30 -6.51 0.14
N ALA A 189 20.52 -6.42 -0.39
CA ALA A 189 21.57 -5.72 0.34
C ALA A 189 21.24 -4.26 0.52
N MET A 190 20.70 -3.62 -0.52
CA MET A 190 20.39 -2.20 -0.46
C MET A 190 19.04 -1.96 0.19
N SER A 191 18.03 -2.75 -0.18
CA SER A 191 16.69 -2.54 0.39
C SER A 191 16.68 -2.76 1.89
N THR A 192 17.37 -3.79 2.37
CA THR A 192 17.42 -4.04 3.80
C THR A 192 18.25 -3.00 4.54
N THR A 193 19.08 -2.23 3.84
CA THR A 193 19.78 -1.11 4.46
C THR A 193 18.86 0.10 4.61
N MET A 194 18.02 0.35 3.61
CA MET A 194 17.03 1.41 3.73
C MET A 194 16.03 1.10 4.84
N PHE A 195 15.78 -0.17 5.10
CA PHE A 195 14.81 -0.53 6.13
C PHE A 195 15.25 0.00 7.49
N HIS A 196 16.55 -0.06 7.76
CA HIS A 196 17.10 0.31 9.06
C HIS A 196 17.37 1.80 9.20
N TRP A 197 17.20 2.58 8.14
CA TRP A 197 17.65 3.96 8.15
C TRP A 197 16.67 4.97 7.56
N THR A 198 15.44 4.58 7.19
CA THR A 198 14.54 5.51 6.52
C THR A 198 13.27 5.83 7.31
N LEU A 199 12.42 4.85 7.57
CA LEU A 199 11.09 5.13 8.11
C LEU A 199 10.92 4.62 9.54
N HIS A 200 11.26 3.36 9.79
CA HIS A 200 11.19 2.84 11.16
C HIS A 200 12.00 3.66 12.15
N PRO A 201 13.23 4.08 11.85
CA PRO A 201 13.99 4.85 12.83
C PRO A 201 13.46 6.26 13.04
N TRP A 202 13.10 6.95 11.98
CA TRP A 202 12.66 8.33 12.09
C TRP A 202 11.22 8.46 12.56
N ALA A 203 10.46 7.37 12.57
CA ALA A 203 9.13 7.38 13.17
C ALA A 203 9.17 7.37 14.69
N ILE A 204 10.28 6.91 15.28
CA ILE A 204 10.42 7.00 16.73
C ILE A 204 10.61 8.45 17.15
N TYR A 205 11.38 9.21 16.38
CA TYR A 205 11.59 10.62 16.71
C TYR A 205 10.31 11.41 16.58
N ALA A 206 9.51 11.11 15.55
CA ALA A 206 8.24 11.83 15.37
C ALA A 206 7.30 11.57 16.52
N ILE A 207 7.21 10.33 17.00
CA ILE A 207 6.29 10.02 18.10
C ILE A 207 6.73 10.72 19.37
N VAL A 208 8.02 10.62 19.72
CA VAL A 208 8.50 11.25 20.94
C VAL A 208 8.52 12.76 20.79
N GLY A 209 8.99 13.26 19.64
CA GLY A 209 9.04 14.70 19.43
C GLY A 209 7.67 15.32 19.39
N LEU A 210 6.69 14.61 18.82
CA LEU A 210 5.35 15.15 18.71
C LEU A 210 4.65 15.17 20.08
N ALA A 211 4.86 14.14 20.89
CA ALA A 211 4.27 14.12 22.21
C ALA A 211 4.80 15.25 23.07
N ILE A 212 6.11 15.50 23.00
CA ILE A 212 6.71 16.60 23.75
C ILE A 212 6.29 17.94 23.16
N ALA A 213 6.21 18.04 21.84
CA ALA A 213 5.84 19.30 21.20
C ALA A 213 4.42 19.69 21.55
N TYR A 214 3.49 18.73 21.54
CA TYR A 214 2.10 19.05 21.80
C TYR A 214 1.90 19.48 23.25
N SER A 215 2.40 18.70 24.21
CA SER A 215 2.19 19.02 25.61
C SER A 215 2.88 20.32 25.99
N THR A 216 4.04 20.58 25.40
CA THR A 216 4.80 21.78 25.76
C THR A 216 4.15 23.05 25.21
N PHE A 217 3.61 22.98 24.00
CA PHE A 217 3.13 24.16 23.30
C PHE A 217 1.61 24.27 23.31
N ARG A 218 0.90 23.25 22.82
CA ARG A 218 -0.55 23.32 22.78
C ARG A 218 -1.14 23.37 24.19
N VAL A 219 -0.71 22.45 25.06
CA VAL A 219 -1.25 22.40 26.41
C VAL A 219 -0.44 23.25 27.39
N GLY A 220 0.83 23.53 27.10
CA GLY A 220 1.61 24.40 27.95
C GLY A 220 2.01 23.78 29.26
N ARG A 221 2.77 22.69 29.22
CA ARG A 221 3.31 22.04 30.40
C ARG A 221 4.82 22.20 30.43
N LYS A 222 5.43 21.68 31.48
CA LYS A 222 6.88 21.73 31.61
C LYS A 222 7.54 20.90 30.53
N GLN A 223 8.75 21.31 30.14
CA GLN A 223 9.51 20.60 29.11
C GLN A 223 10.16 19.38 29.74
N LEU A 224 9.37 18.31 29.85
CA LEU A 224 9.85 17.05 30.40
C LEU A 224 9.17 15.90 29.67
N LEU A 225 9.69 14.70 29.89
CA LEU A 225 9.07 13.50 29.34
C LEU A 225 7.99 12.95 30.24
N SER A 226 8.04 13.25 31.54
CA SER A 226 6.95 12.86 32.43
C SER A 226 5.68 13.64 32.10
N SER A 227 5.83 14.93 31.77
CA SER A 227 4.67 15.76 31.49
C SER A 227 3.90 15.27 30.28
N ALA A 228 4.56 14.56 29.38
CA ALA A 228 3.86 14.01 28.22
C ALA A 228 2.88 12.93 28.61
N PHE A 229 3.01 12.37 29.82
CA PHE A 229 2.16 11.29 30.29
C PHE A 229 1.04 11.77 31.21
N VAL A 230 0.86 13.09 31.32
CA VAL A 230 -0.18 13.62 32.21
C VAL A 230 -1.55 13.02 31.90
N PRO A 231 -1.98 12.91 30.64
CA PRO A 231 -3.28 12.28 30.38
C PRO A 231 -3.37 10.86 30.88
N LEU A 232 -2.27 10.12 30.83
CA LEU A 232 -2.28 8.71 31.14
C LEU A 232 -2.10 8.43 32.63
N ILE A 233 -1.44 9.32 33.36
CA ILE A 233 -1.16 9.09 34.77
C ILE A 233 -1.54 10.31 35.59
N GLY A 234 -2.22 11.27 34.97
CA GLY A 234 -2.68 12.44 35.70
C GLY A 234 -1.54 13.36 36.10
N GLU A 235 -1.91 14.36 36.89
CA GLU A 235 -0.94 15.35 37.37
C GLU A 235 -0.31 14.96 38.69
N LYS A 236 -0.98 14.15 39.50
CA LYS A 236 -0.34 13.64 40.72
C LYS A 236 0.78 12.67 40.38
N GLY A 237 0.64 11.88 39.31
CA GLY A 237 1.66 10.92 38.94
C GLY A 237 2.85 11.53 38.24
N ALA A 238 2.70 12.72 37.66
CA ALA A 238 3.85 13.38 37.04
C ALA A 238 4.88 13.80 38.08
N GLU A 239 4.43 14.15 39.29
CA GLU A 239 5.33 14.37 40.41
C GLU A 239 5.53 13.13 41.26
N GLY A 240 4.87 12.01 40.92
CA GLY A 240 4.95 10.80 41.70
C GLY A 240 6.11 9.92 41.29
N TRP A 241 6.07 8.68 41.78
CA TRP A 241 7.15 7.75 41.48
C TRP A 241 7.23 7.45 39.99
N LEU A 242 6.10 7.52 39.28
CA LEU A 242 6.13 7.25 37.85
C LEU A 242 6.76 8.41 37.08
N GLY A 243 6.42 9.65 37.44
CA GLY A 243 7.03 10.78 36.79
C GLY A 243 8.54 10.79 36.93
N LYS A 244 9.03 10.49 38.14
CA LYS A 244 10.47 10.40 38.36
C LYS A 244 11.07 9.28 37.52
N LEU A 245 10.42 8.11 37.49
CA LEU A 245 10.99 6.97 36.80
C LEU A 245 11.07 7.21 35.30
N ILE A 246 10.03 7.82 34.73
CA ILE A 246 10.04 8.09 33.29
C ILE A 246 11.14 9.07 32.95
N ASP A 247 11.40 10.02 33.84
CA ASP A 247 12.46 11.00 33.59
C ASP A 247 13.84 10.40 33.77
N ILE A 248 13.99 9.49 34.74
CA ILE A 248 15.28 8.83 34.93
C ILE A 248 15.62 7.96 33.74
N LEU A 249 14.65 7.21 33.23
CA LEU A 249 14.89 6.36 32.07
C LEU A 249 15.22 7.18 30.83
N ALA A 250 14.78 8.43 30.77
CA ALA A 250 15.12 9.28 29.64
C ALA A 250 16.56 9.77 29.69
N ILE A 251 17.13 9.90 30.89
CA ILE A 251 18.53 10.29 31.00
C ILE A 251 19.44 9.08 30.83
N ILE A 252 19.08 7.95 31.44
CA ILE A 252 19.91 6.76 31.31
C ILE A 252 19.93 6.29 29.86
N ALA A 253 18.79 6.36 29.17
CA ALA A 253 18.77 6.01 27.76
C ALA A 253 19.65 6.95 26.96
N THR A 254 19.57 8.25 27.25
CA THR A 254 20.33 9.23 26.48
C THR A 254 21.83 9.10 26.72
N VAL A 255 22.23 8.88 27.98
CA VAL A 255 23.65 8.76 28.28
C VAL A 255 24.26 7.55 27.56
N PHE A 256 23.55 6.43 27.58
CA PHE A 256 24.02 5.24 26.88
C PHE A 256 23.77 5.33 25.39
N GLY A 257 22.74 6.07 24.97
CA GLY A 257 22.49 6.23 23.55
C GLY A 257 23.58 7.02 22.85
N THR A 258 24.03 8.12 23.46
CA THR A 258 25.11 8.90 22.88
C THR A 258 26.47 8.25 23.12
N ALA A 259 26.68 7.65 24.30
CA ALA A 259 27.95 7.00 24.57
C ALA A 259 28.24 5.89 23.58
N CYS A 260 27.19 5.21 23.11
CA CYS A 260 27.39 4.20 22.08
C CYS A 260 27.91 4.82 20.79
N SER A 261 27.34 5.96 20.38
CA SER A 261 27.77 6.59 19.15
C SER A 261 29.10 7.32 19.32
N LEU A 262 29.41 7.77 20.53
CA LEU A 262 30.75 8.31 20.80
C LEU A 262 31.80 7.21 20.68
N GLY A 263 31.51 6.02 21.21
CA GLY A 263 32.44 4.92 21.08
C GLY A 263 32.61 4.45 19.66
N LEU A 264 31.52 4.43 18.89
CA LEU A 264 31.60 4.02 17.49
C LEU A 264 32.26 5.08 16.63
N GLY A 265 32.27 6.34 17.06
CA GLY A 265 32.91 7.39 16.31
C GLY A 265 34.37 7.57 16.68
N ALA A 266 34.71 7.24 17.92
CA ALA A 266 36.12 7.26 18.33
C ALA A 266 36.89 6.14 17.65
N LEU A 267 36.25 4.98 17.47
CA LEU A 267 36.91 3.89 16.77
C LEU A 267 37.20 4.26 15.31
N GLN A 268 36.25 4.90 14.64
CA GLN A 268 36.42 5.21 13.23
C GLN A 268 37.35 6.39 13.01
N ILE A 269 37.32 7.39 13.89
CA ILE A 269 38.26 8.49 13.79
C ILE A 269 39.68 7.98 14.00
N GLY A 270 39.87 7.14 15.01
CA GLY A 270 41.17 6.52 15.21
C GLY A 270 41.57 5.62 14.06
N ALA A 271 40.61 4.90 13.50
CA ALA A 271 40.89 4.03 12.36
C ALA A 271 41.35 4.84 11.15
N GLY A 272 40.73 5.99 10.91
CA GLY A 272 41.14 6.80 9.78
C GLY A 272 42.54 7.36 9.93
N LEU A 273 42.94 7.69 11.16
CA LEU A 273 44.27 8.24 11.38
C LEU A 273 45.35 7.25 10.98
N SER A 274 45.10 5.98 11.13
CA SER A 274 46.05 5.04 10.65
C SER A 274 46.07 5.15 9.12
N ALA A 275 44.92 5.32 8.49
CA ALA A 275 44.85 5.42 7.05
C ALA A 275 45.52 6.64 6.55
N ALA A 276 45.21 7.78 7.12
CA ALA A 276 45.76 9.04 6.66
C ALA A 276 47.18 9.17 7.10
N ASN A 277 47.61 8.29 7.99
CA ASN A 277 48.99 8.28 8.46
C ASN A 277 49.35 9.47 9.32
N ILE A 278 48.38 10.17 9.86
CA ILE A 278 48.70 11.20 10.81
C ILE A 278 49.34 10.39 11.88
N ILE A 279 48.79 9.21 12.13
CA ILE A 279 49.32 8.31 13.14
C ILE A 279 49.66 7.00 12.47
N GLU A 280 50.40 6.14 13.14
CA GLU A 280 50.73 4.83 12.59
C GLU A 280 49.59 3.83 12.83
N ASP A 281 49.18 3.68 14.08
CA ASP A 281 48.06 2.79 14.38
C ASP A 281 47.44 3.20 15.70
N PRO A 282 46.13 3.01 15.89
CA PRO A 282 45.51 3.39 17.15
C PRO A 282 46.01 2.57 18.32
N SER A 283 46.00 3.19 19.50
CA SER A 283 46.37 2.53 20.73
C SER A 283 45.34 2.85 21.81
N ASP A 284 45.47 2.20 22.95
CA ASP A 284 44.50 2.40 24.04
C ASP A 284 44.52 3.84 24.53
N TRP A 285 45.69 4.48 24.50
CA TRP A 285 45.77 5.89 24.88
C TRP A 285 45.22 6.79 23.79
N THR A 286 45.32 6.37 22.52
CA THR A 286 44.79 7.20 21.44
C THR A 286 43.28 7.36 21.56
N ILE A 287 42.57 6.28 21.91
CA ILE A 287 41.12 6.36 22.03
C ILE A 287 40.74 7.38 23.09
N VAL A 288 41.44 7.39 24.22
CA VAL A 288 41.19 8.40 25.23
C VAL A 288 41.48 9.79 24.68
N GLY A 289 42.50 9.90 23.85
CA GLY A 289 42.82 11.20 23.26
C GLY A 289 41.73 11.71 22.34
N ILE A 290 41.18 10.82 21.52
CA ILE A 290 40.09 11.22 20.61
C ILE A 290 38.84 11.54 21.42
N VAL A 291 38.48 10.68 22.36
CA VAL A 291 37.28 10.90 23.17
C VAL A 291 37.42 12.18 23.97
N SER A 292 38.60 12.43 24.52
CA SER A 292 38.81 13.66 25.30
C SER A 292 38.63 14.89 24.43
N VAL A 293 39.13 14.86 23.19
CA VAL A 293 38.96 15.99 22.29
C VAL A 293 37.49 16.13 21.87
N LEU A 294 36.86 15.02 21.48
CA LEU A 294 35.45 15.08 21.10
C LEU A 294 34.59 15.52 22.27
N THR A 295 34.87 15.01 23.48
CA THR A 295 34.09 15.40 24.64
C THR A 295 34.27 16.88 24.95
N LEU A 296 35.50 17.38 24.87
CA LEU A 296 35.80 18.77 25.17
C LEU A 296 35.30 19.72 24.09
N ALA A 297 34.89 19.20 22.94
CA ALA A 297 34.38 20.02 21.84
C ALA A 297 32.89 20.29 21.97
N PHE A 298 32.09 19.24 22.13
CA PHE A 298 30.64 19.46 22.25
C PHE A 298 30.28 19.99 23.63
N ILE A 299 31.08 19.68 24.66
CA ILE A 299 30.80 20.19 25.98
C ILE A 299 30.95 21.70 26.01
N PHE A 300 31.96 22.23 25.33
CA PHE A 300 32.11 23.68 25.24
C PHE A 300 31.11 24.28 24.27
N SER A 301 30.88 23.63 23.12
CA SER A 301 29.95 24.18 22.14
C SER A 301 28.54 24.29 22.72
N ALA A 302 28.21 23.45 23.70
CA ALA A 302 26.88 23.50 24.30
C ALA A 302 26.74 24.66 25.28
N ILE A 303 27.77 24.92 26.09
CA ILE A 303 27.65 25.81 27.23
C ILE A 303 28.53 27.05 27.08
N SER A 304 28.97 27.37 25.87
CA SER A 304 29.81 28.53 25.63
C SER A 304 29.06 29.50 24.72
N GLY A 305 28.88 30.74 25.20
CA GLY A 305 28.24 31.75 24.39
C GLY A 305 29.06 32.15 23.17
N VAL A 306 30.38 32.17 23.31
CA VAL A 306 31.23 32.51 22.18
C VAL A 306 31.02 31.49 21.07
N GLY A 307 31.10 31.96 19.82
CA GLY A 307 30.86 31.12 18.67
C GLY A 307 29.40 31.11 18.26
N LYS A 308 29.14 30.43 17.15
CA LYS A 308 27.81 30.37 16.57
C LYS A 308 27.04 29.18 17.14
N GLY A 309 25.72 29.31 17.12
CA GLY A 309 24.86 28.32 17.75
C GLY A 309 24.72 27.06 16.91
N ILE A 310 23.78 26.22 17.31
CA ILE A 310 23.56 24.94 16.65
C ILE A 310 23.00 25.12 15.25
N GLN A 311 22.43 26.28 14.94
CA GLN A 311 21.95 26.50 13.58
C GLN A 311 23.10 26.76 12.60
N TYR A 312 24.27 27.14 13.10
CA TYR A 312 25.44 27.27 12.22
C TYR A 312 26.12 25.93 12.02
N LEU A 313 26.36 25.19 13.10
CA LEU A 313 26.96 23.87 12.99
C LEU A 313 26.06 22.93 12.20
N SER A 314 24.75 23.02 12.41
CA SER A 314 23.82 22.20 11.65
C SER A 314 23.91 22.45 10.15
N ASN A 315 24.40 23.61 9.75
CA ASN A 315 24.56 23.92 8.34
C ASN A 315 25.93 23.53 7.80
N ALA A 316 26.96 23.52 8.66
CA ALA A 316 28.25 23.00 8.24
C ALA A 316 28.19 21.49 8.02
N ASN A 317 27.31 20.80 8.74
CA ASN A 317 27.13 19.37 8.53
C ASN A 317 26.62 19.08 7.12
N MET A 318 25.53 19.73 6.73
CA MET A 318 24.93 19.46 5.44
C MET A 318 25.76 19.95 4.27
N VAL A 319 26.79 20.74 4.53
CA VAL A 319 27.72 21.18 3.49
C VAL A 319 28.88 20.21 3.34
N LEU A 320 29.48 19.81 4.45
CA LEU A 320 30.55 18.81 4.40
C LEU A 320 30.01 17.45 3.98
N ALA A 321 28.80 17.10 4.43
CA ALA A 321 28.20 15.84 4.03
C ALA A 321 27.91 15.81 2.53
N ALA A 322 27.43 16.93 1.98
CA ALA A 322 27.20 17.01 0.55
C ALA A 322 28.51 17.06 -0.23
N LEU A 323 29.56 17.62 0.37
CA LEU A 323 30.88 17.60 -0.27
C LEU A 323 31.40 16.18 -0.39
N LEU A 324 31.26 15.38 0.66
CA LEU A 324 31.77 14.02 0.63
C LEU A 324 30.88 13.10 -0.20
N ALA A 325 29.58 13.35 -0.24
CA ALA A 325 28.69 12.54 -1.07
C ALA A 325 28.84 12.88 -2.55
N ILE A 326 28.98 14.17 -2.87
CA ILE A 326 29.14 14.56 -4.26
C ILE A 326 30.48 14.08 -4.80
N PHE A 327 31.52 14.05 -3.98
CA PHE A 327 32.81 13.55 -4.43
C PHE A 327 32.74 12.09 -4.83
N VAL A 328 32.18 11.25 -3.96
CA VAL A 328 32.07 9.83 -4.27
C VAL A 328 31.14 9.61 -5.46
N PHE A 329 30.06 10.39 -5.52
CA PHE A 329 29.11 10.25 -6.62
C PHE A 329 29.76 10.57 -7.96
N VAL A 330 30.55 11.63 -8.01
CA VAL A 330 31.17 12.04 -9.26
C VAL A 330 32.36 11.14 -9.60
N VAL A 331 33.30 11.01 -8.67
CA VAL A 331 34.50 10.22 -8.93
C VAL A 331 34.14 8.74 -9.06
N GLY A 332 33.31 8.23 -8.17
CA GLY A 332 32.95 6.83 -8.19
C GLY A 332 32.16 6.44 -9.42
N PRO A 333 31.53 5.27 -9.40
CA PRO A 333 30.73 4.83 -10.56
C PRO A 333 29.39 5.53 -10.63
N THR A 334 29.36 6.72 -11.24
CA THR A 334 28.15 7.53 -11.23
C THR A 334 26.96 6.76 -11.77
N VAL A 335 27.13 6.12 -12.93
CA VAL A 335 25.98 5.49 -13.59
C VAL A 335 25.47 4.33 -12.75
N SER A 336 26.36 3.51 -12.19
CA SER A 336 25.93 2.39 -11.37
C SER A 336 25.29 2.86 -10.07
N ILE A 337 25.76 3.97 -9.51
CA ILE A 337 25.12 4.53 -8.33
C ILE A 337 23.70 4.98 -8.65
N LEU A 338 23.51 5.60 -9.81
CA LEU A 338 22.18 6.11 -10.18
C LEU A 338 21.22 4.98 -10.49
N ASN A 339 21.71 3.81 -10.89
CA ASN A 339 20.83 2.68 -11.16
C ASN A 339 20.31 2.03 -9.88
N LEU A 340 21.06 2.11 -8.79
CA LEU A 340 20.61 1.55 -7.53
C LEU A 340 19.54 2.40 -6.86
N LEU A 341 19.45 3.69 -7.21
CA LEU A 341 18.49 4.54 -6.54
C LEU A 341 17.06 4.10 -6.77
N PRO A 342 16.61 3.78 -7.99
CA PRO A 342 15.26 3.21 -8.14
C PRO A 342 15.18 1.76 -7.71
N GLY A 343 16.19 0.96 -8.00
CA GLY A 343 16.14 -0.45 -7.61
C GLY A 343 16.07 -0.63 -6.11
N SER A 344 16.74 0.23 -5.35
CA SER A 344 16.72 0.11 -3.90
C SER A 344 15.42 0.63 -3.31
N ILE A 345 14.84 1.68 -3.89
CA ILE A 345 13.56 2.17 -3.42
C ILE A 345 12.45 1.19 -3.78
N GLY A 346 12.46 0.68 -5.02
CA GLY A 346 11.46 -0.29 -5.42
C GLY A 346 11.53 -1.56 -4.61
N ASN A 347 12.74 -2.06 -4.36
CA ASN A 347 12.90 -3.25 -3.53
C ASN A 347 12.55 -2.98 -2.08
N TYR A 348 12.80 -1.76 -1.60
CA TYR A 348 12.45 -1.43 -0.22
C TYR A 348 10.94 -1.44 -0.03
N LEU A 349 10.19 -0.91 -0.98
CA LEU A 349 8.74 -0.79 -0.80
C LEU A 349 8.03 -2.13 -0.98
N SER A 350 8.55 -3.00 -1.84
CA SER A 350 7.93 -4.31 -2.00
C SER A 350 8.24 -5.23 -0.82
N ASN A 351 9.41 -5.09 -0.23
CA ASN A 351 9.84 -5.93 0.88
C ASN A 351 9.58 -5.30 2.24
N PHE A 352 8.87 -4.17 2.30
CA PHE A 352 8.75 -3.45 3.56
C PHE A 352 8.16 -4.33 4.66
N PHE A 353 7.02 -4.95 4.38
CA PHE A 353 6.36 -5.78 5.39
C PHE A 353 7.05 -7.13 5.57
N GLN A 354 7.61 -7.68 4.50
CA GLN A 354 8.35 -8.92 4.63
C GLN A 354 9.55 -8.74 5.55
N MET A 355 10.20 -7.58 5.49
CA MET A 355 11.32 -7.28 6.36
C MET A 355 10.86 -6.92 7.77
N ALA A 356 9.74 -6.20 7.87
CA ALA A 356 9.21 -5.86 9.19
C ALA A 356 8.69 -7.07 9.95
N GLY A 357 8.42 -8.17 9.25
CA GLY A 357 7.93 -9.38 9.87
C GLY A 357 9.01 -10.41 10.11
N ARG A 358 10.27 -9.97 10.16
CA ARG A 358 11.40 -10.84 10.42
C ARG A 358 11.67 -10.88 11.91
N THR A 359 11.56 -12.07 12.50
CA THR A 359 11.78 -12.25 13.92
C THR A 359 12.81 -13.34 14.15
N ALA A 360 13.01 -13.73 15.41
CA ALA A 360 13.90 -14.84 15.71
C ALA A 360 13.36 -16.16 15.21
N MET A 361 12.10 -16.21 14.80
CA MET A 361 11.49 -17.41 14.23
C MET A 361 11.66 -17.49 12.72
N SER A 362 12.25 -16.48 12.08
CA SER A 362 12.41 -16.48 10.64
C SER A 362 13.70 -17.21 10.25
N ALA A 363 13.71 -17.73 9.03
CA ALA A 363 14.84 -18.52 8.51
C ALA A 363 15.07 -19.75 9.38
N ASP A 364 14.00 -20.47 9.68
CA ASP A 364 14.06 -21.67 10.50
C ASP A 364 14.68 -21.39 11.86
N GLY A 365 14.36 -20.23 12.42
CA GLY A 365 14.79 -19.89 13.77
C GLY A 365 16.24 -19.51 13.91
N THR A 366 16.97 -19.36 12.81
CA THR A 366 18.40 -19.07 12.86
C THR A 366 18.72 -17.60 12.71
N ALA A 367 17.71 -16.74 12.61
CA ALA A 367 17.92 -15.31 12.42
C ALA A 367 18.08 -14.55 13.73
N GLY A 368 18.01 -15.24 14.87
CA GLY A 368 18.14 -14.54 16.14
C GLY A 368 19.49 -13.89 16.33
N GLU A 369 20.57 -14.57 15.95
CA GLU A 369 21.89 -14.00 16.10
C GLU A 369 22.06 -12.78 15.20
N TRP A 370 21.54 -12.86 13.98
CA TRP A 370 21.63 -11.73 13.05
C TRP A 370 20.84 -10.53 13.56
N LEU A 371 19.62 -10.76 14.03
CA LEU A 371 18.78 -9.65 14.49
C LEU A 371 19.41 -8.94 15.68
N GLY A 372 19.98 -9.70 16.61
CA GLY A 372 20.56 -9.09 17.79
C GLY A 372 21.71 -8.15 17.50
N SER A 373 22.27 -8.23 16.30
CA SER A 373 23.41 -7.40 15.91
C SER A 373 23.04 -6.31 14.91
N TRP A 374 21.98 -6.50 14.13
CA TRP A 374 21.63 -5.56 13.07
C TRP A 374 20.31 -4.85 13.33
N THR A 375 19.20 -5.59 13.47
CA THR A 375 17.90 -4.93 13.61
C THR A 375 17.62 -4.51 15.05
N ILE A 376 17.66 -5.46 15.97
CA ILE A 376 17.31 -5.15 17.36
C ILE A 376 18.31 -4.18 17.96
N PHE A 377 19.54 -4.14 17.44
CA PHE A 377 20.49 -3.14 17.91
C PHE A 377 20.10 -1.75 17.42
N TYR A 378 19.77 -1.62 16.13
CA TYR A 378 19.39 -0.32 15.60
C TYR A 378 18.14 0.20 16.28
N TRP A 379 17.12 -0.60 16.43
CA TRP A 379 15.90 -0.16 17.04
C TRP A 379 16.15 0.24 18.43
N ALA A 380 16.96 -0.47 19.20
CA ALA A 380 17.34 -0.05 20.54
C ALA A 380 18.23 1.19 20.51
N TRP A 381 19.03 1.34 19.45
CA TRP A 381 19.90 2.50 19.33
C TRP A 381 19.09 3.77 19.10
N TRP A 382 18.16 3.73 18.14
CA TRP A 382 17.37 4.90 17.84
C TRP A 382 16.45 5.28 18.98
N ILE A 383 15.98 4.30 19.76
CA ILE A 383 15.13 4.60 20.89
C ILE A 383 15.90 5.32 21.98
N SER A 384 17.19 5.03 22.13
CA SER A 384 18.01 5.73 23.12
C SER A 384 18.18 7.19 22.77
N TRP A 385 18.23 7.53 21.48
CA TRP A 385 18.37 8.90 21.04
C TRP A 385 17.03 9.63 20.99
N SER A 386 15.92 8.92 20.98
CA SER A 386 14.62 9.56 20.90
C SER A 386 14.33 10.48 22.09
N PRO A 387 14.65 10.14 23.34
CA PRO A 387 14.30 11.06 24.43
C PRO A 387 14.92 12.43 24.30
N PHE A 388 16.12 12.55 23.74
CA PHE A 388 16.75 13.86 23.59
C PHE A 388 16.63 14.43 22.18
N VAL A 389 16.39 13.59 21.17
CA VAL A 389 16.10 14.14 19.84
C VAL A 389 14.62 14.48 19.70
N GLY A 390 13.76 13.88 20.52
CA GLY A 390 12.39 14.35 20.58
C GLY A 390 12.25 15.71 21.22
N MET A 391 13.00 15.95 22.30
CA MET A 391 12.93 17.25 22.97
C MET A 391 13.49 18.35 22.09
N PHE A 392 14.59 18.08 21.38
CA PHE A 392 15.13 19.08 20.47
C PHE A 392 14.18 19.37 19.33
N LEU A 393 13.61 18.33 18.71
CA LEU A 393 12.66 18.54 17.63
C LEU A 393 11.48 19.37 18.09
N ALA A 394 11.05 19.18 19.33
CA ALA A 394 9.98 20.01 19.88
C ALA A 394 10.39 21.46 19.96
N ARG A 395 11.63 21.73 20.41
CA ARG A 395 12.07 23.11 20.58
C ARG A 395 12.01 23.87 19.26
N ILE A 396 12.37 23.21 18.16
CA ILE A 396 12.50 23.91 16.88
C ILE A 396 11.17 24.10 16.18
N SER A 397 10.16 23.29 16.48
CA SER A 397 8.92 23.35 15.72
C SER A 397 8.11 24.59 16.09
N ARG A 398 7.53 24.59 17.28
CA ARG A 398 6.86 25.78 17.82
C ARG A 398 6.02 26.51 16.78
N GLY A 399 5.10 25.82 16.13
CA GLY A 399 4.23 26.48 15.17
C GLY A 399 3.87 25.63 13.97
N ARG A 400 4.59 24.53 13.78
CA ARG A 400 4.30 23.62 12.67
C ARG A 400 3.04 22.82 12.97
N SER A 401 2.28 22.52 11.92
CA SER A 401 1.13 21.65 12.08
C SER A 401 1.60 20.21 12.31
N ILE A 402 0.68 19.39 12.81
CA ILE A 402 1.02 17.99 13.09
C ILE A 402 1.42 17.29 11.80
N ARG A 403 0.75 17.61 10.69
CA ARG A 403 1.13 17.01 9.41
C ARG A 403 2.52 17.46 8.97
N GLU A 404 2.81 18.76 9.10
CA GLU A 404 4.12 19.26 8.69
C GLU A 404 5.23 18.63 9.51
N PHE A 405 5.04 18.56 10.82
CA PHE A 405 6.05 17.96 11.69
C PHE A 405 6.25 16.49 11.34
N ILE A 406 5.16 15.76 11.14
CA ILE A 406 5.26 14.33 10.86
C ILE A 406 5.93 14.09 9.52
N LEU A 407 5.48 14.77 8.47
CA LEU A 407 6.02 14.55 7.14
C LEU A 407 7.40 15.19 6.95
N GLY A 408 7.75 16.17 7.77
CA GLY A 408 9.08 16.75 7.69
C GLY A 408 10.14 15.90 8.36
N VAL A 409 9.76 15.13 9.38
CA VAL A 409 10.69 14.25 10.08
C VAL A 409 10.78 12.89 9.40
N LEU A 410 9.65 12.37 8.94
CA LEU A 410 9.61 11.03 8.38
C LEU A 410 10.20 10.97 6.99
N LEU A 411 9.89 11.94 6.13
CA LEU A 411 10.16 11.83 4.71
C LEU A 411 11.45 12.51 4.27
N VAL A 412 11.82 13.65 4.88
CA VAL A 412 12.98 14.38 4.41
C VAL A 412 14.25 13.70 4.91
N PRO A 413 14.38 13.41 6.22
CA PRO A 413 15.53 12.61 6.65
C PRO A 413 15.61 11.25 6.01
N ALA A 414 14.47 10.64 5.69
CA ALA A 414 14.48 9.35 5.01
C ALA A 414 14.98 9.47 3.58
N GLY A 415 14.67 10.59 2.91
CA GLY A 415 15.18 10.80 1.57
C GLY A 415 16.68 11.00 1.53
N VAL A 416 17.21 11.75 2.49
CA VAL A 416 18.66 11.96 2.53
C VAL A 416 19.39 10.66 2.81
N SER A 417 18.87 9.84 3.74
CA SER A 417 19.51 8.57 4.04
C SER A 417 19.45 7.61 2.87
N THR A 418 18.40 7.70 2.03
CA THR A 418 18.34 6.87 0.84
C THR A 418 19.48 7.19 -0.12
N VAL A 419 19.76 8.48 -0.32
CA VAL A 419 20.80 8.88 -1.28
C VAL A 419 22.18 8.54 -0.73
N TRP A 420 22.39 8.72 0.57
CA TRP A 420 23.71 8.46 1.13
C TRP A 420 24.10 7.00 0.97
N PHE A 421 23.18 6.09 1.25
CA PHE A 421 23.53 4.67 1.25
C PHE A 421 23.65 4.12 -0.16
N SER A 422 22.99 4.75 -1.13
CA SER A 422 23.18 4.34 -2.52
C SER A 422 24.49 4.86 -3.09
N ILE A 423 24.92 6.05 -2.68
CA ILE A 423 26.19 6.59 -3.15
C ILE A 423 27.35 5.81 -2.54
N PHE A 424 27.27 5.51 -1.24
CA PHE A 424 28.35 4.83 -0.55
C PHE A 424 28.19 3.32 -0.56
N GLY A 425 27.00 2.83 -0.25
CA GLY A 425 26.76 1.40 -0.36
C GLY A 425 26.83 0.91 -1.80
N GLY A 426 26.38 1.74 -2.74
CA GLY A 426 26.47 1.36 -4.14
C GLY A 426 27.90 1.30 -4.64
N THR A 427 28.74 2.24 -4.20
CA THR A 427 30.15 2.19 -4.60
C THR A 427 30.84 0.96 -4.04
N ALA A 428 30.60 0.65 -2.77
CA ALA A 428 31.24 -0.50 -2.16
C ALA A 428 30.81 -1.80 -2.83
N ILE A 429 29.52 -1.93 -3.12
CA ILE A 429 29.03 -3.15 -3.77
C ILE A 429 29.55 -3.23 -5.20
N VAL A 430 29.63 -2.10 -5.89
CA VAL A 430 30.12 -2.10 -7.27
C VAL A 430 31.58 -2.53 -7.29
N PHE A 431 32.36 -2.12 -6.30
CA PHE A 431 33.75 -2.54 -6.22
C PHE A 431 33.85 -4.05 -6.10
N GLU A 432 33.03 -4.67 -5.26
CA GLU A 432 33.07 -6.11 -5.09
C GLU A 432 32.79 -6.82 -6.41
N GLN A 433 31.79 -6.36 -7.16
CA GLN A 433 31.51 -6.95 -8.45
C GLN A 433 32.68 -6.78 -9.42
N ASN A 434 33.29 -5.60 -9.44
CA ASN A 434 34.37 -5.35 -10.38
C ASN A 434 35.56 -6.28 -10.11
N GLY A 435 35.92 -6.44 -8.84
CA GLY A 435 37.08 -7.23 -8.49
C GLY A 435 37.90 -6.57 -7.41
N GLU A 436 37.74 -5.26 -7.25
CA GLU A 436 38.38 -4.52 -6.17
C GLU A 436 37.52 -4.65 -4.92
N SER A 437 38.11 -5.01 -3.80
CA SER A 437 37.33 -5.19 -2.62
C SER A 437 37.89 -4.39 -1.53
N ILE A 438 37.07 -3.53 -0.98
CA ILE A 438 37.44 -2.65 0.13
C ILE A 438 37.26 -3.33 1.47
N TRP A 439 36.87 -4.61 1.48
CA TRP A 439 36.64 -5.30 2.74
C TRP A 439 37.90 -5.33 3.60
N GLY A 440 39.04 -5.62 2.99
CA GLY A 440 40.28 -5.71 3.76
C GLY A 440 40.19 -6.79 4.81
N ASP A 441 40.58 -6.45 6.04
CA ASP A 441 40.59 -7.42 7.13
C ASP A 441 39.22 -7.61 7.77
N GLY A 442 38.21 -6.85 7.35
CA GLY A 442 36.85 -7.02 7.82
C GLY A 442 36.40 -6.04 8.88
N ALA A 443 37.33 -5.32 9.50
CA ALA A 443 36.96 -4.38 10.54
C ALA A 443 35.97 -3.35 9.98
N ALA A 444 34.89 -3.12 10.73
CA ALA A 444 33.85 -2.21 10.25
C ALA A 444 34.33 -0.76 10.24
N GLU A 445 35.26 -0.40 11.13
CA GLU A 445 35.71 0.98 11.20
C GLU A 445 36.55 1.37 10.01
N GLU A 446 37.32 0.43 9.45
CA GLU A 446 38.30 0.74 8.42
C GLU A 446 37.71 0.71 7.01
N GLN A 447 36.44 0.37 6.84
CA GLN A 447 35.91 0.16 5.51
C GLN A 447 35.62 1.46 4.77
N LEU A 448 35.17 2.50 5.47
CA LEU A 448 34.88 3.76 4.79
C LEU A 448 36.14 4.33 4.16
N PHE A 449 37.25 4.33 4.90
CA PHE A 449 38.48 4.94 4.42
C PHE A 449 39.17 4.07 3.39
N GLY A 450 38.97 2.75 3.44
CA GLY A 450 39.40 1.91 2.33
C GLY A 450 38.69 2.23 1.04
N LEU A 451 37.42 2.61 1.12
CA LEU A 451 36.69 3.05 -0.06
C LEU A 451 37.20 4.41 -0.54
N LEU A 452 37.34 5.37 0.37
CA LEU A 452 37.77 6.70 -0.03
C LEU A 452 39.16 6.66 -0.65
N HIS A 453 40.07 5.89 -0.06
CA HIS A 453 41.43 5.81 -0.58
C HIS A 453 41.48 5.12 -1.93
N ALA A 454 40.53 4.23 -2.22
CA ALA A 454 40.48 3.61 -3.54
C ALA A 454 40.21 4.64 -4.62
N LEU A 455 39.31 5.59 -4.35
CA LEU A 455 38.97 6.59 -5.34
C LEU A 455 40.09 7.61 -5.49
N PRO A 456 40.31 8.14 -6.70
CA PRO A 456 41.32 9.19 -6.87
C PRO A 456 40.97 10.43 -6.06
N GLY A 457 41.99 11.08 -5.51
CA GLY A 457 41.76 12.25 -4.69
C GLY A 457 41.22 11.96 -3.31
N GLY A 458 41.20 10.69 -2.90
CA GLY A 458 40.63 10.32 -1.63
C GLY A 458 41.49 10.65 -0.43
N GLN A 459 42.77 10.95 -0.65
CA GLN A 459 43.63 11.30 0.47
C GLN A 459 43.13 12.56 1.16
N ILE A 460 42.76 13.57 0.39
CA ILE A 460 42.23 14.80 0.97
C ILE A 460 40.85 14.55 1.56
N MET A 461 40.05 13.69 0.92
CA MET A 461 38.71 13.42 1.41
C MET A 461 38.73 12.54 2.65
N GLY A 462 39.73 11.69 2.79
CA GLY A 462 39.87 10.95 4.02
C GLY A 462 40.02 11.86 5.23
N ILE A 463 40.72 12.98 5.05
CA ILE A 463 40.83 13.97 6.12
C ILE A 463 39.49 14.68 6.30
N ILE A 464 38.81 15.02 5.20
CA ILE A 464 37.52 15.68 5.29
C ILE A 464 36.49 14.79 5.96
N ALA A 465 36.58 13.47 5.74
CA ALA A 465 35.68 12.54 6.41
C ALA A 465 35.85 12.53 7.91
N MET A 466 37.03 12.91 8.42
CA MET A 466 37.22 12.99 9.86
C MET A 466 36.49 14.19 10.45
N ILE A 467 36.62 15.36 9.81
CA ILE A 467 35.89 16.53 10.26
C ILE A 467 34.39 16.27 10.20
N LEU A 468 33.93 15.54 9.17
CA LEU A 468 32.54 15.12 9.13
C LEU A 468 32.20 14.22 10.30
N LEU A 469 33.07 13.25 10.60
CA LEU A 469 32.80 12.35 11.71
C LEU A 469 32.74 13.12 13.02
N GLY A 470 33.68 14.04 13.23
CA GLY A 470 33.69 14.82 14.46
C GLY A 470 32.51 15.78 14.54
N THR A 471 32.17 16.42 13.43
CA THR A 471 31.11 17.42 13.44
C THR A 471 29.72 16.81 13.34
N PHE A 472 29.58 15.52 13.07
CA PHE A 472 28.27 14.84 13.03
C PHE A 472 27.96 14.28 14.39
N PHE A 473 28.88 14.25 15.29
CA PHE A 473 28.61 13.89 16.67
C PHE A 473 28.53 15.11 17.58
N ILE A 474 29.22 16.20 17.25
CA ILE A 474 29.18 17.39 18.07
C ILE A 474 27.80 18.05 17.98
N THR A 475 27.20 18.07 16.79
CA THR A 475 25.88 18.67 16.65
C THR A 475 24.85 17.94 17.49
N SER A 476 24.92 16.61 17.53
CA SER A 476 23.97 15.82 18.30
C SER A 476 24.37 15.69 19.77
N ALA A 477 25.65 15.49 20.04
CA ALA A 477 26.10 15.34 21.42
C ALA A 477 25.85 16.61 22.22
N ASP A 478 26.09 17.78 21.62
CA ASP A 478 25.86 19.03 22.34
C ASP A 478 24.38 19.23 22.63
N SER A 479 23.51 18.90 21.67
CA SER A 479 22.07 18.99 21.92
C SER A 479 21.65 18.02 23.03
N ALA A 480 22.26 16.85 23.08
CA ALA A 480 21.94 15.90 24.14
C ALA A 480 22.25 16.47 25.51
N SER A 481 23.41 17.11 25.65
CA SER A 481 23.80 17.64 26.95
C SER A 481 22.84 18.74 27.41
N THR A 482 22.52 19.67 26.52
CA THR A 482 21.58 20.73 26.88
C THR A 482 20.19 20.16 27.14
N VAL A 483 19.84 19.04 26.51
CA VAL A 483 18.56 18.40 26.75
C VAL A 483 18.60 17.56 28.03
N MET A 484 19.75 16.96 28.36
CA MET A 484 19.88 16.30 29.65
C MET A 484 19.88 17.31 30.79
N GLY A 485 20.42 18.51 30.55
CA GLY A 485 20.44 19.51 31.58
C GLY A 485 19.06 19.99 31.97
N THR A 486 18.16 20.10 30.99
CA THR A 486 16.80 20.55 31.28
C THR A 486 16.00 19.49 32.03
N MET A 487 16.24 18.21 31.77
CA MET A 487 15.59 17.18 32.57
C MET A 487 16.08 17.21 34.01
N SER A 488 17.35 17.55 34.22
CA SER A 488 17.86 17.67 35.58
C SER A 488 17.10 18.73 36.36
N GLN A 489 16.86 19.88 35.75
CA GLN A 489 15.93 20.85 36.33
C GLN A 489 14.50 20.48 35.95
N HIS A 490 13.55 21.22 36.51
CA HIS A 490 12.14 20.92 36.30
C HIS A 490 11.68 21.48 34.95
N GLY A 491 12.32 20.99 33.90
CA GLY A 491 11.98 21.39 32.55
C GLY A 491 12.28 22.84 32.24
N GLN A 492 13.42 23.34 32.67
CA GLN A 492 13.82 24.71 32.42
C GLN A 492 14.72 24.76 31.19
N LEU A 493 14.36 25.60 30.22
CA LEU A 493 15.11 25.66 28.97
C LEU A 493 16.56 26.06 29.22
N GLU A 494 16.78 27.06 30.07
CA GLU A 494 18.13 27.42 30.49
C GLU A 494 18.60 26.44 31.56
N ALA A 495 19.72 25.78 31.31
CA ALA A 495 20.28 24.79 32.22
C ALA A 495 21.65 25.27 32.69
N ASN A 496 21.94 25.06 33.98
CA ASN A 496 23.23 25.46 34.51
C ASN A 496 24.34 24.81 33.69
N LYS A 497 25.34 25.62 33.33
CA LYS A 497 26.43 25.09 32.54
C LYS A 497 27.15 23.95 33.24
N TRP A 498 27.04 23.86 34.56
CA TRP A 498 27.70 22.79 35.28
C TRP A 498 26.98 21.46 35.10
N VAL A 499 25.64 21.46 35.16
CA VAL A 499 24.92 20.22 34.96
C VAL A 499 24.95 19.80 33.48
N THR A 500 24.91 20.76 32.57
CA THR A 500 25.07 20.43 31.16
C THR A 500 26.47 19.90 30.86
N ALA A 501 27.49 20.46 31.49
CA ALA A 501 28.84 19.92 31.33
C ALA A 501 29.02 18.62 32.10
N ALA A 502 28.34 18.45 33.23
CA ALA A 502 28.45 17.22 34.00
C ALA A 502 27.94 16.02 33.20
N TRP A 503 26.84 16.20 32.47
CA TRP A 503 26.29 15.10 31.69
C TRP A 503 27.13 14.82 30.45
N GLY A 504 27.81 15.83 29.91
CA GLY A 504 28.70 15.58 28.79
C GLY A 504 29.83 14.65 29.15
N VAL A 505 30.36 14.80 30.37
CA VAL A 505 31.43 13.91 30.83
C VAL A 505 30.88 12.51 31.06
N ALA A 506 29.64 12.40 31.51
CA ALA A 506 29.06 11.08 31.79
C ALA A 506 28.99 10.23 30.53
N THR A 507 28.60 10.81 29.39
CA THR A 507 28.59 10.04 28.15
C THR A 507 30.00 9.62 27.77
N ALA A 508 30.98 10.50 27.96
CA ALA A 508 32.36 10.15 27.65
C ALA A 508 32.87 9.05 28.56
N ALA A 509 32.60 9.14 29.87
CA ALA A 509 33.05 8.11 30.78
C ALA A 509 32.46 6.76 30.41
N ILE A 510 31.19 6.75 30.02
CA ILE A 510 30.57 5.52 29.53
C ILE A 510 31.16 5.13 28.18
N GLY A 511 31.42 6.12 27.33
CA GLY A 511 31.99 5.83 26.01
C GLY A 511 33.35 5.17 26.10
N LEU A 512 34.22 5.68 26.98
CA LEU A 512 35.49 5.02 27.23
C LEU A 512 35.30 3.65 27.86
N THR A 513 34.40 3.56 28.85
CA THR A 513 34.21 2.30 29.55
C THR A 513 33.80 1.19 28.59
N LEU A 514 32.89 1.48 27.66
CA LEU A 514 32.45 0.45 26.73
C LEU A 514 33.53 0.10 25.72
N LEU A 515 34.46 1.02 25.46
CA LEU A 515 35.51 0.77 24.48
C LEU A 515 36.69 0.04 25.09
N LEU A 516 37.23 0.56 26.20
CA LEU A 516 38.37 -0.08 26.83
C LEU A 516 38.00 -1.45 27.39
N SER A 517 36.80 -1.58 27.97
CA SER A 517 36.38 -2.87 28.51
C SER A 517 36.22 -3.90 27.39
N GLY A 518 35.71 -3.49 26.25
CA GLY A 518 35.50 -4.42 25.15
C GLY A 518 36.79 -5.07 24.68
N GLY A 519 37.89 -4.35 24.71
CA GLY A 519 39.16 -4.92 24.31
C GLY A 519 39.20 -5.19 22.83
N ASP A 520 39.51 -6.43 22.47
CA ASP A 520 39.65 -6.78 21.05
C ASP A 520 38.36 -6.56 20.29
N ASN A 521 37.23 -6.97 20.88
CA ASN A 521 35.91 -6.82 20.25
C ASN A 521 35.16 -5.74 21.03
N ALA A 522 35.39 -4.48 20.67
CA ALA A 522 34.73 -3.37 21.33
C ALA A 522 33.37 -3.04 20.73
N LEU A 523 33.10 -3.51 19.52
CA LEU A 523 31.80 -3.25 18.91
C LEU A 523 30.70 -4.03 19.62
N SER A 524 30.93 -5.32 19.87
CA SER A 524 29.90 -6.13 20.52
C SER A 524 29.56 -5.59 21.89
N ASN A 525 30.57 -5.19 22.66
CA ASN A 525 30.31 -4.65 24.00
C ASN A 525 29.53 -3.34 23.91
N LEU A 526 29.86 -2.50 22.93
CA LEU A 526 29.13 -1.25 22.75
C LEU A 526 27.68 -1.49 22.35
N GLN A 527 27.41 -2.58 21.64
CA GLN A 527 26.07 -2.86 21.16
C GLN A 527 25.23 -3.60 22.20
N ASN A 528 25.86 -4.49 22.97
CA ASN A 528 25.11 -5.21 24.00
C ASN A 528 24.57 -4.27 25.06
N VAL A 529 25.39 -3.30 25.48
CA VAL A 529 24.97 -2.41 26.56
C VAL A 529 23.88 -1.45 26.10
N THR A 530 23.91 -1.05 24.83
CA THR A 530 22.86 -0.16 24.32
C THR A 530 21.50 -0.85 24.36
N ILE A 531 21.45 -2.13 23.99
CA ILE A 531 20.17 -2.83 23.91
C ILE A 531 19.57 -2.98 25.29
N VAL A 532 20.39 -3.24 26.31
CA VAL A 532 19.88 -3.31 27.67
C VAL A 532 19.43 -1.95 28.16
N ALA A 533 20.20 -0.91 27.86
CA ALA A 533 19.89 0.43 28.34
C ALA A 533 18.68 1.03 27.63
N ALA A 534 18.30 0.51 26.46
CA ALA A 534 17.16 1.01 25.72
C ALA A 534 15.90 0.20 25.92
N THR A 535 16.01 -1.01 26.48
CA THR A 535 14.81 -1.82 26.74
C THR A 535 13.86 -1.15 27.71
N PRO A 536 14.30 -0.63 28.86
CA PRO A 536 13.35 0.06 29.74
C PRO A 536 12.61 1.19 29.06
N PHE A 537 13.28 1.92 28.17
CA PHE A 537 12.64 3.05 27.51
C PHE A 537 11.83 2.65 26.28
N LEU A 538 11.91 1.40 25.84
CA LEU A 538 11.03 0.97 24.75
C LEU A 538 9.57 1.08 25.14
N PHE A 539 9.26 0.72 26.40
CA PHE A 539 7.88 0.80 26.86
C PHE A 539 7.42 2.23 27.05
N VAL A 540 8.34 3.14 27.39
CA VAL A 540 7.95 4.54 27.53
C VAL A 540 7.48 5.09 26.18
N VAL A 541 8.13 4.68 25.09
CA VAL A 541 7.69 5.09 23.77
C VAL A 541 6.35 4.44 23.42
N ILE A 542 6.14 3.20 23.86
CA ILE A 542 4.86 2.53 23.60
C ILE A 542 3.73 3.24 24.33
N GLY A 543 3.98 3.63 25.58
CA GLY A 543 2.99 4.37 26.34
C GLY A 543 2.84 5.82 25.93
N LEU A 544 3.76 6.34 25.11
CA LEU A 544 3.60 7.67 24.55
C LEU A 544 2.66 7.69 23.37
N MET A 545 2.33 6.52 22.81
CA MET A 545 1.31 6.46 21.78
C MET A 545 -0.08 6.59 22.39
N PHE A 546 -0.30 5.97 23.55
CA PHE A 546 -1.59 6.08 24.22
C PHE A 546 -1.78 7.44 24.87
N ALA A 547 -0.72 7.97 25.48
CA ALA A 547 -0.79 9.30 26.07
C ALA A 547 -1.02 10.36 24.99
N LEU A 548 -0.35 10.22 23.86
CA LEU A 548 -0.47 11.22 22.80
C LEU A 548 -1.89 11.29 22.27
N VAL A 549 -2.51 10.14 22.02
CA VAL A 549 -3.85 10.14 21.44
C VAL A 549 -4.87 10.71 22.43
N LYS A 550 -4.67 10.46 23.73
CA LYS A 550 -5.53 11.08 24.73
C LYS A 550 -5.39 12.60 24.72
N ASP A 551 -4.21 13.12 24.52
CA ASP A 551 -4.06 14.53 24.45
C ASP A 551 -4.71 15.04 23.20
N LEU A 552 -4.44 14.45 22.06
CA LEU A 552 -4.97 14.98 20.81
C LEU A 552 -6.49 14.95 20.80
N SER A 553 -7.09 13.88 21.33
CA SER A 553 -8.55 13.81 21.38
C SER A 553 -9.13 14.88 22.29
N ASN A 554 -8.56 15.06 23.47
CA ASN A 554 -9.07 16.06 24.40
C ASN A 554 -8.53 17.44 24.06
N ASP A 555 -8.63 17.84 22.81
CA ASP A 555 -8.19 19.15 22.39
C ASP A 555 -9.30 20.17 22.60
N VAL A 556 -8.90 21.41 22.88
CA VAL A 556 -9.86 22.46 23.18
C VAL A 556 -10.82 22.69 22.02
N ILE A 557 -10.41 22.35 20.79
CA ILE A 557 -11.28 22.52 19.63
C ILE A 557 -12.13 21.27 19.42
N TYR A 558 -12.05 20.32 20.36
CA TYR A 558 -12.90 19.14 20.35
C TYR A 558 -13.67 18.92 21.64
N LEU A 559 -13.41 19.71 22.69
CA LEU A 559 -14.13 19.52 23.94
C LEU A 559 -15.62 19.79 23.78
N GLU A 560 -15.98 20.86 23.07
CA GLU A 560 -17.40 21.18 22.89
C GLU A 560 -18.12 20.10 22.10
N TYR A 561 -17.48 19.56 21.07
CA TYR A 561 -18.10 18.51 20.27
C TYR A 561 -18.21 17.20 21.06
N ARG A 562 -17.18 16.88 21.86
CA ARG A 562 -17.22 15.64 22.62
C ARG A 562 -18.29 15.68 23.70
N GLU A 563 -18.59 16.86 24.25
CA GLU A 563 -19.61 16.95 25.28
C GLU A 563 -20.98 16.56 24.74
N GLN A 564 -21.30 17.01 23.52
CA GLN A 564 -22.60 16.68 22.94
C GLN A 564 -22.76 15.18 22.73
N GLN A 565 -21.70 14.53 22.22
CA GLN A 565 -21.77 13.08 22.03
C GLN A 565 -21.91 12.35 23.35
N ARG A 566 -21.23 12.83 24.39
CA ARG A 566 -21.41 12.24 25.72
C ARG A 566 -22.84 12.38 26.19
N PHE A 567 -23.44 13.54 25.97
CA PHE A 567 -24.83 13.76 26.37
C PHE A 567 -25.79 12.88 25.56
N ASN A 568 -25.66 12.92 24.23
CA ASN A 568 -26.56 12.14 23.39
C ASN A 568 -26.40 10.65 23.63
N ALA A 569 -25.16 10.19 23.84
CA ALA A 569 -24.93 8.77 24.10
C ALA A 569 -25.59 8.33 25.39
N ARG A 570 -25.53 9.16 26.44
CA ARG A 570 -26.17 8.81 27.70
C ARG A 570 -27.67 8.65 27.53
N LEU A 571 -28.30 9.59 26.83
CA LEU A 571 -29.76 9.51 26.65
C LEU A 571 -30.16 8.28 25.84
N ALA A 572 -29.40 7.97 24.78
CA ALA A 572 -29.74 6.83 23.93
C ALA A 572 -29.68 5.54 24.73
N ARG A 573 -28.68 5.39 25.60
CA ARG A 573 -28.64 4.23 26.49
C ARG A 573 -29.80 4.24 27.47
N GLU A 574 -30.13 5.41 28.01
CA GLU A 574 -31.24 5.50 28.95
C GLU A 574 -32.56 5.14 28.27
N ARG A 575 -32.76 5.60 27.04
CA ARG A 575 -34.00 5.28 26.33
C ARG A 575 -34.12 3.78 26.10
N ARG A 576 -33.03 3.13 25.71
CA ARG A 576 -33.10 1.71 25.35
C ARG A 576 -33.42 0.85 26.57
N VAL A 577 -32.72 1.08 27.70
CA VAL A 577 -32.93 0.25 28.88
C VAL A 577 -34.36 0.40 29.38
N HIS A 578 -34.88 1.63 29.40
CA HIS A 578 -36.27 1.83 29.78
C HIS A 578 -37.22 1.26 28.74
N ASN A 579 -36.89 1.44 27.46
CA ASN A 579 -37.77 0.96 26.39
C ASN A 579 -37.90 -0.55 26.44
N GLU A 580 -36.82 -1.26 26.76
CA GLU A 580 -36.88 -2.72 26.80
C GLU A 580 -37.89 -3.20 27.83
N HIS A 581 -37.89 -2.58 29.02
CA HIS A 581 -38.83 -2.99 30.05
C HIS A 581 -40.27 -2.76 29.62
N ARG A 582 -40.57 -1.61 29.03
CA ARG A 582 -41.94 -1.28 28.66
C ARG A 582 -42.45 -2.28 27.62
N ALA B 64 -4.78 34.57 -36.59
CA ALA B 64 -3.55 34.40 -35.76
C ALA B 64 -2.31 34.33 -36.64
N SER B 65 -1.15 34.60 -36.04
CA SER B 65 0.11 34.62 -36.76
C SER B 65 0.85 33.31 -36.54
N LEU B 66 1.27 32.69 -37.64
CA LEU B 66 2.06 31.47 -37.55
C LEU B 66 3.32 31.71 -36.72
N ASN B 67 3.63 30.76 -35.83
CA ASN B 67 4.84 30.85 -35.01
C ASN B 67 6.00 30.28 -35.82
N TRP B 68 6.51 31.10 -36.73
CA TRP B 68 7.56 30.65 -37.64
C TRP B 68 8.85 30.33 -36.90
N SER B 69 9.00 30.81 -35.66
CA SER B 69 10.19 30.51 -34.88
C SER B 69 10.13 29.12 -34.25
N VAL B 70 8.99 28.46 -34.30
CA VAL B 70 8.86 27.08 -33.85
C VAL B 70 8.64 26.11 -35.00
N ILE B 71 7.95 26.52 -36.06
CA ILE B 71 7.73 25.63 -37.19
C ILE B 71 9.05 25.27 -37.86
N VAL B 72 9.93 26.24 -38.05
CA VAL B 72 11.14 26.03 -38.84
C VAL B 72 12.12 25.14 -38.06
N PRO B 73 12.50 25.49 -36.83
CA PRO B 73 13.43 24.60 -36.10
C PRO B 73 12.91 23.18 -35.95
N ALA B 74 11.60 23.01 -35.74
CA ALA B 74 11.04 21.68 -35.63
C ALA B 74 10.98 20.98 -36.98
N LEU B 75 10.66 21.73 -38.04
CA LEU B 75 10.58 21.13 -39.36
C LEU B 75 11.95 20.72 -39.89
N VAL B 76 13.00 21.44 -39.48
CA VAL B 76 14.36 21.09 -39.92
C VAL B 76 14.75 19.73 -39.35
N ILE B 77 14.42 19.46 -38.09
CA ILE B 77 14.71 18.16 -37.50
C ILE B 77 13.96 17.07 -38.25
N VAL B 78 12.68 17.31 -38.56
CA VAL B 78 11.89 16.31 -39.26
C VAL B 78 12.48 16.04 -40.64
N LEU B 79 12.80 17.10 -41.39
CA LEU B 79 13.34 16.93 -42.73
C LEU B 79 14.78 16.45 -42.70
N ALA B 80 15.51 16.77 -41.63
CA ALA B 80 16.87 16.25 -41.49
C ALA B 80 16.87 14.74 -41.35
N THR B 81 15.89 14.19 -40.63
CA THR B 81 15.80 12.75 -40.44
C THR B 81 15.32 12.04 -41.71
N VAL B 82 14.40 12.66 -42.44
CA VAL B 82 13.85 12.01 -43.63
C VAL B 82 14.93 11.82 -44.70
N VAL B 83 15.70 12.87 -44.97
CA VAL B 83 16.76 12.76 -45.96
C VAL B 83 17.86 11.83 -45.45
N TRP B 84 18.14 11.87 -44.14
CA TRP B 84 19.14 11.00 -43.56
C TRP B 84 18.71 9.54 -43.52
N GLY B 85 17.41 9.28 -43.62
CA GLY B 85 16.90 7.92 -43.51
C GLY B 85 16.74 7.24 -44.85
N ILE B 86 16.09 7.91 -45.80
CA ILE B 86 15.87 7.30 -47.12
C ILE B 86 17.18 7.20 -47.88
N GLY B 87 18.01 8.25 -47.83
CA GLY B 87 19.22 8.26 -48.63
C GLY B 87 20.38 7.50 -48.02
N PHE B 88 20.44 7.40 -46.70
CA PHE B 88 21.55 6.80 -45.98
C PHE B 88 21.04 5.76 -44.98
N LYS B 89 20.18 4.86 -45.45
CA LYS B 89 19.64 3.83 -44.57
C LYS B 89 20.74 3.11 -43.81
N ASP B 90 21.87 2.85 -44.48
CA ASP B 90 22.95 2.11 -43.84
C ASP B 90 23.52 2.87 -42.65
N SER B 91 23.71 4.19 -42.80
CA SER B 91 24.30 5.00 -41.74
C SER B 91 23.29 5.46 -40.70
N PHE B 92 22.00 5.47 -41.04
CA PHE B 92 20.99 5.88 -40.06
C PHE B 92 20.79 4.81 -39.00
N THR B 93 20.71 3.54 -39.41
CA THR B 93 20.49 2.48 -38.45
C THR B 93 21.65 2.38 -37.46
N ASN B 94 22.88 2.58 -37.94
CA ASN B 94 24.03 2.53 -37.04
C ASN B 94 23.95 3.62 -35.98
N PHE B 95 23.58 4.84 -36.39
CA PHE B 95 23.50 5.94 -35.42
C PHE B 95 22.41 5.68 -34.38
N ALA B 96 21.23 5.26 -34.83
CA ALA B 96 20.13 5.05 -33.90
C ALA B 96 20.47 3.99 -32.87
N SER B 97 21.09 2.89 -33.30
CA SER B 97 21.50 1.84 -32.36
C SER B 97 22.55 2.36 -31.40
N SER B 98 23.51 3.14 -31.89
CA SER B 98 24.51 3.74 -31.01
C SER B 98 23.87 4.79 -30.10
N ALA B 99 22.93 5.57 -30.63
CA ALA B 99 22.24 6.55 -29.80
C ALA B 99 21.44 5.87 -28.70
N LEU B 100 20.78 4.76 -29.02
CA LEU B 100 20.02 4.04 -28.00
C LEU B 100 20.92 3.54 -26.89
N SER B 101 22.10 3.05 -27.23
CA SER B 101 23.03 2.58 -26.19
C SER B 101 23.45 3.72 -25.28
N ALA B 102 23.75 4.89 -25.85
CA ALA B 102 24.15 6.03 -25.03
C ALA B 102 23.02 6.48 -24.12
N VAL B 103 21.80 6.53 -24.64
CA VAL B 103 20.66 6.98 -23.83
C VAL B 103 20.34 5.95 -22.75
N VAL B 104 20.22 4.68 -23.13
CA VAL B 104 19.79 3.66 -22.19
C VAL B 104 20.83 3.49 -21.08
N ASP B 105 22.11 3.52 -21.44
CA ASP B 105 23.16 3.31 -20.44
C ASP B 105 23.21 4.45 -19.43
N ASN B 106 23.09 5.69 -19.90
CA ASN B 106 23.28 6.85 -19.04
C ASN B 106 21.97 7.39 -18.48
N LEU B 107 20.91 7.47 -19.29
CA LEU B 107 19.63 8.00 -18.87
C LEU B 107 18.59 6.91 -18.65
N GLY B 108 18.99 5.65 -18.64
CA GLY B 108 18.02 4.59 -18.38
C GLY B 108 17.39 4.70 -17.01
N TRP B 109 18.20 5.03 -15.99
CA TRP B 109 17.66 5.20 -14.65
C TRP B 109 16.59 6.28 -14.60
N ALA B 110 16.71 7.30 -15.46
CA ALA B 110 15.75 8.40 -15.44
C ALA B 110 14.36 7.92 -15.81
N PHE B 111 14.27 7.10 -16.86
CA PHE B 111 12.97 6.55 -17.24
C PHE B 111 12.41 5.67 -16.13
N ILE B 112 13.25 4.83 -15.54
CA ILE B 112 12.80 3.92 -14.50
C ILE B 112 12.46 4.70 -13.23
N LEU B 113 13.34 5.62 -12.83
CA LEU B 113 13.13 6.32 -11.57
C LEU B 113 11.92 7.24 -11.63
N PHE B 114 11.83 8.05 -12.69
CA PHE B 114 10.77 9.04 -12.79
C PHE B 114 9.51 8.51 -13.44
N GLY B 115 9.54 7.30 -13.98
CA GLY B 115 8.30 6.67 -14.40
C GLY B 115 7.39 6.31 -13.25
N THR B 116 7.96 6.15 -12.06
CA THR B 116 7.19 5.84 -10.85
C THR B 116 6.94 7.06 -9.98
N VAL B 117 7.76 8.10 -10.10
CA VAL B 117 7.46 9.35 -9.41
C VAL B 117 6.19 9.96 -9.98
N PHE B 118 5.96 9.80 -11.29
CA PHE B 118 4.74 10.32 -11.89
C PHE B 118 3.50 9.68 -11.27
N VAL B 119 3.54 8.37 -11.02
CA VAL B 119 2.40 7.70 -10.41
C VAL B 119 2.17 8.22 -9.00
N PHE B 120 3.24 8.35 -8.22
CA PHE B 120 3.11 8.88 -6.87
C PHE B 120 2.71 10.34 -6.87
N PHE B 121 3.29 11.15 -7.77
CA PHE B 121 3.00 12.58 -7.78
C PHE B 121 1.54 12.85 -8.09
N ILE B 122 0.97 12.13 -9.05
CA ILE B 122 -0.40 12.39 -9.46
C ILE B 122 -1.42 11.71 -8.56
N VAL B 123 -0.98 10.92 -7.59
CA VAL B 123 -1.89 10.36 -6.60
C VAL B 123 -1.98 11.25 -5.37
N VAL B 124 -0.86 11.82 -4.92
CA VAL B 124 -0.93 12.77 -3.81
C VAL B 124 -1.63 14.05 -4.25
N ILE B 125 -1.46 14.45 -5.51
CA ILE B 125 -2.15 15.64 -6.01
C ILE B 125 -3.66 15.43 -5.96
N ALA B 126 -4.13 14.26 -6.38
CA ALA B 126 -5.55 13.97 -6.33
C ALA B 126 -6.05 13.84 -4.89
N ALA B 127 -5.22 13.32 -3.99
CA ALA B 127 -5.62 13.13 -2.61
C ALA B 127 -5.39 14.34 -1.73
N SER B 128 -4.71 15.37 -2.23
CA SER B 128 -4.39 16.54 -1.43
C SER B 128 -5.54 17.55 -1.50
N LYS B 129 -5.31 18.74 -0.96
CA LYS B 129 -6.33 19.78 -0.97
C LYS B 129 -6.60 20.33 -2.36
N PHE B 130 -5.72 20.05 -3.33
CA PHE B 130 -5.93 20.49 -4.70
C PHE B 130 -6.95 19.64 -5.45
N GLY B 131 -7.31 18.47 -4.92
CA GLY B 131 -8.26 17.62 -5.62
C GLY B 131 -9.60 18.29 -5.82
N THR B 132 -10.01 19.13 -4.89
CA THR B 132 -11.30 19.79 -4.98
C THR B 132 -11.32 20.94 -5.97
N ILE B 133 -10.15 21.45 -6.36
CA ILE B 133 -10.11 22.54 -7.33
C ILE B 133 -10.83 22.13 -8.60
N ARG B 134 -11.39 23.12 -9.28
CA ARG B 134 -12.18 22.89 -10.48
C ARG B 134 -11.44 23.49 -11.68
N LEU B 135 -11.24 22.68 -12.71
CA LEU B 135 -10.47 23.09 -13.88
C LEU B 135 -11.31 24.08 -14.68
N GLY B 136 -11.31 25.31 -14.20
CA GLY B 136 -12.11 26.39 -14.71
C GLY B 136 -12.54 27.28 -13.56
N ARG B 137 -13.65 27.97 -13.76
CA ARG B 137 -14.19 28.79 -12.69
C ARG B 137 -14.83 27.89 -11.63
N ILE B 138 -15.06 28.47 -10.45
CA ILE B 138 -15.92 27.83 -9.47
C ILE B 138 -17.37 27.95 -9.96
N ASP B 139 -18.16 26.93 -9.70
CA ASP B 139 -19.54 26.79 -10.15
C ASP B 139 -19.60 26.32 -11.60
N GLU B 140 -18.48 26.12 -12.28
CA GLU B 140 -18.52 25.56 -13.62
C GLU B 140 -18.87 24.08 -13.57
N ALA B 141 -19.48 23.59 -14.64
CA ALA B 141 -19.85 22.20 -14.75
C ALA B 141 -19.35 21.65 -16.08
N PRO B 142 -19.01 20.35 -16.13
CA PRO B 142 -18.47 19.80 -17.37
C PRO B 142 -19.47 19.91 -18.51
N GLU B 143 -18.92 20.04 -19.72
CA GLU B 143 -19.73 20.16 -20.93
C GLU B 143 -19.81 18.85 -21.71
N PHE B 144 -19.38 17.74 -21.13
CA PHE B 144 -19.43 16.44 -21.77
C PHE B 144 -20.02 15.42 -20.82
N ARG B 145 -20.91 14.58 -21.34
CA ARG B 145 -21.44 13.48 -20.53
C ARG B 145 -20.29 12.63 -20.04
N THR B 146 -20.30 12.29 -18.76
CA THR B 146 -19.15 11.58 -18.19
C THR B 146 -18.89 10.28 -18.92
N VAL B 147 -19.90 9.69 -19.54
CA VAL B 147 -19.66 8.50 -20.36
C VAL B 147 -18.93 8.88 -21.64
N SER B 148 -19.35 9.96 -22.29
CA SER B 148 -18.69 10.40 -23.51
C SER B 148 -17.35 11.04 -23.24
N TRP B 149 -17.13 11.52 -22.02
CA TRP B 149 -15.81 12.02 -21.64
C TRP B 149 -14.78 10.90 -21.67
N ILE B 150 -15.12 9.74 -21.11
CA ILE B 150 -14.21 8.60 -21.09
C ILE B 150 -13.91 8.13 -22.50
N SER B 151 -14.94 8.06 -23.35
CA SER B 151 -14.77 7.48 -24.68
C SER B 151 -13.72 8.25 -25.49
N MET B 152 -13.79 9.58 -25.47
CA MET B 152 -12.80 10.39 -26.15
C MET B 152 -11.48 10.40 -25.42
N MET B 153 -11.49 10.16 -24.12
CA MET B 153 -10.27 10.05 -23.34
C MET B 153 -9.46 8.83 -23.75
N PHE B 154 -10.11 7.67 -23.85
CA PHE B 154 -9.42 6.46 -24.23
C PHE B 154 -9.10 6.43 -25.72
N ALA B 155 -10.03 6.88 -26.56
CA ALA B 155 -9.81 6.82 -27.99
C ALA B 155 -8.63 7.69 -28.40
N ALA B 156 -8.51 8.87 -27.81
CA ALA B 156 -7.40 9.76 -28.14
C ALA B 156 -6.11 9.31 -27.49
N GLY B 157 -6.18 8.83 -26.24
CA GLY B 157 -4.98 8.49 -25.50
C GLY B 157 -4.31 7.19 -25.92
N MET B 158 -5.03 6.32 -26.63
CA MET B 158 -4.48 5.04 -27.06
C MET B 158 -4.64 4.90 -28.55
N GLY B 159 -3.65 4.29 -29.19
CA GLY B 159 -3.66 4.05 -30.61
C GLY B 159 -3.40 2.60 -30.95
N ILE B 160 -2.33 2.37 -31.71
CA ILE B 160 -1.94 1.04 -32.14
C ILE B 160 -1.56 0.12 -30.99
N GLY B 161 -1.32 0.66 -29.79
CA GLY B 161 -0.66 -0.13 -28.77
C GLY B 161 -1.41 -1.40 -28.41
N LEU B 162 -2.69 -1.28 -28.11
CA LEU B 162 -3.44 -2.43 -27.61
C LEU B 162 -3.54 -3.52 -28.68
N MET B 163 -3.76 -3.13 -29.92
CA MET B 163 -3.87 -4.11 -31.00
C MET B 163 -2.54 -4.81 -31.26
N PHE B 164 -1.45 -4.05 -31.30
CA PHE B 164 -0.15 -4.63 -31.65
C PHE B 164 0.36 -5.55 -30.55
N TYR B 165 0.34 -5.09 -29.31
CA TYR B 165 0.92 -5.83 -28.19
C TYR B 165 -0.14 -6.53 -27.35
N GLY B 166 -1.38 -6.59 -27.82
CA GLY B 166 -2.41 -7.31 -27.08
C GLY B 166 -2.08 -8.78 -26.91
N THR B 167 -1.56 -9.40 -27.96
CA THR B 167 -1.26 -10.82 -27.98
C THR B 167 0.22 -11.12 -27.81
N THR B 168 1.09 -10.28 -28.37
CA THR B 168 2.51 -10.60 -28.42
C THR B 168 3.20 -10.37 -27.08
N GLU B 169 2.77 -9.38 -26.31
CA GLU B 169 3.46 -9.10 -25.06
C GLU B 169 3.21 -10.18 -24.02
N PRO B 170 1.97 -10.50 -23.65
CA PRO B 170 1.77 -11.55 -22.65
C PRO B 170 2.32 -12.90 -23.10
N LEU B 171 2.25 -13.20 -24.40
CA LEU B 171 2.77 -14.46 -24.90
C LEU B 171 4.29 -14.46 -24.90
N THR B 172 4.92 -13.33 -25.22
CA THR B 172 6.38 -13.27 -25.22
C THR B 172 6.94 -13.49 -23.83
N PHE B 173 6.31 -12.90 -22.81
CA PHE B 173 6.81 -13.08 -21.45
C PHE B 173 6.56 -14.49 -20.96
N TYR B 174 5.48 -15.13 -21.41
CA TYR B 174 5.23 -16.51 -21.02
C TYR B 174 6.33 -17.44 -21.50
N ARG B 175 6.76 -17.27 -22.76
CA ARG B 175 7.76 -18.16 -23.32
C ARG B 175 9.16 -17.77 -22.84
N ASN B 176 9.61 -16.56 -23.16
CA ASN B 176 10.98 -16.16 -22.86
C ASN B 176 11.17 -15.78 -21.40
N GLY B 177 10.13 -15.36 -20.70
CA GLY B 177 10.28 -14.91 -19.33
C GLY B 177 10.70 -13.46 -19.24
N VAL B 178 10.87 -13.01 -18.01
CA VAL B 178 11.30 -11.63 -17.74
C VAL B 178 12.49 -11.67 -16.80
N PRO B 179 13.33 -10.63 -16.81
CA PRO B 179 14.53 -10.66 -15.97
C PRO B 179 14.18 -10.90 -14.51
N GLY B 180 14.95 -11.79 -13.89
CA GLY B 180 14.70 -12.14 -12.49
C GLY B 180 13.50 -13.04 -12.30
N HIS B 181 13.09 -13.77 -13.33
CA HIS B 181 11.93 -14.65 -13.23
C HIS B 181 12.12 -15.79 -14.21
N ASP B 182 11.44 -16.89 -13.94
CA ASP B 182 11.54 -18.08 -14.77
C ASP B 182 10.55 -18.01 -15.93
N GLU B 183 10.74 -18.89 -16.91
CA GLU B 183 9.84 -18.95 -18.04
C GLU B 183 8.54 -19.64 -17.64
N HIS B 184 7.58 -19.62 -18.56
CA HIS B 184 6.32 -20.35 -18.40
C HIS B 184 5.65 -20.01 -17.07
N ASN B 185 5.63 -18.74 -16.72
CA ASN B 185 4.99 -18.24 -15.51
C ASN B 185 3.87 -17.30 -15.92
N VAL B 186 2.62 -17.76 -15.80
CA VAL B 186 1.49 -16.98 -16.28
C VAL B 186 1.28 -15.75 -15.42
N GLY B 187 1.48 -15.87 -14.11
CA GLY B 187 1.29 -14.72 -13.25
C GLY B 187 2.23 -13.58 -13.61
N VAL B 188 3.50 -13.90 -13.84
CA VAL B 188 4.49 -12.88 -14.18
C VAL B 188 4.24 -12.35 -15.58
N ALA B 189 3.84 -13.22 -16.52
CA ALA B 189 3.57 -12.77 -17.87
C ALA B 189 2.44 -11.75 -17.90
N MET B 190 1.35 -12.01 -17.17
CA MET B 190 0.21 -11.11 -17.17
C MET B 190 0.44 -9.90 -16.29
N SER B 191 1.12 -10.08 -15.15
CA SER B 191 1.36 -8.96 -14.24
C SER B 191 2.43 -8.01 -14.74
N THR B 192 3.15 -8.35 -15.82
CA THR B 192 4.10 -7.44 -16.42
C THR B 192 3.51 -6.63 -17.56
N THR B 193 2.60 -7.23 -18.34
CA THR B 193 1.92 -6.48 -19.38
C THR B 193 0.91 -5.50 -18.82
N MET B 194 0.43 -5.74 -17.59
CA MET B 194 -0.41 -4.75 -16.94
C MET B 194 0.41 -3.60 -16.39
N PHE B 195 1.66 -3.88 -16.01
CA PHE B 195 2.55 -2.82 -15.55
C PHE B 195 2.80 -1.81 -16.64
N HIS B 196 3.02 -2.29 -17.87
CA HIS B 196 3.38 -1.44 -18.99
C HIS B 196 2.20 -0.70 -19.59
N TRP B 197 0.98 -0.99 -19.16
CA TRP B 197 -0.19 -0.49 -19.86
C TRP B 197 -1.30 0.06 -18.98
N THR B 198 -1.13 0.15 -17.66
CA THR B 198 -2.24 0.55 -16.80
C THR B 198 -2.01 1.87 -16.06
N LEU B 199 -1.03 1.96 -15.16
CA LEU B 199 -0.92 3.10 -14.27
C LEU B 199 0.28 3.98 -14.59
N HIS B 200 1.44 3.37 -14.78
CA HIS B 200 2.62 4.14 -15.18
C HIS B 200 2.39 4.90 -16.48
N PRO B 201 1.83 4.30 -17.53
CA PRO B 201 1.64 5.05 -18.77
C PRO B 201 0.59 6.14 -18.68
N TRP B 202 -0.53 5.88 -18.01
CA TRP B 202 -1.62 6.84 -17.94
C TRP B 202 -1.41 7.90 -16.88
N ALA B 203 -0.38 7.76 -16.04
CA ALA B 203 0.00 8.83 -15.13
C ALA B 203 0.81 9.92 -15.82
N ILE B 204 1.43 9.63 -16.95
CA ILE B 204 2.11 10.67 -17.73
C ILE B 204 1.08 11.58 -18.39
N TYR B 205 0.00 10.99 -18.91
CA TYR B 205 -1.06 11.80 -19.53
C TYR B 205 -1.71 12.73 -18.51
N ALA B 206 -1.93 12.24 -17.29
CA ALA B 206 -2.58 13.05 -16.28
C ALA B 206 -1.73 14.26 -15.89
N ILE B 207 -0.42 14.05 -15.71
CA ILE B 207 0.45 15.15 -15.30
C ILE B 207 0.51 16.21 -16.39
N VAL B 208 0.71 15.78 -17.64
CA VAL B 208 0.81 16.73 -18.73
C VAL B 208 -0.55 17.34 -19.04
N GLY B 209 -1.60 16.51 -19.06
CA GLY B 209 -2.94 17.03 -19.31
C GLY B 209 -3.43 17.96 -18.22
N LEU B 210 -3.05 17.69 -16.96
CA LEU B 210 -3.51 18.53 -15.87
C LEU B 210 -2.79 19.87 -15.84
N ALA B 211 -1.51 19.88 -16.19
CA ALA B 211 -0.77 21.14 -16.22
C ALA B 211 -1.34 22.09 -17.26
N ILE B 212 -1.66 21.57 -18.44
CA ILE B 212 -2.23 22.42 -19.49
C ILE B 212 -3.66 22.81 -19.13
N ALA B 213 -4.44 21.87 -18.60
CA ALA B 213 -5.83 22.15 -18.25
C ALA B 213 -5.92 23.21 -17.18
N TYR B 214 -5.01 23.17 -16.19
CA TYR B 214 -5.05 24.16 -15.13
C TYR B 214 -4.70 25.54 -15.65
N SER B 215 -3.59 25.65 -16.37
CA SER B 215 -3.15 26.97 -16.86
C SER B 215 -4.15 27.55 -17.84
N THR B 216 -4.67 26.73 -18.75
CA THR B 216 -5.55 27.25 -19.79
C THR B 216 -6.87 27.72 -19.21
N PHE B 217 -7.47 26.95 -18.29
CA PHE B 217 -8.80 27.25 -17.80
C PHE B 217 -8.80 28.01 -16.49
N ARG B 218 -8.11 27.49 -15.49
CA ARG B 218 -8.11 28.12 -14.19
C ARG B 218 -7.36 29.44 -14.20
N VAL B 219 -6.26 29.53 -14.92
CA VAL B 219 -5.45 30.74 -14.98
C VAL B 219 -5.61 31.51 -16.28
N GLY B 220 -6.26 30.93 -17.29
CA GLY B 220 -6.58 31.69 -18.48
C GLY B 220 -5.42 31.99 -19.38
N ARG B 221 -4.32 31.23 -19.30
CA ARG B 221 -3.19 31.43 -20.18
C ARG B 221 -3.48 30.81 -21.55
N LYS B 222 -2.52 30.93 -22.46
CA LYS B 222 -2.66 30.31 -23.78
C LYS B 222 -2.47 28.80 -23.66
N GLN B 223 -3.05 28.08 -24.63
CA GLN B 223 -2.97 26.63 -24.65
C GLN B 223 -1.67 26.21 -25.33
N LEU B 224 -0.59 26.32 -24.56
CA LEU B 224 0.74 25.90 -25.01
C LEU B 224 1.43 25.20 -23.87
N LEU B 225 2.41 24.36 -24.21
CA LEU B 225 3.21 23.72 -23.17
C LEU B 225 4.15 24.72 -22.51
N SER B 226 4.54 25.77 -23.23
CA SER B 226 5.36 26.81 -22.63
C SER B 226 4.62 27.50 -21.48
N SER B 227 3.33 27.78 -21.68
CA SER B 227 2.57 28.52 -20.68
C SER B 227 2.47 27.75 -19.37
N ALA B 228 2.54 26.43 -19.42
CA ALA B 228 2.49 25.64 -18.19
C ALA B 228 3.75 25.83 -17.35
N PHE B 229 4.80 26.39 -17.92
CA PHE B 229 6.06 26.60 -17.22
C PHE B 229 6.22 28.03 -16.73
N VAL B 230 5.23 28.89 -16.95
CA VAL B 230 5.28 30.29 -16.54
C VAL B 230 5.58 30.37 -15.04
N PRO B 231 5.04 29.50 -14.19
CA PRO B 231 5.39 29.57 -12.77
C PRO B 231 6.89 29.48 -12.52
N LEU B 232 7.61 28.68 -13.31
CA LEU B 232 9.04 28.53 -13.12
C LEU B 232 9.83 29.62 -13.84
N ILE B 233 9.64 29.72 -15.16
CA ILE B 233 10.45 30.61 -15.99
C ILE B 233 9.83 32.00 -16.15
N GLY B 234 8.62 32.22 -15.66
CA GLY B 234 8.00 33.52 -15.71
C GLY B 234 7.44 33.84 -17.09
N GLU B 235 6.60 34.87 -17.14
CA GLU B 235 5.95 35.25 -18.39
C GLU B 235 6.98 35.67 -19.43
N LYS B 236 8.17 36.10 -19.01
CA LYS B 236 9.19 36.49 -19.96
C LYS B 236 10.04 35.30 -20.39
N GLY B 237 10.34 34.38 -19.47
CA GLY B 237 11.08 33.19 -19.85
C GLY B 237 10.32 32.33 -20.83
N ALA B 238 9.00 32.25 -20.66
CA ALA B 238 8.16 31.41 -21.51
C ALA B 238 8.11 31.89 -22.95
N GLU B 239 8.65 33.07 -23.24
CA GLU B 239 8.62 33.63 -24.58
C GLU B 239 9.97 33.57 -25.28
N GLY B 240 11.06 33.89 -24.59
CA GLY B 240 12.31 34.15 -25.27
C GLY B 240 12.98 32.95 -25.89
N TRP B 241 13.59 32.11 -25.08
CA TRP B 241 14.36 31.00 -25.63
C TRP B 241 14.03 29.67 -24.98
N LEU B 242 13.77 29.65 -23.67
CA LEU B 242 13.39 28.39 -23.03
C LEU B 242 11.97 27.99 -23.42
N GLY B 243 11.07 28.95 -23.52
CA GLY B 243 9.72 28.63 -23.94
C GLY B 243 9.68 28.08 -25.36
N LYS B 244 10.47 28.66 -26.25
CA LYS B 244 10.52 28.17 -27.63
C LYS B 244 11.12 26.77 -27.68
N LEU B 245 12.12 26.50 -26.85
CA LEU B 245 12.70 25.16 -26.82
C LEU B 245 11.68 24.13 -26.36
N ILE B 246 10.90 24.45 -25.33
CA ILE B 246 9.87 23.54 -24.84
C ILE B 246 8.75 23.38 -25.85
N ASP B 247 8.62 24.30 -26.80
CA ASP B 247 7.58 24.23 -27.81
C ASP B 247 8.01 23.53 -29.08
N ILE B 248 9.30 23.23 -29.24
CA ILE B 248 9.77 22.46 -30.39
C ILE B 248 10.05 21.04 -29.93
N LEU B 249 10.49 20.88 -28.67
CA LEU B 249 10.66 19.54 -28.13
C LEU B 249 9.32 18.83 -28.01
N ALA B 250 8.24 19.59 -27.85
CA ALA B 250 6.91 19.00 -27.83
C ALA B 250 6.43 18.62 -29.22
N ILE B 251 6.76 19.41 -30.25
CA ILE B 251 6.38 19.05 -31.61
C ILE B 251 7.23 17.90 -32.12
N ILE B 252 8.52 17.88 -31.80
CA ILE B 252 9.38 16.78 -32.24
C ILE B 252 8.94 15.48 -31.60
N ALA B 253 8.65 15.50 -30.29
CA ALA B 253 8.18 14.29 -29.63
C ALA B 253 6.85 13.83 -30.21
N THR B 254 5.94 14.75 -30.46
CA THR B 254 4.65 14.39 -31.04
C THR B 254 4.79 13.81 -32.43
N VAL B 255 5.70 14.38 -33.24
CA VAL B 255 5.90 13.88 -34.59
C VAL B 255 6.57 12.52 -34.57
N PHE B 256 7.56 12.34 -33.69
CA PHE B 256 8.28 11.08 -33.60
C PHE B 256 7.55 10.04 -32.75
N GLY B 257 6.57 10.45 -31.98
CA GLY B 257 5.78 9.52 -31.20
C GLY B 257 4.60 8.99 -31.98
N THR B 258 4.00 9.83 -32.81
CA THR B 258 2.92 9.42 -33.68
C THR B 258 3.42 8.70 -34.92
N ALA B 259 4.68 8.91 -35.31
CA ALA B 259 5.26 8.18 -36.42
C ALA B 259 5.62 6.75 -36.03
N CYS B 260 5.95 6.51 -34.76
CA CYS B 260 6.15 5.15 -34.30
C CYS B 260 4.85 4.36 -34.35
N SER B 261 3.74 4.98 -33.95
CA SER B 261 2.45 4.30 -34.03
C SER B 261 2.04 4.06 -35.48
N LEU B 262 2.29 5.02 -36.36
CA LEU B 262 1.97 4.82 -37.77
C LEU B 262 2.80 3.68 -38.36
N GLY B 263 4.09 3.62 -38.02
CA GLY B 263 4.92 2.54 -38.51
C GLY B 263 4.46 1.19 -37.98
N LEU B 264 4.19 1.11 -36.68
CA LEU B 264 3.71 -0.14 -36.09
C LEU B 264 2.37 -0.54 -36.67
N GLY B 265 1.47 0.43 -36.86
CA GLY B 265 0.16 0.11 -37.42
C GLY B 265 0.24 -0.37 -38.85
N ALA B 266 1.11 0.24 -39.66
CA ALA B 266 1.27 -0.20 -41.04
C ALA B 266 1.83 -1.61 -41.11
N LEU B 267 2.74 -1.95 -40.19
CA LEU B 267 3.27 -3.31 -40.16
C LEU B 267 2.18 -4.34 -39.90
N GLN B 268 1.29 -4.03 -38.95
CA GLN B 268 0.23 -4.99 -38.61
C GLN B 268 -0.85 -5.02 -39.67
N ILE B 269 -1.17 -3.87 -40.27
CA ILE B 269 -2.13 -3.88 -41.36
C ILE B 269 -1.62 -4.73 -42.51
N GLY B 270 -0.33 -4.60 -42.84
CA GLY B 270 0.24 -5.43 -43.89
C GLY B 270 0.18 -6.90 -43.57
N ALA B 271 0.41 -7.25 -42.31
CA ALA B 271 0.25 -8.64 -41.89
C ALA B 271 -1.21 -9.05 -41.89
N GLY B 272 -2.12 -8.12 -41.66
CA GLY B 272 -3.54 -8.44 -41.70
C GLY B 272 -4.00 -8.83 -43.10
N LEU B 273 -3.44 -8.19 -44.12
CA LEU B 273 -3.78 -8.54 -45.48
C LEU B 273 -3.13 -9.84 -45.91
N SER B 274 -1.94 -10.14 -45.40
CA SER B 274 -1.32 -11.44 -45.67
C SER B 274 -2.12 -12.57 -45.06
N ALA B 275 -2.53 -12.42 -43.80
CA ALA B 275 -3.34 -13.45 -43.15
C ALA B 275 -4.70 -13.58 -43.81
N ALA B 276 -5.33 -12.45 -44.12
CA ALA B 276 -6.60 -12.47 -44.84
C ALA B 276 -6.42 -12.84 -46.31
N ASN B 277 -5.17 -12.92 -46.80
CA ASN B 277 -4.81 -13.27 -48.16
C ASN B 277 -5.25 -12.22 -49.17
N ILE B 278 -5.59 -11.01 -48.71
CA ILE B 278 -5.91 -9.93 -49.65
C ILE B 278 -4.67 -9.50 -50.41
N ILE B 279 -3.53 -9.41 -49.71
CA ILE B 279 -2.21 -9.33 -50.32
C ILE B 279 -1.49 -10.64 -50.07
N GLU B 280 -0.69 -11.08 -51.03
CA GLU B 280 0.10 -12.30 -50.84
C GLU B 280 1.34 -12.03 -50.01
N ASP B 281 2.13 -11.04 -50.40
CA ASP B 281 3.40 -10.74 -49.75
C ASP B 281 3.48 -9.23 -49.48
N PRO B 282 3.75 -8.81 -48.24
CA PRO B 282 3.95 -7.37 -47.99
C PRO B 282 5.32 -6.92 -48.48
N SER B 283 5.33 -6.18 -49.58
CA SER B 283 6.56 -5.60 -50.11
C SER B 283 6.77 -4.22 -49.51
N ASP B 284 7.76 -3.49 -50.01
CA ASP B 284 7.98 -2.13 -49.55
C ASP B 284 7.09 -1.12 -50.25
N TRP B 285 6.49 -1.48 -51.38
CA TRP B 285 5.60 -0.58 -52.09
C TRP B 285 4.14 -0.70 -51.65
N THR B 286 3.83 -1.67 -50.78
CA THR B 286 2.51 -1.75 -50.18
C THR B 286 2.44 -1.02 -48.85
N ILE B 287 3.54 -1.03 -48.09
CA ILE B 287 3.60 -0.23 -46.86
C ILE B 287 3.40 1.24 -47.20
N VAL B 288 3.98 1.70 -48.30
CA VAL B 288 3.74 3.07 -48.76
C VAL B 288 2.27 3.24 -49.12
N GLY B 289 1.65 2.21 -49.70
CA GLY B 289 0.24 2.28 -49.98
C GLY B 289 -0.59 2.34 -48.72
N ILE B 290 -0.23 1.56 -47.71
CA ILE B 290 -0.97 1.56 -46.45
C ILE B 290 -0.83 2.90 -45.74
N VAL B 291 0.41 3.38 -45.62
CA VAL B 291 0.65 4.64 -44.92
C VAL B 291 0.00 5.79 -45.66
N SER B 292 0.00 5.74 -46.99
CA SER B 292 -0.63 6.80 -47.76
C SER B 292 -2.13 6.87 -47.49
N VAL B 293 -2.79 5.72 -47.40
CA VAL B 293 -4.22 5.72 -47.08
C VAL B 293 -4.44 6.21 -45.66
N LEU B 294 -3.65 5.73 -44.70
CA LEU B 294 -3.84 6.14 -43.32
C LEU B 294 -3.59 7.63 -43.14
N THR B 295 -2.55 8.18 -43.78
CA THR B 295 -2.26 9.59 -43.62
C THR B 295 -3.34 10.47 -44.25
N LEU B 296 -3.99 9.99 -45.32
CA LEU B 296 -5.14 10.71 -45.85
C LEU B 296 -6.31 10.65 -44.88
N ALA B 297 -6.44 9.53 -44.17
CA ALA B 297 -7.60 9.34 -43.30
C ALA B 297 -7.63 10.37 -42.18
N PHE B 298 -6.51 10.56 -41.47
CA PHE B 298 -6.53 11.49 -40.35
C PHE B 298 -6.15 12.91 -40.75
N ILE B 299 -5.72 13.14 -41.99
CA ILE B 299 -5.66 14.51 -42.50
C ILE B 299 -7.05 14.98 -42.89
N PHE B 300 -7.82 14.12 -43.56
CA PHE B 300 -9.19 14.47 -43.92
C PHE B 300 -10.04 14.70 -42.68
N SER B 301 -9.91 13.83 -41.68
CA SER B 301 -10.69 13.99 -40.46
C SER B 301 -10.29 15.24 -39.70
N ALA B 302 -8.99 15.53 -39.63
CA ALA B 302 -8.52 16.63 -38.80
C ALA B 302 -8.96 17.98 -39.36
N ILE B 303 -8.84 18.18 -40.67
CA ILE B 303 -9.11 19.49 -41.27
C ILE B 303 -10.58 19.63 -41.67
N SER B 304 -11.15 18.62 -42.31
CA SER B 304 -12.52 18.74 -42.80
C SER B 304 -13.51 18.88 -41.66
N GLY B 305 -14.53 19.72 -41.87
CA GLY B 305 -15.56 19.91 -40.86
C GLY B 305 -16.70 18.92 -40.91
N VAL B 306 -16.70 18.02 -41.88
CA VAL B 306 -17.76 17.02 -42.01
C VAL B 306 -17.28 15.69 -41.44
N GLY B 307 -18.23 14.84 -41.07
CA GLY B 307 -17.95 13.50 -40.62
C GLY B 307 -17.98 13.27 -39.13
N LYS B 308 -18.22 14.31 -38.33
CA LYS B 308 -18.27 14.19 -36.87
C LYS B 308 -16.94 13.63 -36.33
N GLY B 309 -15.91 14.45 -36.51
CA GLY B 309 -14.54 13.95 -36.32
C GLY B 309 -14.34 13.23 -35.01
N ILE B 310 -14.90 13.77 -33.93
CA ILE B 310 -14.77 13.17 -32.60
C ILE B 310 -16.15 13.00 -31.99
N GLN B 311 -16.22 12.13 -31.00
CA GLN B 311 -17.48 11.76 -30.35
C GLN B 311 -18.31 10.83 -31.24
N TYR B 312 -17.86 10.60 -32.47
CA TYR B 312 -18.46 9.61 -33.34
C TYR B 312 -17.46 8.55 -33.74
N LEU B 313 -16.27 8.96 -34.19
CA LEU B 313 -15.19 8.02 -34.43
C LEU B 313 -14.52 7.57 -33.13
N SER B 314 -14.67 8.35 -32.05
CA SER B 314 -14.23 7.90 -30.74
C SER B 314 -15.23 6.94 -30.11
N ASN B 315 -16.53 7.15 -30.36
CA ASN B 315 -17.54 6.21 -29.88
C ASN B 315 -17.56 4.94 -30.73
N ALA B 316 -17.22 5.05 -32.02
CA ALA B 316 -17.12 3.85 -32.85
C ALA B 316 -15.95 2.99 -32.41
N ASN B 317 -14.97 3.53 -31.72
CA ASN B 317 -13.83 2.74 -31.33
C ASN B 317 -14.18 1.88 -30.14
N MET B 318 -14.99 2.32 -29.20
CA MET B 318 -15.46 1.45 -28.13
C MET B 318 -16.37 0.36 -28.65
N VAL B 319 -17.26 0.70 -29.57
CA VAL B 319 -18.17 -0.29 -30.13
C VAL B 319 -17.39 -1.38 -30.86
N LEU B 320 -16.42 -0.96 -31.69
CA LEU B 320 -15.63 -1.94 -32.44
C LEU B 320 -14.59 -2.62 -31.57
N ALA B 321 -14.03 -1.90 -30.59
CA ALA B 321 -13.05 -2.51 -29.70
C ALA B 321 -13.70 -3.57 -28.81
N ALA B 322 -14.90 -3.28 -28.30
CA ALA B 322 -15.60 -4.26 -27.47
C ALA B 322 -16.10 -5.43 -28.29
N LEU B 323 -16.50 -5.19 -29.54
CA LEU B 323 -16.97 -6.29 -30.38
C LEU B 323 -15.88 -7.31 -30.60
N LEU B 324 -14.64 -6.86 -30.81
CA LEU B 324 -13.53 -7.80 -30.99
C LEU B 324 -13.07 -8.41 -29.67
N ALA B 325 -13.24 -7.69 -28.56
CA ALA B 325 -12.90 -8.27 -27.27
C ALA B 325 -13.94 -9.29 -26.84
N ILE B 326 -15.22 -9.01 -27.08
CA ILE B 326 -16.28 -9.96 -26.72
C ILE B 326 -16.17 -11.23 -27.56
N PHE B 327 -15.86 -11.09 -28.86
CA PHE B 327 -15.73 -12.26 -29.70
C PHE B 327 -14.69 -13.22 -29.14
N VAL B 328 -13.49 -12.71 -28.83
CA VAL B 328 -12.44 -13.55 -28.28
C VAL B 328 -12.83 -14.07 -26.91
N PHE B 329 -13.63 -13.30 -26.16
CA PHE B 329 -14.01 -13.71 -24.81
C PHE B 329 -14.91 -14.94 -24.83
N VAL B 330 -15.96 -14.90 -25.66
CA VAL B 330 -16.95 -15.97 -25.65
C VAL B 330 -16.47 -17.15 -26.50
N VAL B 331 -15.92 -16.90 -27.68
CA VAL B 331 -15.46 -17.98 -28.54
C VAL B 331 -14.23 -18.66 -27.93
N GLY B 332 -13.35 -17.88 -27.31
CA GLY B 332 -12.16 -18.43 -26.72
C GLY B 332 -12.41 -19.04 -25.37
N PRO B 333 -11.35 -19.36 -24.63
CA PRO B 333 -11.51 -20.05 -23.34
C PRO B 333 -12.08 -19.14 -22.26
N THR B 334 -13.40 -19.00 -22.24
CA THR B 334 -14.02 -17.98 -21.40
C THR B 334 -13.67 -18.16 -19.93
N VAL B 335 -13.72 -19.40 -19.44
CA VAL B 335 -13.47 -19.62 -18.01
C VAL B 335 -12.00 -19.38 -17.68
N SER B 336 -11.09 -19.79 -18.56
CA SER B 336 -9.68 -19.54 -18.31
C SER B 336 -9.34 -18.06 -18.39
N ILE B 337 -10.03 -17.31 -19.27
CA ILE B 337 -9.87 -15.86 -19.30
C ILE B 337 -10.31 -15.25 -17.98
N LEU B 338 -11.41 -15.76 -17.43
CA LEU B 338 -11.95 -15.19 -16.19
C LEU B 338 -11.12 -15.61 -14.98
N ASN B 339 -10.48 -16.78 -15.04
CA ASN B 339 -9.59 -17.17 -13.95
C ASN B 339 -8.34 -16.30 -13.91
N LEU B 340 -7.89 -15.81 -15.07
CA LEU B 340 -6.72 -14.94 -15.11
C LEU B 340 -7.05 -13.53 -14.63
N LEU B 341 -8.29 -13.10 -14.79
CA LEU B 341 -8.63 -11.72 -14.46
C LEU B 341 -8.31 -11.37 -13.02
N PRO B 342 -8.67 -12.17 -12.02
CA PRO B 342 -8.28 -11.84 -10.65
C PRO B 342 -6.82 -12.15 -10.35
N GLY B 343 -6.25 -13.10 -11.10
CA GLY B 343 -4.85 -13.43 -10.90
C GLY B 343 -3.89 -12.41 -11.48
N SER B 344 -4.29 -11.75 -12.56
CA SER B 344 -3.45 -10.70 -13.14
C SER B 344 -3.45 -9.45 -12.26
N ILE B 345 -4.62 -9.10 -11.72
CA ILE B 345 -4.71 -7.92 -10.87
C ILE B 345 -4.01 -8.15 -9.54
N GLY B 346 -4.17 -9.34 -8.98
CA GLY B 346 -3.50 -9.64 -7.72
C GLY B 346 -1.99 -9.70 -7.88
N ASN B 347 -1.51 -10.30 -8.95
CA ASN B 347 -0.07 -10.35 -9.19
C ASN B 347 0.49 -8.98 -9.54
N TYR B 348 -0.30 -8.15 -10.25
CA TYR B 348 0.17 -6.82 -10.61
C TYR B 348 0.41 -5.98 -9.36
N LEU B 349 -0.51 -6.02 -8.41
CA LEU B 349 -0.37 -5.24 -7.19
C LEU B 349 0.65 -5.84 -6.24
N SER B 350 0.89 -7.14 -6.32
CA SER B 350 1.92 -7.75 -5.49
C SER B 350 3.32 -7.37 -5.97
N ASN B 351 3.54 -7.41 -7.29
CA ASN B 351 4.84 -7.14 -7.87
C ASN B 351 4.94 -5.72 -8.43
N PHE B 352 4.08 -4.81 -8.00
CA PHE B 352 4.08 -3.48 -8.59
C PHE B 352 5.42 -2.79 -8.35
N PHE B 353 5.96 -2.90 -7.14
CA PHE B 353 7.21 -2.22 -6.80
C PHE B 353 8.44 -3.02 -7.18
N GLN B 354 8.34 -4.33 -7.34
CA GLN B 354 9.47 -5.09 -7.89
C GLN B 354 9.71 -4.71 -9.34
N MET B 355 8.64 -4.52 -10.11
CA MET B 355 8.78 -4.13 -11.50
C MET B 355 9.12 -2.66 -11.64
N ALA B 356 8.68 -1.82 -10.69
CA ALA B 356 8.99 -0.40 -10.75
C ALA B 356 10.46 -0.12 -10.46
N GLY B 357 11.15 -1.03 -9.78
CA GLY B 357 12.57 -0.90 -9.50
C GLY B 357 13.48 -1.75 -10.37
N ARG B 358 12.99 -2.26 -11.49
CA ARG B 358 13.80 -3.13 -12.34
C ARG B 358 14.64 -2.25 -13.26
N THR B 359 15.91 -2.10 -12.92
CA THR B 359 16.87 -1.31 -13.67
C THR B 359 17.77 -2.24 -14.49
N ALA B 360 18.82 -1.66 -15.07
CA ALA B 360 19.82 -2.45 -15.80
C ALA B 360 20.70 -3.27 -14.88
N MET B 361 20.60 -3.10 -13.56
CA MET B 361 21.32 -3.93 -12.61
C MET B 361 20.58 -5.21 -12.25
N SER B 362 19.38 -5.42 -12.77
CA SER B 362 18.62 -6.63 -12.47
C SER B 362 19.10 -7.79 -13.32
N ALA B 363 18.77 -9.01 -12.88
CA ALA B 363 19.21 -10.23 -13.54
C ALA B 363 20.74 -10.26 -13.62
N ASP B 364 21.40 -9.76 -12.58
CA ASP B 364 22.86 -9.71 -12.53
C ASP B 364 23.42 -8.92 -13.72
N GLY B 365 22.73 -7.84 -14.09
CA GLY B 365 23.17 -7.00 -15.18
C GLY B 365 22.69 -7.42 -16.55
N THR B 366 21.78 -8.39 -16.64
CA THR B 366 21.28 -8.86 -17.92
C THR B 366 20.05 -8.09 -18.40
N ALA B 367 19.40 -7.32 -17.54
CA ALA B 367 18.16 -6.66 -17.89
C ALA B 367 18.36 -5.48 -18.84
N GLY B 368 19.59 -5.05 -19.07
CA GLY B 368 19.82 -3.84 -19.85
C GLY B 368 19.23 -3.94 -21.26
N GLU B 369 19.43 -5.08 -21.92
CA GLU B 369 18.90 -5.25 -23.26
C GLU B 369 17.41 -5.52 -23.24
N TRP B 370 16.89 -6.09 -22.17
CA TRP B 370 15.45 -6.32 -22.07
C TRP B 370 14.70 -5.01 -21.92
N LEU B 371 15.20 -4.11 -21.06
CA LEU B 371 14.48 -2.86 -20.81
C LEU B 371 14.40 -2.02 -22.07
N GLY B 372 15.49 -1.93 -22.84
CA GLY B 372 15.48 -1.11 -24.02
C GLY B 372 14.46 -1.54 -25.06
N SER B 373 13.98 -2.77 -24.98
CA SER B 373 12.98 -3.28 -25.92
C SER B 373 11.56 -3.17 -25.38
N TRP B 374 11.37 -3.30 -24.07
CA TRP B 374 10.03 -3.30 -23.49
C TRP B 374 9.78 -2.12 -22.57
N THR B 375 10.55 -1.96 -21.48
CA THR B 375 10.18 -0.96 -20.49
C THR B 375 10.54 0.43 -20.97
N ILE B 376 11.83 0.67 -21.26
CA ILE B 376 12.25 2.01 -21.63
C ILE B 376 11.67 2.43 -22.97
N PHE B 377 11.36 1.48 -23.85
CA PHE B 377 10.68 1.84 -25.09
C PHE B 377 9.26 2.32 -24.82
N TYR B 378 8.54 1.66 -23.93
CA TYR B 378 7.18 2.08 -23.63
C TYR B 378 7.17 3.44 -22.94
N TRP B 379 7.98 3.63 -21.93
CA TRP B 379 8.01 4.87 -21.23
C TRP B 379 8.37 5.97 -22.15
N ALA B 380 9.22 5.75 -23.12
CA ALA B 380 9.52 6.76 -24.15
C ALA B 380 8.37 6.91 -25.13
N TRP B 381 7.69 5.81 -25.44
CA TRP B 381 6.55 5.88 -26.34
C TRP B 381 5.40 6.68 -25.74
N TRP B 382 5.14 6.50 -24.46
CA TRP B 382 4.09 7.24 -23.78
C TRP B 382 4.50 8.67 -23.47
N ILE B 383 5.79 8.91 -23.24
CA ILE B 383 6.27 10.26 -22.98
C ILE B 383 6.13 11.13 -24.22
N SER B 384 6.34 10.55 -25.40
CA SER B 384 6.27 11.32 -26.63
C SER B 384 4.84 11.56 -27.10
N TRP B 385 3.88 10.80 -26.61
CA TRP B 385 2.48 11.02 -26.94
C TRP B 385 1.80 11.99 -26.00
N SER B 386 2.41 12.28 -24.86
CA SER B 386 1.82 13.11 -23.82
C SER B 386 1.75 14.59 -24.20
N PRO B 387 2.62 15.10 -25.08
CA PRO B 387 2.44 16.50 -25.51
C PRO B 387 1.08 16.77 -26.12
N PHE B 388 0.56 15.87 -26.93
CA PHE B 388 -0.68 16.11 -27.65
C PHE B 388 -1.88 15.39 -27.05
N VAL B 389 -1.67 14.30 -26.31
CA VAL B 389 -2.78 13.73 -25.55
C VAL B 389 -3.11 14.62 -24.37
N GLY B 390 -2.09 15.09 -23.65
CA GLY B 390 -2.34 16.00 -22.55
C GLY B 390 -3.04 17.27 -23.00
N MET B 391 -2.65 17.80 -24.16
CA MET B 391 -3.32 18.98 -24.70
C MET B 391 -4.75 18.68 -25.07
N PHE B 392 -5.03 17.50 -25.63
CA PHE B 392 -6.39 17.14 -25.96
C PHE B 392 -7.21 16.84 -24.72
N LEU B 393 -6.63 16.13 -23.75
CA LEU B 393 -7.35 15.83 -22.53
C LEU B 393 -7.75 17.10 -21.79
N ALA B 394 -7.03 18.20 -22.00
CA ALA B 394 -7.40 19.46 -21.37
C ALA B 394 -8.70 20.00 -21.94
N ARG B 395 -8.83 20.01 -23.26
CA ARG B 395 -10.01 20.60 -23.88
C ARG B 395 -11.29 19.87 -23.48
N ILE B 396 -11.27 18.52 -23.50
CA ILE B 396 -12.47 17.75 -23.21
C ILE B 396 -12.72 17.59 -21.71
N SER B 397 -11.95 18.25 -20.86
CA SER B 397 -12.10 18.14 -19.42
C SER B 397 -12.24 19.52 -18.78
N ARG B 398 -13.06 20.37 -19.38
CA ARG B 398 -13.30 21.71 -18.84
C ARG B 398 -14.38 21.65 -17.77
N GLY B 399 -14.13 22.31 -16.64
CA GLY B 399 -15.06 22.29 -15.53
C GLY B 399 -14.99 21.04 -14.68
N ARG B 400 -14.07 20.13 -14.99
CA ARG B 400 -13.92 18.87 -14.29
C ARG B 400 -12.89 19.05 -13.19
N SER B 401 -13.23 18.65 -11.97
CA SER B 401 -12.31 18.88 -10.85
C SER B 401 -11.01 18.12 -11.06
N ILE B 402 -10.01 18.48 -10.26
CA ILE B 402 -8.70 17.85 -10.40
C ILE B 402 -8.75 16.39 -9.98
N ARG B 403 -9.38 16.10 -8.85
CA ARG B 403 -9.52 14.72 -8.42
C ARG B 403 -10.36 13.92 -9.40
N GLU B 404 -11.45 14.50 -9.88
CA GLU B 404 -12.28 13.85 -10.89
C GLU B 404 -11.51 13.66 -12.19
N PHE B 405 -10.63 14.59 -12.52
CA PHE B 405 -9.85 14.47 -13.75
C PHE B 405 -8.79 13.38 -13.63
N ILE B 406 -8.07 13.36 -12.52
CA ILE B 406 -6.99 12.40 -12.35
C ILE B 406 -7.54 10.98 -12.26
N LEU B 407 -8.57 10.78 -11.45
CA LEU B 407 -9.14 9.45 -11.31
C LEU B 407 -9.73 8.97 -12.62
N GLY B 408 -10.37 9.86 -13.37
CA GLY B 408 -10.93 9.45 -14.65
C GLY B 408 -9.87 8.97 -15.62
N VAL B 409 -8.73 9.65 -15.67
CA VAL B 409 -7.66 9.27 -16.60
C VAL B 409 -6.91 8.04 -16.09
N LEU B 410 -6.55 8.04 -14.82
CA LEU B 410 -5.70 6.97 -14.29
C LEU B 410 -6.44 5.64 -14.23
N LEU B 411 -7.66 5.64 -13.69
CA LEU B 411 -8.34 4.40 -13.35
C LEU B 411 -9.13 3.80 -14.51
N VAL B 412 -10.00 4.58 -15.15
CA VAL B 412 -10.87 4.01 -16.16
C VAL B 412 -10.10 3.47 -17.36
N PRO B 413 -9.21 4.23 -18.01
CA PRO B 413 -8.39 3.64 -19.07
C PRO B 413 -7.51 2.49 -18.61
N ALA B 414 -7.06 2.50 -17.36
CA ALA B 414 -6.31 1.36 -16.85
C ALA B 414 -7.19 0.12 -16.72
N GLY B 415 -8.47 0.29 -16.43
CA GLY B 415 -9.37 -0.84 -16.35
C GLY B 415 -9.62 -1.50 -17.69
N VAL B 416 -9.80 -0.70 -18.74
CA VAL B 416 -10.05 -1.25 -20.06
C VAL B 416 -8.85 -2.05 -20.56
N SER B 417 -7.65 -1.54 -20.30
CA SER B 417 -6.45 -2.26 -20.71
C SER B 417 -6.33 -3.60 -19.98
N THR B 418 -6.65 -3.61 -18.68
CA THR B 418 -6.55 -4.85 -17.91
C THR B 418 -7.46 -5.93 -18.47
N VAL B 419 -8.68 -5.57 -18.84
CA VAL B 419 -9.60 -6.54 -19.43
C VAL B 419 -9.12 -6.95 -20.81
N TRP B 420 -8.58 -6.00 -21.58
CA TRP B 420 -8.13 -6.32 -22.94
C TRP B 420 -7.03 -7.37 -22.92
N PHE B 421 -6.01 -7.18 -22.09
CA PHE B 421 -4.86 -8.08 -22.11
C PHE B 421 -5.17 -9.43 -21.48
N SER B 422 -6.22 -9.52 -20.67
CA SER B 422 -6.64 -10.82 -20.15
C SER B 422 -7.33 -11.64 -21.22
N ILE B 423 -8.15 -11.00 -22.05
CA ILE B 423 -8.86 -11.72 -23.11
C ILE B 423 -7.90 -12.16 -24.20
N PHE B 424 -6.97 -11.30 -24.59
CA PHE B 424 -6.04 -11.61 -25.68
C PHE B 424 -4.75 -12.23 -25.17
N GLY B 425 -4.19 -11.71 -24.08
CA GLY B 425 -3.05 -12.37 -23.48
C GLY B 425 -3.41 -13.71 -22.88
N GLY B 426 -4.57 -13.79 -22.23
CA GLY B 426 -4.99 -15.06 -21.65
C GLY B 426 -5.31 -16.10 -22.71
N THR B 427 -5.94 -15.70 -23.80
CA THR B 427 -6.23 -16.63 -24.89
C THR B 427 -4.94 -17.15 -25.51
N ALA B 428 -3.97 -16.27 -25.75
CA ALA B 428 -2.72 -16.69 -26.34
C ALA B 428 -1.95 -17.61 -25.41
N ILE B 429 -1.90 -17.29 -24.12
CA ILE B 429 -1.19 -18.12 -23.16
C ILE B 429 -1.89 -19.47 -22.98
N VAL B 430 -3.23 -19.46 -23.00
CA VAL B 430 -3.97 -20.71 -22.88
C VAL B 430 -3.68 -21.62 -24.06
N PHE B 431 -3.62 -21.05 -25.27
CA PHE B 431 -3.26 -21.84 -26.43
C PHE B 431 -1.87 -22.42 -26.30
N GLU B 432 -0.92 -21.64 -25.79
CA GLU B 432 0.45 -22.14 -25.64
C GLU B 432 0.50 -23.35 -24.72
N GLN B 433 -0.22 -23.28 -23.59
CA GLN B 433 -0.25 -24.42 -22.67
C GLN B 433 -0.87 -25.64 -23.31
N ASN B 434 -1.97 -25.46 -24.04
CA ASN B 434 -2.66 -26.60 -24.64
C ASN B 434 -1.76 -27.36 -25.60
N GLY B 435 -0.98 -26.64 -26.39
CA GLY B 435 -0.13 -27.28 -27.38
C GLY B 435 -0.20 -26.55 -28.71
N GLU B 436 -1.37 -25.99 -29.02
CA GLU B 436 -1.52 -25.18 -30.22
C GLU B 436 -0.95 -23.79 -29.95
N SER B 437 0.14 -23.45 -30.63
CA SER B 437 0.83 -22.19 -30.42
C SER B 437 0.55 -21.25 -31.59
N ILE B 438 0.07 -20.04 -31.27
CA ILE B 438 -0.10 -19.01 -32.28
C ILE B 438 1.18 -18.22 -32.53
N TRP B 439 2.29 -18.62 -31.89
CA TRP B 439 3.54 -17.91 -32.07
C TRP B 439 3.96 -17.90 -33.53
N GLY B 440 3.79 -19.02 -34.22
CA GLY B 440 4.19 -19.09 -35.62
C GLY B 440 5.67 -18.85 -35.76
N ASP B 441 6.04 -17.96 -36.67
CA ASP B 441 7.46 -17.67 -36.88
C ASP B 441 8.01 -16.79 -35.76
N GLY B 442 7.18 -15.94 -35.16
CA GLY B 442 7.60 -15.07 -34.08
C GLY B 442 7.49 -13.59 -34.38
N ALA B 443 6.94 -13.18 -35.52
CA ALA B 443 6.80 -11.76 -35.82
C ALA B 443 5.62 -11.19 -35.04
N ALA B 444 5.86 -10.11 -34.31
CA ALA B 444 4.82 -9.53 -33.47
C ALA B 444 3.65 -9.00 -34.29
N GLU B 445 3.87 -8.69 -35.57
CA GLU B 445 2.80 -8.13 -36.40
C GLU B 445 1.84 -9.19 -36.92
N GLU B 446 2.13 -10.48 -36.72
CA GLU B 446 1.29 -11.55 -37.23
C GLU B 446 0.64 -12.38 -36.13
N GLN B 447 0.80 -12.00 -34.86
CA GLN B 447 0.28 -12.80 -33.77
C GLN B 447 -1.22 -12.63 -33.61
N LEU B 448 -1.73 -11.41 -33.76
CA LEU B 448 -3.15 -11.18 -33.53
C LEU B 448 -4.01 -11.96 -34.53
N PHE B 449 -3.60 -11.96 -35.80
CA PHE B 449 -4.37 -12.66 -36.82
C PHE B 449 -4.15 -14.16 -36.76
N GLY B 450 -3.01 -14.60 -36.23
CA GLY B 450 -2.85 -16.01 -35.92
C GLY B 450 -3.79 -16.45 -34.82
N LEU B 451 -4.04 -15.57 -33.85
CA LEU B 451 -5.00 -15.88 -32.79
C LEU B 451 -6.43 -15.90 -33.32
N LEU B 452 -6.81 -14.87 -34.07
CA LEU B 452 -8.19 -14.79 -34.55
C LEU B 452 -8.51 -15.96 -35.48
N HIS B 453 -7.58 -16.32 -36.35
CA HIS B 453 -7.82 -17.41 -37.29
C HIS B 453 -7.80 -18.77 -36.61
N ALA B 454 -7.40 -18.86 -35.35
CA ALA B 454 -7.46 -20.10 -34.60
C ALA B 454 -8.81 -20.33 -33.93
N LEU B 455 -9.76 -19.41 -34.08
CA LEU B 455 -11.08 -19.53 -33.51
C LEU B 455 -12.12 -19.61 -34.63
N PRO B 456 -13.27 -20.23 -34.37
CA PRO B 456 -14.34 -20.25 -35.38
C PRO B 456 -14.78 -18.83 -35.72
N GLY B 457 -15.06 -18.61 -37.00
CA GLY B 457 -15.45 -17.28 -37.44
C GLY B 457 -14.34 -16.27 -37.45
N GLY B 458 -13.08 -16.70 -37.34
CA GLY B 458 -11.99 -15.75 -37.30
C GLY B 458 -11.71 -15.09 -38.63
N GLN B 459 -12.06 -15.75 -39.73
CA GLN B 459 -11.80 -15.17 -41.05
C GLN B 459 -12.52 -13.85 -41.20
N ILE B 460 -13.84 -13.83 -40.93
CA ILE B 460 -14.59 -12.59 -41.01
C ILE B 460 -14.16 -11.64 -39.90
N MET B 461 -13.87 -12.17 -38.72
CA MET B 461 -13.48 -11.35 -37.59
C MET B 461 -12.05 -10.84 -37.70
N GLY B 462 -11.25 -11.38 -38.62
CA GLY B 462 -9.94 -10.81 -38.86
C GLY B 462 -9.98 -9.57 -39.72
N ILE B 463 -11.00 -9.44 -40.57
CA ILE B 463 -11.16 -8.23 -41.36
C ILE B 463 -11.58 -7.06 -40.48
N ILE B 464 -12.44 -7.32 -39.50
CA ILE B 464 -12.89 -6.26 -38.59
C ILE B 464 -11.79 -5.85 -37.62
N ALA B 465 -10.76 -6.66 -37.42
CA ALA B 465 -9.62 -6.23 -36.63
C ALA B 465 -8.77 -5.20 -37.37
N MET B 466 -8.63 -5.35 -38.68
CA MET B 466 -7.89 -4.37 -39.47
C MET B 466 -8.61 -3.03 -39.46
N ILE B 467 -9.93 -3.03 -39.64
CA ILE B 467 -10.70 -1.79 -39.61
C ILE B 467 -10.61 -1.15 -38.23
N LEU B 468 -10.69 -1.96 -37.17
CA LEU B 468 -10.49 -1.44 -35.83
C LEU B 468 -9.08 -0.92 -35.65
N LEU B 469 -8.10 -1.57 -36.29
CA LEU B 469 -6.72 -1.12 -36.18
C LEU B 469 -6.55 0.25 -36.82
N GLY B 470 -7.16 0.47 -37.99
CA GLY B 470 -7.08 1.78 -38.61
C GLY B 470 -7.79 2.85 -37.80
N THR B 471 -9.00 2.55 -37.34
CA THR B 471 -9.78 3.53 -36.59
C THR B 471 -9.17 3.84 -35.23
N PHE B 472 -8.26 3.01 -34.72
CA PHE B 472 -7.57 3.25 -33.44
C PHE B 472 -6.40 4.15 -33.64
N PHE B 473 -6.01 4.44 -34.83
CA PHE B 473 -4.99 5.43 -35.12
C PHE B 473 -5.59 6.76 -35.57
N ILE B 474 -6.63 6.72 -36.40
CA ILE B 474 -7.20 7.95 -36.94
C ILE B 474 -7.71 8.83 -35.80
N THR B 475 -8.34 8.22 -34.79
CA THR B 475 -8.89 9.01 -33.70
C THR B 475 -7.80 9.69 -32.88
N SER B 476 -6.56 9.20 -32.95
CA SER B 476 -5.44 9.79 -32.23
C SER B 476 -4.48 10.55 -33.13
N ALA B 477 -4.39 10.19 -34.40
CA ALA B 477 -3.53 10.93 -35.32
C ALA B 477 -4.18 12.23 -35.76
N ASP B 478 -5.51 12.26 -35.89
CA ASP B 478 -6.17 13.51 -36.27
C ASP B 478 -6.12 14.52 -35.13
N SER B 479 -6.15 14.05 -33.88
CA SER B 479 -6.00 14.94 -32.73
C SER B 479 -4.57 15.41 -32.56
N ALA B 480 -3.59 14.65 -33.05
CA ALA B 480 -2.21 15.10 -33.00
C ALA B 480 -1.96 16.23 -33.99
N SER B 481 -2.44 16.07 -35.23
CA SER B 481 -2.26 17.12 -36.22
C SER B 481 -2.94 18.41 -35.78
N THR B 482 -4.16 18.29 -35.24
CA THR B 482 -4.86 19.47 -34.76
C THR B 482 -4.10 20.15 -33.63
N VAL B 483 -3.57 19.37 -32.69
CA VAL B 483 -2.82 19.95 -31.59
C VAL B 483 -1.50 20.52 -32.07
N MET B 484 -0.86 19.85 -33.03
CA MET B 484 0.39 20.39 -33.57
C MET B 484 0.16 21.75 -34.21
N GLY B 485 -0.91 21.89 -34.99
CA GLY B 485 -1.22 23.18 -35.57
C GLY B 485 -1.47 24.24 -34.51
N THR B 486 -2.12 23.86 -33.42
CA THR B 486 -2.32 24.79 -32.31
C THR B 486 -1.00 25.24 -31.73
N MET B 487 -0.02 24.34 -31.62
CA MET B 487 1.27 24.70 -31.07
C MET B 487 2.05 25.62 -31.99
N SER B 488 1.61 25.80 -33.23
CA SER B 488 2.22 26.72 -34.18
C SER B 488 1.34 27.93 -34.47
N GLN B 489 0.26 28.11 -33.73
CA GLN B 489 -0.60 29.28 -33.83
C GLN B 489 -0.63 30.09 -32.53
N HIS B 490 0.42 29.98 -31.72
CA HIS B 490 0.45 30.63 -30.41
C HIS B 490 -0.72 30.18 -29.55
N GLY B 491 -1.15 28.93 -29.70
CA GLY B 491 -2.22 28.39 -28.88
C GLY B 491 -3.61 28.57 -29.42
N GLN B 492 -3.75 28.87 -30.71
CA GLN B 492 -5.09 29.02 -31.28
C GLN B 492 -5.76 27.65 -31.40
N LEU B 493 -6.96 27.53 -30.84
CA LEU B 493 -7.64 26.23 -30.86
C LEU B 493 -7.92 25.77 -32.29
N GLU B 494 -8.39 26.68 -33.14
CA GLU B 494 -8.63 26.39 -34.55
C GLU B 494 -7.44 26.90 -35.35
N ALA B 495 -6.58 25.98 -35.78
CA ALA B 495 -5.36 26.34 -36.48
C ALA B 495 -5.57 26.24 -37.99
N ASN B 496 -4.54 26.63 -38.74
CA ASN B 496 -4.62 26.58 -40.19
C ASN B 496 -4.81 25.14 -40.67
N LYS B 497 -5.58 24.98 -41.74
CA LYS B 497 -5.76 23.65 -42.32
C LYS B 497 -4.47 23.18 -42.97
N TRP B 498 -3.71 24.09 -43.59
CA TRP B 498 -2.47 23.73 -44.24
C TRP B 498 -1.31 23.56 -43.27
N VAL B 499 -1.45 24.04 -42.04
CA VAL B 499 -0.48 23.70 -40.99
C VAL B 499 -0.86 22.40 -40.31
N THR B 500 -2.15 22.17 -40.10
CA THR B 500 -2.60 20.88 -39.60
C THR B 500 -2.28 19.77 -40.58
N ALA B 501 -2.55 20.00 -41.87
CA ALA B 501 -2.29 18.98 -42.88
C ALA B 501 -0.80 18.79 -43.11
N ALA B 502 -0.02 19.87 -43.04
CA ALA B 502 1.42 19.75 -43.22
C ALA B 502 2.04 18.91 -42.12
N TRP B 503 1.56 19.07 -40.87
CA TRP B 503 2.11 18.29 -39.77
C TRP B 503 1.69 16.83 -39.85
N GLY B 504 0.52 16.55 -40.42
CA GLY B 504 0.14 15.17 -40.65
C GLY B 504 1.01 14.49 -41.69
N VAL B 505 1.36 15.21 -42.75
CA VAL B 505 2.26 14.66 -43.76
C VAL B 505 3.65 14.43 -43.17
N ALA B 506 4.09 15.32 -42.27
CA ALA B 506 5.38 15.13 -41.63
C ALA B 506 5.42 13.85 -40.81
N THR B 507 4.33 13.54 -40.11
CA THR B 507 4.27 12.30 -39.34
C THR B 507 4.37 11.08 -40.24
N ALA B 508 3.71 11.12 -41.39
CA ALA B 508 3.78 9.99 -42.32
C ALA B 508 5.16 9.86 -42.95
N ALA B 509 5.84 10.98 -43.21
CA ALA B 509 7.17 10.91 -43.80
C ALA B 509 8.15 10.21 -42.87
N ILE B 510 8.12 10.55 -41.58
CA ILE B 510 9.02 9.91 -40.63
C ILE B 510 8.61 8.46 -40.39
N GLY B 511 7.31 8.20 -40.26
CA GLY B 511 6.87 6.84 -40.08
C GLY B 511 7.32 5.94 -41.21
N LEU B 512 7.26 6.45 -42.45
CA LEU B 512 7.76 5.69 -43.59
C LEU B 512 9.28 5.53 -43.52
N THR B 513 9.98 6.59 -43.17
CA THR B 513 11.44 6.55 -43.18
C THR B 513 11.98 5.51 -42.20
N LEU B 514 11.28 5.27 -41.10
CA LEU B 514 11.74 4.31 -40.11
C LEU B 514 11.36 2.88 -40.46
N LEU B 515 10.52 2.66 -41.45
CA LEU B 515 10.20 1.31 -41.92
C LEU B 515 11.13 0.89 -43.05
N LEU B 516 11.32 1.76 -44.04
CA LEU B 516 12.20 1.42 -45.16
C LEU B 516 13.66 1.37 -44.73
N SER B 517 14.05 2.22 -43.78
CA SER B 517 15.43 2.19 -43.30
C SER B 517 15.72 0.90 -42.55
N GLY B 518 14.79 0.44 -41.72
CA GLY B 518 15.05 -0.73 -40.89
C GLY B 518 15.22 -2.00 -41.69
N GLY B 519 14.39 -2.20 -42.71
CA GLY B 519 14.41 -3.43 -43.47
C GLY B 519 13.78 -4.59 -42.72
N ASP B 520 14.54 -5.67 -42.52
CA ASP B 520 14.02 -6.78 -41.72
C ASP B 520 13.77 -6.35 -40.29
N ASN B 521 14.69 -5.59 -39.70
CA ASN B 521 14.55 -5.09 -38.34
C ASN B 521 13.86 -3.73 -38.34
N ALA B 522 12.67 -3.70 -38.94
CA ALA B 522 11.89 -2.47 -38.97
C ALA B 522 11.44 -2.07 -37.57
N LEU B 523 11.03 -3.04 -36.75
CA LEU B 523 10.57 -2.74 -35.40
C LEU B 523 11.69 -2.18 -34.55
N SER B 524 12.90 -2.71 -34.69
CA SER B 524 14.02 -2.23 -33.88
C SER B 524 14.35 -0.78 -34.20
N ASN B 525 14.29 -0.40 -35.48
CA ASN B 525 14.61 0.97 -35.87
C ASN B 525 13.54 1.95 -35.40
N LEU B 526 12.29 1.49 -35.31
CA LEU B 526 11.22 2.37 -34.82
C LEU B 526 11.35 2.61 -33.33
N GLN B 527 11.80 1.61 -32.58
CA GLN B 527 11.95 1.76 -31.14
C GLN B 527 13.18 2.58 -30.76
N ASN B 528 14.27 2.47 -31.53
CA ASN B 528 15.47 3.24 -31.22
C ASN B 528 15.23 4.74 -31.38
N VAL B 529 14.54 5.13 -32.46
CA VAL B 529 14.33 6.55 -32.73
C VAL B 529 13.37 7.16 -31.72
N THR B 530 12.33 6.41 -31.33
CA THR B 530 11.36 6.94 -30.39
C THR B 530 11.99 7.21 -29.03
N ILE B 531 12.90 6.35 -28.59
CA ILE B 531 13.56 6.57 -27.32
C ILE B 531 14.44 7.81 -27.37
N VAL B 532 15.12 8.02 -28.49
CA VAL B 532 15.99 9.18 -28.64
C VAL B 532 15.16 10.46 -28.74
N ALA B 533 14.12 10.44 -29.56
CA ALA B 533 13.31 11.64 -29.74
C ALA B 533 12.57 12.02 -28.47
N ALA B 534 12.20 11.05 -27.65
CA ALA B 534 11.42 11.28 -26.44
C ALA B 534 12.28 11.47 -25.20
N THR B 535 13.61 11.55 -25.34
CA THR B 535 14.49 11.76 -24.22
C THR B 535 14.51 13.25 -23.85
N PRO B 536 14.62 14.16 -24.81
CA PRO B 536 14.53 15.59 -24.45
C PRO B 536 13.25 15.94 -23.72
N PHE B 537 12.12 15.36 -24.11
CA PHE B 537 10.85 15.68 -23.47
C PHE B 537 10.67 14.96 -22.14
N LEU B 538 11.48 13.95 -21.83
CA LEU B 538 11.39 13.33 -20.52
C LEU B 538 11.64 14.35 -19.42
N PHE B 539 12.51 15.32 -19.68
CA PHE B 539 12.81 16.36 -18.70
C PHE B 539 11.77 17.48 -18.70
N VAL B 540 11.05 17.67 -19.81
CA VAL B 540 9.95 18.62 -19.81
C VAL B 540 8.82 18.11 -18.93
N VAL B 541 8.56 16.80 -18.96
CA VAL B 541 7.54 16.23 -18.08
C VAL B 541 7.99 16.27 -16.64
N ILE B 542 9.29 16.07 -16.39
CA ILE B 542 9.80 16.19 -15.02
C ILE B 542 9.66 17.63 -14.54
N GLY B 543 9.82 18.60 -15.44
CA GLY B 543 9.67 19.99 -15.06
C GLY B 543 8.22 20.42 -14.95
N LEU B 544 7.32 19.78 -15.69
CA LEU B 544 5.91 20.11 -15.59
C LEU B 544 5.35 19.78 -14.22
N MET B 545 5.89 18.75 -13.57
CA MET B 545 5.45 18.37 -12.24
C MET B 545 6.09 19.21 -11.15
N PHE B 546 7.00 20.10 -11.49
CA PHE B 546 7.53 21.12 -10.58
C PHE B 546 6.81 22.44 -10.74
N ALA B 547 6.42 22.80 -11.96
CA ALA B 547 5.64 24.00 -12.21
C ALA B 547 4.16 23.79 -11.92
N LEU B 548 3.71 22.54 -11.82
CA LEU B 548 2.31 22.28 -11.52
C LEU B 548 1.99 22.58 -10.07
N VAL B 549 2.84 22.14 -9.14
CA VAL B 549 2.56 22.38 -7.73
C VAL B 549 2.64 23.86 -7.41
N LYS B 550 3.57 24.57 -8.05
CA LYS B 550 3.62 26.02 -7.87
C LYS B 550 2.39 26.69 -8.46
N ASP B 551 1.90 26.23 -9.57
CA ASP B 551 0.72 26.79 -10.12
C ASP B 551 -0.42 26.54 -9.19
N LEU B 552 -0.61 25.28 -8.76
CA LEU B 552 -1.71 24.96 -7.87
C LEU B 552 -1.60 25.70 -6.56
N SER B 553 -0.39 25.77 -6.00
CA SER B 553 -0.22 26.43 -4.70
C SER B 553 -0.61 27.90 -4.79
N ASN B 554 -0.20 28.58 -5.84
CA ASN B 554 -0.52 29.99 -6.03
C ASN B 554 -1.90 30.17 -6.67
N ASP B 555 -2.91 29.57 -6.07
CA ASP B 555 -4.27 29.71 -6.56
C ASP B 555 -4.98 30.83 -5.80
N VAL B 556 -6.03 31.37 -6.41
CA VAL B 556 -6.73 32.50 -5.80
C VAL B 556 -7.33 32.09 -4.46
N ILE B 557 -7.87 30.88 -4.38
CA ILE B 557 -8.54 30.44 -3.15
C ILE B 557 -7.54 30.31 -2.02
N TYR B 558 -6.31 29.88 -2.31
CA TYR B 558 -5.28 29.74 -1.29
C TYR B 558 -4.43 30.99 -1.11
N LEU B 559 -4.56 31.97 -2.00
CA LEU B 559 -3.69 33.14 -1.93
C LEU B 559 -3.90 33.92 -0.63
N GLU B 560 -5.16 34.12 -0.23
CA GLU B 560 -5.43 34.91 0.97
C GLU B 560 -4.84 34.25 2.21
N TYR B 561 -4.95 32.93 2.33
CA TYR B 561 -4.43 32.24 3.51
C TYR B 561 -2.91 32.23 3.51
N ARG B 562 -2.29 32.12 2.33
CA ARG B 562 -0.84 32.11 2.26
C ARG B 562 -0.24 33.41 2.74
N GLU B 563 -0.85 34.54 2.36
CA GLU B 563 -0.31 35.84 2.74
C GLU B 563 -0.27 36.01 4.24
N GLN B 564 -1.33 35.58 4.94
CA GLN B 564 -1.34 35.68 6.39
C GLN B 564 -0.26 34.80 7.01
N GLN B 565 -0.09 33.57 6.48
CA GLN B 565 0.90 32.68 7.06
C GLN B 565 2.31 33.19 6.84
N ARG B 566 2.61 33.69 5.65
CA ARG B 566 3.92 34.31 5.42
C ARG B 566 4.12 35.53 6.30
N PHE B 567 3.08 36.35 6.43
CA PHE B 567 3.18 37.55 7.24
C PHE B 567 3.43 37.21 8.70
N ASN B 568 2.70 36.22 9.23
CA ASN B 568 2.92 35.80 10.61
C ASN B 568 4.29 35.17 10.78
N ALA B 569 4.73 34.36 9.81
CA ALA B 569 6.01 33.69 9.91
C ALA B 569 7.15 34.69 10.00
N ARG B 570 7.07 35.77 9.22
CA ARG B 570 8.12 36.78 9.25
C ARG B 570 8.23 37.43 10.62
N LEU B 571 7.08 37.74 11.25
CA LEU B 571 7.10 38.33 12.58
C LEU B 571 7.69 37.35 13.60
N ALA B 572 7.27 36.09 13.55
CA ALA B 572 7.80 35.10 14.47
C ALA B 572 9.30 34.91 14.28
N ARG B 573 9.75 34.86 13.02
CA ARG B 573 11.17 34.74 12.76
C ARG B 573 11.93 35.97 13.23
N GLU B 574 11.39 37.16 12.97
CA GLU B 574 12.04 38.38 13.43
C GLU B 574 12.04 38.45 14.96
N ARG B 575 10.94 38.02 15.59
CA ARG B 575 10.91 38.01 17.04
C ARG B 575 11.97 37.08 17.62
N ARG B 576 12.17 35.91 16.98
CA ARG B 576 13.17 34.97 17.49
C ARG B 576 14.58 35.55 17.38
N VAL B 577 14.92 36.13 16.22
CA VAL B 577 16.28 36.61 16.03
C VAL B 577 16.57 37.78 16.96
N HIS B 578 15.59 38.65 17.18
CA HIS B 578 15.79 39.73 18.14
C HIS B 578 16.02 39.17 19.55
N ASN B 579 15.20 38.21 19.95
CA ASN B 579 15.36 37.61 21.27
C ASN B 579 16.74 36.95 21.40
N GLU B 580 17.21 36.31 20.34
CA GLU B 580 18.56 35.74 20.37
C GLU B 580 19.61 36.82 20.56
N HIS B 581 19.44 37.96 19.87
CA HIS B 581 20.38 39.06 20.05
C HIS B 581 20.34 39.59 21.47
N ARG B 582 19.15 39.75 22.04
CA ARG B 582 19.05 40.25 23.42
C ARG B 582 19.72 39.30 24.39
N LYS B 583 19.54 37.99 24.19
CA LYS B 583 20.23 37.02 25.03
C LYS B 583 21.70 36.91 24.68
N ARG B 584 22.05 37.15 23.41
CA ARG B 584 23.44 37.01 22.99
C ARG B 584 24.35 37.99 23.73
N GLU B 585 23.91 39.25 23.86
CA GLU B 585 24.79 40.27 24.41
C GLU B 585 25.21 39.93 25.84
N LEU B 586 24.25 39.65 26.71
CA LEU B 586 24.53 39.32 28.09
C LEU B 586 23.35 38.57 28.71
N ALA C 64 -47.22 -7.83 10.16
CA ALA C 64 -47.77 -8.83 11.11
C ALA C 64 -48.04 -10.15 10.40
N SER C 65 -48.34 -10.08 9.10
CA SER C 65 -48.56 -11.29 8.32
C SER C 65 -47.24 -12.06 8.17
N LEU C 66 -47.37 -13.36 7.89
CA LEU C 66 -46.22 -14.25 7.83
C LEU C 66 -45.63 -14.39 6.45
N ASN C 67 -46.14 -13.69 5.44
CA ASN C 67 -45.58 -13.73 4.09
C ASN C 67 -45.37 -15.17 3.64
N TRP C 68 -46.49 -15.89 3.52
CA TRP C 68 -46.44 -17.31 3.19
C TRP C 68 -45.81 -17.56 1.83
N SER C 69 -45.77 -16.54 0.96
CA SER C 69 -45.19 -16.72 -0.35
C SER C 69 -43.66 -16.74 -0.33
N VAL C 70 -43.05 -16.41 0.81
CA VAL C 70 -41.61 -16.53 0.98
C VAL C 70 -41.26 -17.73 1.86
N ILE C 71 -42.11 -18.05 2.84
CA ILE C 71 -41.85 -19.20 3.69
C ILE C 71 -41.91 -20.49 2.89
N VAL C 72 -42.95 -20.63 2.06
CA VAL C 72 -43.15 -21.90 1.35
C VAL C 72 -41.99 -22.23 0.44
N PRO C 73 -41.55 -21.35 -0.47
CA PRO C 73 -40.41 -21.71 -1.32
C PRO C 73 -39.17 -22.06 -0.53
N ALA C 74 -38.93 -21.39 0.60
CA ALA C 74 -37.78 -21.75 1.44
C ALA C 74 -37.95 -23.15 2.01
N LEU C 75 -39.14 -23.48 2.50
CA LEU C 75 -39.36 -24.80 3.10
C LEU C 75 -39.19 -25.91 2.07
N VAL C 76 -39.69 -25.69 0.85
CA VAL C 76 -39.62 -26.74 -0.16
C VAL C 76 -38.17 -27.11 -0.45
N ILE C 77 -37.29 -26.11 -0.56
CA ILE C 77 -35.88 -26.40 -0.77
C ILE C 77 -35.28 -27.06 0.47
N VAL C 78 -35.67 -26.59 1.65
CA VAL C 78 -35.14 -27.17 2.88
C VAL C 78 -35.68 -28.58 3.09
N LEU C 79 -36.98 -28.78 2.86
CA LEU C 79 -37.59 -30.09 3.08
C LEU C 79 -37.12 -31.09 2.03
N ALA C 80 -37.00 -30.67 0.78
CA ALA C 80 -36.54 -31.57 -0.26
C ALA C 80 -35.14 -32.09 0.05
N THR C 81 -34.28 -31.23 0.59
CA THR C 81 -32.93 -31.65 0.94
C THR C 81 -32.94 -32.68 2.07
N VAL C 82 -33.80 -32.48 3.08
CA VAL C 82 -33.86 -33.41 4.19
C VAL C 82 -34.32 -34.78 3.71
N VAL C 83 -35.35 -34.82 2.87
CA VAL C 83 -35.83 -36.09 2.34
C VAL C 83 -34.79 -36.70 1.40
N TRP C 84 -34.16 -35.87 0.57
CA TRP C 84 -33.20 -36.37 -0.40
C TRP C 84 -31.98 -36.95 0.30
N GLY C 85 -31.41 -36.22 1.26
CA GLY C 85 -30.22 -36.71 1.94
C GLY C 85 -30.50 -37.94 2.79
N ILE C 86 -31.59 -37.91 3.55
CA ILE C 86 -31.94 -39.04 4.39
C ILE C 86 -32.46 -40.20 3.54
N GLY C 87 -33.28 -39.91 2.55
CA GLY C 87 -33.85 -40.94 1.70
C GLY C 87 -32.79 -41.66 0.88
N PHE C 88 -32.07 -40.92 0.04
CA PHE C 88 -31.09 -41.47 -0.88
C PHE C 88 -29.73 -40.82 -0.60
N LYS C 89 -28.99 -41.41 0.33
CA LYS C 89 -27.68 -40.84 0.66
C LYS C 89 -26.74 -40.87 -0.54
N ASP C 90 -26.73 -41.98 -1.28
CA ASP C 90 -25.82 -42.09 -2.42
C ASP C 90 -26.13 -41.04 -3.48
N SER C 91 -27.41 -40.85 -3.81
CA SER C 91 -27.76 -39.84 -4.79
C SER C 91 -27.41 -38.45 -4.30
N PHE C 92 -27.68 -38.15 -3.03
CA PHE C 92 -27.39 -36.84 -2.50
C PHE C 92 -25.90 -36.54 -2.54
N THR C 93 -25.09 -37.51 -2.09
CA THR C 93 -23.64 -37.29 -2.09
C THR C 93 -23.12 -37.14 -3.51
N ASN C 94 -23.63 -37.94 -4.44
CA ASN C 94 -23.17 -37.84 -5.83
C ASN C 94 -23.55 -36.50 -6.44
N PHE C 95 -24.75 -36.00 -6.14
CA PHE C 95 -25.16 -34.70 -6.67
C PHE C 95 -24.30 -33.59 -6.09
N ALA C 96 -24.01 -33.66 -4.79
CA ALA C 96 -23.21 -32.61 -4.16
C ALA C 96 -21.82 -32.51 -4.81
N SER C 97 -21.20 -33.65 -5.07
CA SER C 97 -19.90 -33.64 -5.73
C SER C 97 -20.01 -33.08 -7.15
N SER C 98 -21.04 -33.49 -7.88
CA SER C 98 -21.20 -32.99 -9.25
C SER C 98 -21.50 -31.49 -9.25
N ALA C 99 -22.39 -31.04 -8.36
CA ALA C 99 -22.69 -29.61 -8.29
C ALA C 99 -21.50 -28.81 -7.82
N LEU C 100 -20.75 -29.34 -6.85
CA LEU C 100 -19.57 -28.62 -6.36
C LEU C 100 -18.56 -28.39 -7.46
N SER C 101 -18.28 -29.40 -8.28
CA SER C 101 -17.37 -29.22 -9.39
C SER C 101 -17.93 -28.23 -10.41
N ALA C 102 -19.23 -28.28 -10.66
CA ALA C 102 -19.82 -27.38 -11.64
C ALA C 102 -19.72 -25.93 -11.21
N VAL C 103 -19.89 -25.66 -9.92
CA VAL C 103 -19.84 -24.28 -9.44
C VAL C 103 -18.41 -23.81 -9.27
N VAL C 104 -17.52 -24.66 -8.73
CA VAL C 104 -16.14 -24.22 -8.50
C VAL C 104 -15.45 -23.90 -9.82
N ASP C 105 -15.65 -24.74 -10.84
CA ASP C 105 -15.01 -24.47 -12.12
C ASP C 105 -15.58 -23.22 -12.78
N ASN C 106 -16.90 -23.12 -12.89
CA ASN C 106 -17.49 -22.03 -13.63
C ASN C 106 -17.50 -20.73 -12.84
N LEU C 107 -17.70 -20.81 -11.52
CA LEU C 107 -17.85 -19.62 -10.68
C LEU C 107 -16.76 -19.52 -9.61
N GLY C 108 -15.67 -20.26 -9.77
CA GLY C 108 -14.57 -20.12 -8.82
C GLY C 108 -13.97 -18.72 -8.85
N TRP C 109 -13.82 -18.16 -10.05
CA TRP C 109 -13.29 -16.81 -10.19
C TRP C 109 -14.21 -15.78 -9.53
N ALA C 110 -15.52 -16.01 -9.54
CA ALA C 110 -16.45 -15.05 -8.97
C ALA C 110 -16.25 -14.90 -7.47
N PHE C 111 -16.05 -16.02 -6.77
CA PHE C 111 -15.77 -15.95 -5.34
C PHE C 111 -14.45 -15.25 -5.09
N ILE C 112 -13.44 -15.52 -5.92
CA ILE C 112 -12.11 -14.97 -5.69
C ILE C 112 -12.04 -13.54 -6.22
N LEU C 113 -12.53 -13.29 -7.43
CA LEU C 113 -12.46 -11.95 -7.99
C LEU C 113 -13.22 -10.95 -7.14
N PHE C 114 -14.44 -11.31 -6.72
CA PHE C 114 -15.28 -10.42 -5.95
C PHE C 114 -15.08 -10.58 -4.45
N GLY C 115 -14.29 -11.55 -4.02
CA GLY C 115 -13.93 -11.61 -2.61
C GLY C 115 -13.06 -10.44 -2.21
N THR C 116 -12.17 -10.01 -3.10
CA THR C 116 -11.27 -8.90 -2.84
C THR C 116 -11.90 -7.54 -3.16
N VAL C 117 -12.88 -7.50 -4.06
CA VAL C 117 -13.58 -6.25 -4.34
C VAL C 117 -14.35 -5.80 -3.10
N PHE C 118 -14.81 -6.74 -2.27
CA PHE C 118 -15.52 -6.36 -1.04
C PHE C 118 -14.59 -5.63 -0.09
N VAL C 119 -13.34 -6.07 0.03
CA VAL C 119 -12.39 -5.39 0.90
C VAL C 119 -12.07 -4.01 0.36
N PHE C 120 -11.82 -3.90 -0.94
CA PHE C 120 -11.55 -2.60 -1.55
C PHE C 120 -12.78 -1.70 -1.44
N PHE C 121 -13.96 -2.23 -1.74
CA PHE C 121 -15.16 -1.40 -1.77
C PHE C 121 -15.47 -0.83 -0.40
N ILE C 122 -15.29 -1.58 0.66
CA ILE C 122 -15.68 -1.11 1.99
C ILE C 122 -14.71 -0.06 2.48
N VAL C 123 -13.43 -0.24 2.30
CA VAL C 123 -12.45 0.77 2.69
C VAL C 123 -12.64 2.06 1.93
N VAL C 124 -12.88 2.01 0.64
CA VAL C 124 -13.15 3.20 -0.10
C VAL C 124 -14.37 3.88 0.43
N ILE C 125 -15.46 3.19 0.74
CA ILE C 125 -16.63 3.83 1.32
C ILE C 125 -16.35 4.44 2.70
N ALA C 126 -15.61 3.83 3.58
CA ALA C 126 -15.28 4.47 4.83
C ALA C 126 -14.45 5.72 4.58
N ALA C 127 -13.50 5.69 3.66
CA ALA C 127 -12.67 6.85 3.25
C ALA C 127 -13.47 7.95 2.65
N SER C 128 -14.47 7.63 1.89
CA SER C 128 -15.25 8.57 1.15
C SER C 128 -16.08 9.39 2.05
N LYS C 129 -16.74 10.40 1.49
CA LYS C 129 -17.53 11.32 2.27
C LYS C 129 -18.58 10.63 3.03
N PHE C 130 -18.96 9.46 2.54
CA PHE C 130 -20.04 8.73 3.12
C PHE C 130 -19.64 8.26 4.47
N GLY C 131 -18.38 8.30 4.79
CA GLY C 131 -17.93 7.79 6.04
C GLY C 131 -18.51 8.53 7.19
N THR C 132 -18.90 9.75 7.00
CA THR C 132 -19.39 10.54 8.12
C THR C 132 -20.91 10.45 8.30
N ILE C 133 -21.63 9.86 7.34
CA ILE C 133 -23.07 9.80 7.42
C ILE C 133 -23.36 8.98 8.63
N ARG C 134 -24.37 9.34 9.41
CA ARG C 134 -24.66 8.63 10.64
C ARG C 134 -25.85 7.79 10.39
N LEU C 135 -25.80 6.55 10.81
CA LEU C 135 -26.88 5.61 10.55
C LEU C 135 -28.04 5.90 11.48
N GLY C 136 -28.91 6.81 11.08
CA GLY C 136 -30.01 7.28 11.87
C GLY C 136 -30.25 8.75 11.58
N ARG C 137 -30.91 9.42 12.52
CA ARG C 137 -31.13 10.85 12.38
C ARG C 137 -29.84 11.61 12.61
N ILE C 138 -29.74 12.80 12.00
CA ILE C 138 -28.59 13.66 12.22
C ILE C 138 -28.45 13.91 13.72
N ASP C 139 -27.21 13.93 14.20
CA ASP C 139 -26.93 14.19 15.61
C ASP C 139 -27.56 13.12 16.50
N GLU C 140 -27.50 11.86 16.07
CA GLU C 140 -27.89 10.75 16.90
C GLU C 140 -26.68 10.18 17.62
N ALA C 141 -26.93 9.35 18.63
CA ALA C 141 -25.86 8.70 19.36
C ALA C 141 -26.16 7.21 19.50
N PRO C 142 -25.11 6.38 19.57
CA PRO C 142 -25.33 4.94 19.66
C PRO C 142 -26.01 4.53 20.95
N GLU C 143 -26.68 3.38 20.89
CA GLU C 143 -27.42 2.86 22.03
C GLU C 143 -26.58 1.96 22.93
N PHE C 144 -25.52 1.36 22.40
CA PHE C 144 -24.66 0.47 23.16
C PHE C 144 -23.27 1.08 23.32
N ARG C 145 -22.65 0.81 24.46
CA ARG C 145 -21.28 1.24 24.66
C ARG C 145 -20.36 0.53 23.67
N THR C 146 -19.27 1.20 23.32
CA THR C 146 -18.40 0.67 22.26
C THR C 146 -17.90 -0.72 22.61
N VAL C 147 -17.61 -0.98 23.88
CA VAL C 147 -17.13 -2.30 24.27
C VAL C 147 -18.26 -3.32 24.17
N SER C 148 -19.48 -2.93 24.55
CA SER C 148 -20.60 -3.85 24.47
C SER C 148 -21.08 -4.03 23.04
N TRP C 149 -20.92 -3.01 22.20
CA TRP C 149 -21.26 -3.15 20.80
C TRP C 149 -20.28 -4.05 20.07
N ILE C 150 -18.99 -3.92 20.38
CA ILE C 150 -17.98 -4.78 19.79
C ILE C 150 -18.17 -6.22 20.23
N SER C 151 -18.45 -6.43 21.52
CA SER C 151 -18.56 -7.79 22.03
C SER C 151 -19.70 -8.56 21.38
N MET C 152 -20.77 -7.87 20.99
CA MET C 152 -21.92 -8.53 20.40
C MET C 152 -21.81 -8.71 18.90
N MET C 153 -20.93 -7.94 18.24
CA MET C 153 -20.70 -8.17 16.82
C MET C 153 -19.82 -9.40 16.59
N PHE C 154 -18.81 -9.60 17.44
CA PHE C 154 -17.94 -10.75 17.27
C PHE C 154 -18.66 -12.04 17.66
N ALA C 155 -19.34 -12.03 18.80
CA ALA C 155 -19.99 -13.25 19.28
C ALA C 155 -21.05 -13.73 18.29
N ALA C 156 -21.83 -12.79 17.75
CA ALA C 156 -22.87 -13.15 16.79
C ALA C 156 -22.31 -13.44 15.40
N GLY C 157 -21.19 -12.82 15.04
CA GLY C 157 -20.64 -13.00 13.71
C GLY C 157 -19.74 -14.21 13.56
N MET C 158 -19.21 -14.73 14.66
CA MET C 158 -18.32 -15.88 14.65
C MET C 158 -19.02 -17.07 15.28
N GLY C 159 -19.11 -18.16 14.53
CA GLY C 159 -19.66 -19.40 15.06
C GLY C 159 -18.57 -20.29 15.59
N ILE C 160 -18.47 -21.51 15.04
CA ILE C 160 -17.49 -22.49 15.50
C ILE C 160 -16.21 -22.42 14.69
N GLY C 161 -16.06 -21.43 13.80
CA GLY C 161 -14.92 -21.42 12.91
C GLY C 161 -13.60 -21.38 13.64
N LEU C 162 -13.48 -20.51 14.64
CA LEU C 162 -12.21 -20.39 15.34
C LEU C 162 -11.90 -21.63 16.15
N MET C 163 -12.92 -22.24 16.77
CA MET C 163 -12.69 -23.45 17.55
C MET C 163 -12.32 -24.62 16.64
N PHE C 164 -13.05 -24.81 15.56
CA PHE C 164 -12.78 -25.94 14.66
C PHE C 164 -11.43 -25.78 13.98
N TYR C 165 -11.18 -24.63 13.37
CA TYR C 165 -10.00 -24.40 12.55
C TYR C 165 -8.90 -23.64 13.28
N GLY C 166 -9.01 -23.49 14.59
CA GLY C 166 -7.97 -22.79 15.32
C GLY C 166 -6.61 -23.46 15.23
N THR C 167 -6.60 -24.80 15.21
CA THR C 167 -5.37 -25.57 15.09
C THR C 167 -5.25 -26.36 13.81
N THR C 168 -6.37 -26.69 13.16
CA THR C 168 -6.32 -27.53 11.97
C THR C 168 -5.79 -26.76 10.76
N GLU C 169 -6.16 -25.48 10.63
CA GLU C 169 -5.79 -24.75 9.41
C GLU C 169 -4.32 -24.39 9.41
N PRO C 170 -3.79 -23.65 10.39
CA PRO C 170 -2.36 -23.34 10.35
C PRO C 170 -1.47 -24.57 10.37
N LEU C 171 -1.91 -25.64 11.02
CA LEU C 171 -1.11 -26.86 11.07
C LEU C 171 -1.18 -27.64 9.76
N THR C 172 -2.31 -27.60 9.07
CA THR C 172 -2.42 -28.29 7.78
C THR C 172 -1.51 -27.68 6.74
N PHE C 173 -1.41 -26.36 6.71
CA PHE C 173 -0.58 -25.69 5.71
C PHE C 173 0.90 -25.82 6.03
N TYR C 174 1.25 -25.92 7.31
CA TYR C 174 2.65 -26.16 7.67
C TYR C 174 3.11 -27.51 7.14
N ARG C 175 2.27 -28.54 7.25
CA ARG C 175 2.67 -29.88 6.84
C ARG C 175 2.56 -30.05 5.33
N ASN C 176 1.43 -29.66 4.75
CA ASN C 176 1.17 -29.92 3.34
C ASN C 176 1.54 -28.78 2.41
N GLY C 177 1.74 -27.58 2.93
CA GLY C 177 2.01 -26.43 2.10
C GLY C 177 0.75 -25.93 1.41
N VAL C 178 0.93 -24.89 0.60
CA VAL C 178 -0.19 -24.28 -0.10
C VAL C 178 0.18 -24.15 -1.57
N PRO C 179 -0.81 -24.02 -2.46
CA PRO C 179 -0.49 -23.89 -3.89
C PRO C 179 0.50 -22.79 -4.19
N GLY C 180 1.64 -23.16 -4.78
CA GLY C 180 2.66 -22.21 -5.15
C GLY C 180 3.75 -22.00 -4.12
N HIS C 181 3.73 -22.72 -3.00
CA HIS C 181 4.74 -22.57 -1.97
C HIS C 181 5.16 -23.93 -1.44
N ASP C 182 6.38 -24.00 -0.93
CA ASP C 182 6.90 -25.22 -0.34
C ASP C 182 6.28 -25.44 1.03
N GLU C 183 6.33 -26.70 1.47
CA GLU C 183 5.76 -27.08 2.75
C GLU C 183 6.72 -26.73 3.88
N HIS C 184 6.28 -26.97 5.12
CA HIS C 184 7.08 -26.68 6.30
C HIS C 184 7.56 -25.23 6.32
N ASN C 185 6.65 -24.32 6.00
CA ASN C 185 6.92 -22.89 6.00
C ASN C 185 5.98 -22.22 6.99
N VAL C 186 6.51 -21.81 8.15
CA VAL C 186 5.66 -21.18 9.15
C VAL C 186 5.17 -19.83 8.68
N GLY C 187 5.92 -19.17 7.80
CA GLY C 187 5.51 -17.85 7.35
C GLY C 187 4.21 -17.88 6.57
N VAL C 188 4.09 -18.82 5.63
CA VAL C 188 2.87 -18.87 4.81
C VAL C 188 1.77 -19.70 5.46
N ALA C 189 2.11 -20.58 6.40
CA ALA C 189 1.07 -21.29 7.14
C ALA C 189 0.21 -20.31 7.94
N MET C 190 0.84 -19.33 8.57
CA MET C 190 0.13 -18.33 9.35
C MET C 190 -0.39 -17.18 8.51
N SER C 191 0.38 -16.75 7.51
CA SER C 191 -0.08 -15.65 6.66
C SER C 191 -1.32 -16.04 5.87
N THR C 192 -1.36 -17.27 5.34
CA THR C 192 -2.53 -17.73 4.63
C THR C 192 -3.68 -18.10 5.55
N THR C 193 -3.39 -18.36 6.83
CA THR C 193 -4.45 -18.63 7.79
C THR C 193 -5.20 -17.35 8.15
N MET C 194 -4.48 -16.24 8.28
CA MET C 194 -5.11 -14.95 8.54
C MET C 194 -5.77 -14.37 7.30
N PHE C 195 -5.45 -14.87 6.11
CA PHE C 195 -6.15 -14.43 4.92
C PHE C 195 -7.62 -14.81 5.00
N HIS C 196 -7.90 -15.99 5.51
CA HIS C 196 -9.25 -16.55 5.54
C HIS C 196 -10.06 -16.09 6.74
N TRP C 197 -9.49 -15.32 7.65
CA TRP C 197 -10.16 -15.04 8.91
C TRP C 197 -10.06 -13.61 9.41
N THR C 198 -9.48 -12.67 8.65
CA THR C 198 -9.27 -11.31 9.15
C THR C 198 -10.05 -10.24 8.41
N LEU C 199 -9.83 -10.06 7.10
CA LEU C 199 -10.38 -8.92 6.39
C LEU C 199 -11.34 -9.32 5.29
N HIS C 200 -11.00 -10.31 4.46
CA HIS C 200 -11.93 -10.76 3.44
C HIS C 200 -13.24 -11.26 4.02
N PRO C 201 -13.25 -12.08 5.07
CA PRO C 201 -14.52 -12.53 5.64
C PRO C 201 -15.34 -11.43 6.28
N TRP C 202 -14.73 -10.64 7.16
CA TRP C 202 -15.45 -9.61 7.88
C TRP C 202 -15.84 -8.43 7.02
N ALA C 203 -15.34 -8.34 5.79
CA ALA C 203 -15.77 -7.29 4.87
C ALA C 203 -17.11 -7.61 4.22
N ILE C 204 -17.49 -8.88 4.12
CA ILE C 204 -18.82 -9.22 3.63
C ILE C 204 -19.87 -8.82 4.65
N TYR C 205 -19.57 -8.98 5.94
CA TYR C 205 -20.52 -8.61 6.98
C TYR C 205 -20.77 -7.11 6.98
N ALA C 206 -19.73 -6.31 6.74
CA ALA C 206 -19.90 -4.86 6.73
C ALA C 206 -20.66 -4.39 5.50
N ILE C 207 -20.47 -5.04 4.35
CA ILE C 207 -21.21 -4.65 3.16
C ILE C 207 -22.70 -4.93 3.34
N VAL C 208 -23.05 -6.13 3.81
CA VAL C 208 -24.44 -6.46 4.02
C VAL C 208 -24.99 -5.75 5.25
N GLY C 209 -24.22 -5.70 6.34
CA GLY C 209 -24.68 -4.99 7.52
C GLY C 209 -24.90 -3.51 7.28
N LEU C 210 -24.07 -2.90 6.42
CA LEU C 210 -24.21 -1.47 6.16
C LEU C 210 -25.40 -1.18 5.25
N ALA C 211 -25.65 -2.04 4.26
CA ALA C 211 -26.79 -1.83 3.38
C ALA C 211 -28.09 -1.91 4.15
N ILE C 212 -28.21 -2.87 5.07
CA ILE C 212 -29.42 -3.00 5.87
C ILE C 212 -29.51 -1.88 6.89
N ALA C 213 -28.39 -1.56 7.55
CA ALA C 213 -28.41 -0.52 8.57
C ALA C 213 -28.76 0.84 7.98
N TYR C 214 -28.19 1.17 6.81
CA TYR C 214 -28.48 2.45 6.19
C TYR C 214 -29.92 2.53 5.74
N SER C 215 -30.38 1.53 5.00
CA SER C 215 -31.74 1.58 4.45
C SER C 215 -32.78 1.55 5.56
N THR C 216 -32.57 0.73 6.58
CA THR C 216 -33.55 0.61 7.65
C THR C 216 -33.69 1.92 8.43
N PHE C 217 -32.57 2.51 8.83
CA PHE C 217 -32.58 3.63 9.76
C PHE C 217 -32.57 4.98 9.05
N ARG C 218 -31.63 5.21 8.14
CA ARG C 218 -31.49 6.51 7.53
C ARG C 218 -32.39 6.72 6.33
N VAL C 219 -33.18 5.72 5.94
CA VAL C 219 -34.12 5.88 4.84
C VAL C 219 -35.52 5.46 5.29
N GLY C 220 -35.61 4.77 6.42
CA GLY C 220 -36.89 4.41 6.98
C GLY C 220 -37.58 3.23 6.34
N ARG C 221 -36.89 2.47 5.51
CA ARG C 221 -37.49 1.30 4.88
C ARG C 221 -37.62 0.16 5.88
N LYS C 222 -38.38 -0.86 5.49
CA LYS C 222 -38.59 -2.02 6.35
C LYS C 222 -37.30 -2.84 6.44
N GLN C 223 -37.11 -3.49 7.60
CA GLN C 223 -35.89 -4.23 7.87
C GLN C 223 -35.97 -5.59 7.18
N LEU C 224 -35.64 -5.58 5.89
CA LEU C 224 -35.56 -6.78 5.09
C LEU C 224 -34.32 -6.69 4.22
N LEU C 225 -33.92 -7.82 3.64
CA LEU C 225 -32.83 -7.78 2.68
C LEU C 225 -33.28 -7.23 1.34
N SER C 226 -34.55 -7.43 0.98
CA SER C 226 -35.06 -6.91 -0.28
C SER C 226 -35.28 -5.40 -0.23
N SER C 227 -35.57 -4.86 0.95
CA SER C 227 -35.78 -3.41 1.06
C SER C 227 -34.52 -2.62 0.80
N ALA C 228 -33.35 -3.22 0.97
CA ALA C 228 -32.07 -2.57 0.69
C ALA C 228 -31.73 -2.58 -0.79
N PHE C 229 -32.63 -3.06 -1.64
CA PHE C 229 -32.41 -3.17 -3.07
C PHE C 229 -33.30 -2.24 -3.89
N VAL C 230 -34.15 -1.45 -3.25
CA VAL C 230 -35.11 -0.64 -3.98
C VAL C 230 -34.41 0.42 -4.84
N PRO C 231 -33.20 0.88 -4.49
CA PRO C 231 -32.53 1.81 -5.42
C PRO C 231 -32.33 1.24 -6.81
N LEU C 232 -32.12 -0.06 -6.93
CA LEU C 232 -31.97 -0.70 -8.24
C LEU C 232 -33.31 -1.20 -8.79
N ILE C 233 -33.96 -2.11 -8.06
CA ILE C 233 -35.17 -2.74 -8.58
C ILE C 233 -36.41 -1.88 -8.38
N GLY C 234 -36.33 -0.82 -7.59
CA GLY C 234 -37.45 0.07 -7.39
C GLY C 234 -38.43 -0.46 -6.35
N GLU C 235 -39.31 0.44 -5.92
CA GLU C 235 -40.28 0.08 -4.89
C GLU C 235 -41.21 -1.01 -5.39
N LYS C 236 -41.65 -0.92 -6.64
CA LYS C 236 -42.50 -1.96 -7.21
C LYS C 236 -41.77 -3.28 -7.32
N GLY C 237 -40.49 -3.24 -7.70
CA GLY C 237 -39.74 -4.48 -7.85
C GLY C 237 -39.51 -5.20 -6.53
N ALA C 238 -39.15 -4.46 -5.48
CA ALA C 238 -38.92 -5.09 -4.19
C ALA C 238 -40.19 -5.74 -3.66
N GLU C 239 -41.33 -5.07 -3.80
CA GLU C 239 -42.61 -5.67 -3.42
C GLU C 239 -42.97 -6.83 -4.32
N GLY C 240 -42.48 -6.82 -5.57
CA GLY C 240 -42.84 -7.83 -6.54
C GLY C 240 -42.08 -9.12 -6.39
N TRP C 241 -41.70 -9.74 -7.50
CA TRP C 241 -41.08 -11.05 -7.48
C TRP C 241 -39.58 -11.00 -7.22
N LEU C 242 -38.82 -10.08 -7.78
CA LEU C 242 -37.36 -10.13 -7.55
C LEU C 242 -37.04 -9.97 -6.12
N GLY C 243 -37.86 -9.27 -5.38
CA GLY C 243 -37.58 -9.00 -4.00
C GLY C 243 -38.11 -10.06 -3.10
N LYS C 244 -38.68 -11.12 -3.66
CA LYS C 244 -39.13 -12.24 -2.86
C LYS C 244 -38.15 -13.33 -3.10
N LEU C 245 -37.44 -13.31 -4.20
CA LEU C 245 -36.41 -14.27 -4.44
C LEU C 245 -35.23 -13.79 -3.66
N ILE C 246 -35.03 -12.49 -3.51
CA ILE C 246 -33.90 -12.10 -2.67
C ILE C 246 -34.15 -12.47 -1.23
N ASP C 247 -35.42 -12.50 -0.80
CA ASP C 247 -35.73 -12.95 0.55
C ASP C 247 -35.67 -14.46 0.69
N ILE C 248 -36.02 -15.21 -0.36
CA ILE C 248 -35.91 -16.66 -0.31
C ILE C 248 -34.45 -17.08 -0.27
N LEU C 249 -33.63 -16.50 -1.15
CA LEU C 249 -32.20 -16.81 -1.13
C LEU C 249 -31.56 -16.37 0.18
N ALA C 250 -32.05 -15.30 0.78
CA ALA C 250 -31.53 -14.86 2.07
C ALA C 250 -31.90 -15.81 3.19
N ILE C 251 -32.91 -16.65 2.99
CA ILE C 251 -33.30 -17.62 4.00
C ILE C 251 -32.59 -18.96 3.77
N ILE C 252 -32.53 -19.39 2.51
CA ILE C 252 -31.85 -20.65 2.20
C ILE C 252 -30.38 -20.56 2.55
N ALA C 253 -29.75 -19.42 2.26
CA ALA C 253 -28.33 -19.26 2.56
C ALA C 253 -28.07 -19.33 4.04
N THR C 254 -28.92 -18.70 4.86
CA THR C 254 -28.72 -18.71 6.30
C THR C 254 -29.12 -20.03 6.94
N VAL C 255 -30.03 -20.80 6.33
CA VAL C 255 -30.35 -22.12 6.84
C VAL C 255 -29.19 -23.08 6.60
N PHE C 256 -28.64 -23.08 5.38
CA PHE C 256 -27.56 -23.99 5.05
C PHE C 256 -26.21 -23.53 5.60
N GLY C 257 -26.02 -22.22 5.74
CA GLY C 257 -24.82 -21.75 6.41
C GLY C 257 -24.80 -22.08 7.89
N THR C 258 -25.94 -21.90 8.55
CA THR C 258 -26.02 -22.20 9.98
C THR C 258 -26.03 -23.70 10.24
N ALA C 259 -26.55 -24.48 9.30
CA ALA C 259 -26.50 -25.94 9.41
C ALA C 259 -25.11 -26.48 9.14
N CYS C 260 -24.35 -25.84 8.26
CA CYS C 260 -22.98 -26.26 8.03
C CYS C 260 -22.13 -26.07 9.28
N SER C 261 -22.32 -24.96 10.00
CA SER C 261 -21.58 -24.75 11.22
C SER C 261 -22.10 -25.61 12.36
N LEU C 262 -23.40 -25.92 12.37
CA LEU C 262 -23.94 -26.85 13.35
C LEU C 262 -23.37 -28.24 13.16
N GLY C 263 -23.24 -28.68 11.91
CA GLY C 263 -22.64 -29.99 11.66
C GLY C 263 -21.20 -30.06 12.14
N LEU C 264 -20.41 -29.04 11.81
CA LEU C 264 -19.02 -29.02 12.25
C LEU C 264 -18.93 -28.92 13.77
N GLY C 265 -19.83 -28.15 14.38
CA GLY C 265 -19.82 -28.05 15.83
C GLY C 265 -20.12 -29.37 16.51
N ALA C 266 -21.05 -30.14 15.95
CA ALA C 266 -21.40 -31.43 16.52
C ALA C 266 -20.25 -32.43 16.38
N LEU C 267 -19.53 -32.38 15.26
CA LEU C 267 -18.40 -33.27 15.08
C LEU C 267 -17.32 -33.02 16.13
N GLN C 268 -17.00 -31.76 16.38
CA GLN C 268 -15.96 -31.46 17.34
C GLN C 268 -16.40 -31.75 18.77
N ILE C 269 -17.67 -31.45 19.10
CA ILE C 269 -18.19 -31.83 20.41
C ILE C 269 -18.26 -33.34 20.54
N GLY C 270 -18.67 -34.02 19.48
CA GLY C 270 -18.68 -35.48 19.50
C GLY C 270 -17.29 -36.05 19.67
N ALA C 271 -16.30 -35.45 19.01
CA ALA C 271 -14.92 -35.87 19.20
C ALA C 271 -14.35 -35.37 20.53
N GLY C 272 -14.83 -34.24 21.02
CA GLY C 272 -14.39 -33.78 22.32
C GLY C 272 -14.87 -34.68 23.45
N LEU C 273 -16.09 -35.21 23.33
CA LEU C 273 -16.60 -36.14 24.33
C LEU C 273 -15.80 -37.44 24.32
N SER C 274 -15.50 -37.98 23.13
CA SER C 274 -14.72 -39.21 23.07
C SER C 274 -13.32 -38.99 23.62
N ALA C 275 -12.71 -37.85 23.30
CA ALA C 275 -11.38 -37.56 23.82
C ALA C 275 -11.40 -37.39 25.33
N ALA C 276 -12.48 -36.85 25.89
CA ALA C 276 -12.59 -36.61 27.32
C ALA C 276 -13.07 -37.81 28.10
N ASN C 277 -13.31 -38.94 27.43
CA ASN C 277 -13.78 -40.18 28.04
C ASN C 277 -15.20 -40.08 28.61
N ILE C 278 -15.88 -38.96 28.41
CA ILE C 278 -17.27 -38.85 28.83
C ILE C 278 -18.13 -39.86 28.09
N ILE C 279 -17.91 -39.99 26.79
CA ILE C 279 -18.58 -40.98 25.95
C ILE C 279 -17.50 -41.88 25.35
N GLU C 280 -17.70 -43.19 25.47
CA GLU C 280 -16.64 -44.13 25.12
C GLU C 280 -16.19 -43.95 23.67
N ASP C 281 -17.15 -43.93 22.74
CA ASP C 281 -16.84 -43.86 21.33
C ASP C 281 -17.78 -42.87 20.65
N PRO C 282 -17.34 -42.23 19.57
CA PRO C 282 -18.24 -41.35 18.80
C PRO C 282 -19.08 -42.15 17.82
N SER C 283 -20.38 -42.16 18.02
CA SER C 283 -21.31 -42.93 17.21
C SER C 283 -22.29 -42.00 16.51
N ASP C 284 -22.71 -42.38 15.31
CA ASP C 284 -23.65 -41.57 14.56
C ASP C 284 -24.94 -41.33 15.35
N TRP C 285 -25.32 -42.28 16.19
CA TRP C 285 -26.47 -42.07 17.05
C TRP C 285 -26.14 -41.18 18.25
N THR C 286 -24.86 -41.03 18.59
CA THR C 286 -24.47 -40.10 19.65
C THR C 286 -24.52 -38.67 19.16
N ILE C 287 -24.14 -38.43 17.90
CA ILE C 287 -24.16 -37.09 17.36
C ILE C 287 -25.59 -36.57 17.27
N VAL C 288 -26.55 -37.45 16.98
CA VAL C 288 -27.96 -37.02 16.95
C VAL C 288 -28.35 -36.46 18.31
N GLY C 289 -27.79 -36.99 19.39
CA GLY C 289 -28.05 -36.44 20.70
C GLY C 289 -27.47 -35.05 20.88
N ILE C 290 -26.27 -34.83 20.33
CA ILE C 290 -25.62 -33.53 20.48
C ILE C 290 -26.38 -32.45 19.72
N VAL C 291 -26.77 -32.76 18.47
CA VAL C 291 -27.49 -31.77 17.67
C VAL C 291 -28.82 -31.43 18.32
N SER C 292 -29.54 -32.44 18.81
CA SER C 292 -30.83 -32.19 19.44
C SER C 292 -30.66 -31.34 20.70
N VAL C 293 -29.65 -31.64 21.52
CA VAL C 293 -29.39 -30.84 22.70
C VAL C 293 -28.97 -29.43 22.32
N LEU C 294 -28.10 -29.30 21.31
CA LEU C 294 -27.73 -27.98 20.83
C LEU C 294 -28.91 -27.24 20.21
N THR C 295 -29.84 -27.98 19.61
CA THR C 295 -30.99 -27.35 18.97
C THR C 295 -31.86 -26.64 19.98
N LEU C 296 -32.09 -27.27 21.14
CA LEU C 296 -32.98 -26.68 22.14
C LEU C 296 -32.35 -25.45 22.79
N ALA C 297 -31.04 -25.43 22.96
CA ALA C 297 -30.39 -24.30 23.62
C ALA C 297 -30.62 -23.01 22.85
N PHE C 298 -30.34 -23.02 21.54
CA PHE C 298 -30.48 -21.78 20.79
C PHE C 298 -31.93 -21.47 20.44
N ILE C 299 -32.79 -22.49 20.37
CA ILE C 299 -34.22 -22.22 20.21
C ILE C 299 -34.78 -21.61 21.48
N PHE C 300 -34.33 -22.10 22.65
CA PHE C 300 -34.81 -21.58 23.92
C PHE C 300 -34.41 -20.12 24.10
N SER C 301 -33.20 -19.76 23.70
CA SER C 301 -32.69 -18.41 23.92
C SER C 301 -33.43 -17.39 23.05
N ALA C 302 -33.81 -17.77 21.83
CA ALA C 302 -34.48 -16.86 20.92
C ALA C 302 -35.98 -16.76 21.16
N ILE C 303 -36.53 -17.51 22.11
CA ILE C 303 -37.96 -17.53 22.35
C ILE C 303 -38.27 -17.01 23.75
N SER C 304 -37.79 -17.72 24.76
CA SER C 304 -38.14 -17.40 26.13
C SER C 304 -37.38 -16.17 26.63
N GLY C 305 -37.85 -15.63 27.74
CA GLY C 305 -37.25 -14.45 28.33
C GLY C 305 -36.46 -14.75 29.59
N GLY C 309 -30.42 -11.09 27.52
CA GLY C 309 -30.19 -12.44 27.05
C GLY C 309 -29.04 -12.54 26.08
N ILE C 310 -29.18 -11.89 24.92
CA ILE C 310 -28.12 -11.92 23.92
C ILE C 310 -26.88 -11.21 24.46
N GLN C 311 -27.06 -10.06 25.09
CA GLN C 311 -25.92 -9.31 25.60
C GLN C 311 -25.18 -10.10 26.68
N TYR C 312 -25.93 -10.78 27.55
CA TYR C 312 -25.28 -11.53 28.63
C TYR C 312 -24.48 -12.69 28.08
N LEU C 313 -25.05 -13.44 27.13
CA LEU C 313 -24.35 -14.60 26.58
C LEU C 313 -23.23 -14.20 25.63
N SER C 314 -23.36 -13.06 24.96
CA SER C 314 -22.26 -12.58 24.12
C SER C 314 -21.06 -12.17 24.95
N ASN C 315 -21.28 -11.66 26.15
CA ASN C 315 -20.17 -11.36 27.05
C ASN C 315 -19.59 -12.61 27.69
N ALA C 316 -20.42 -13.62 27.96
CA ALA C 316 -19.89 -14.88 28.46
C ALA C 316 -19.05 -15.58 27.40
N ASN C 317 -19.29 -15.28 26.12
CA ASN C 317 -18.43 -15.80 25.06
C ASN C 317 -17.02 -15.25 25.17
N MET C 318 -16.89 -13.92 25.22
CA MET C 318 -15.58 -13.29 25.20
C MET C 318 -14.78 -13.68 26.43
N VAL C 319 -15.41 -13.64 27.61
CA VAL C 319 -14.70 -13.96 28.83
C VAL C 319 -14.26 -15.42 28.83
N LEU C 320 -15.14 -16.31 28.39
CA LEU C 320 -14.81 -17.74 28.41
C LEU C 320 -13.84 -18.11 27.31
N ALA C 321 -13.93 -17.44 26.16
CA ALA C 321 -12.97 -17.70 25.08
C ALA C 321 -11.60 -17.13 25.42
N ALA C 322 -11.55 -15.92 25.97
CA ALA C 322 -10.28 -15.32 26.34
C ALA C 322 -9.57 -16.12 27.42
N LEU C 323 -10.33 -16.81 28.27
CA LEU C 323 -9.72 -17.68 29.27
C LEU C 323 -9.01 -18.85 28.60
N LEU C 324 -9.63 -19.44 27.57
CA LEU C 324 -9.01 -20.56 26.88
C LEU C 324 -7.76 -20.10 26.12
N ALA C 325 -7.82 -18.94 25.49
CA ALA C 325 -6.64 -18.41 24.80
C ALA C 325 -5.53 -18.08 25.79
N ILE C 326 -5.88 -17.50 26.94
CA ILE C 326 -4.87 -17.18 27.95
C ILE C 326 -4.23 -18.46 28.47
N PHE C 327 -5.01 -19.54 28.60
CA PHE C 327 -4.46 -20.78 29.09
C PHE C 327 -3.36 -21.31 28.18
N VAL C 328 -3.66 -21.44 26.89
CA VAL C 328 -2.67 -21.95 25.95
C VAL C 328 -1.49 -21.00 25.86
N PHE C 329 -1.76 -19.69 25.88
CA PHE C 329 -0.69 -18.70 25.79
C PHE C 329 0.28 -18.84 26.95
N VAL C 330 -0.23 -18.89 28.17
CA VAL C 330 0.63 -18.93 29.34
C VAL C 330 1.38 -20.24 29.43
N VAL C 331 0.68 -21.37 29.25
CA VAL C 331 1.31 -22.68 29.42
C VAL C 331 1.94 -23.21 28.15
N GLY C 332 1.65 -22.62 27.00
CA GLY C 332 2.30 -22.99 25.77
C GLY C 332 3.63 -22.28 25.65
N PRO C 333 4.27 -22.37 24.48
CA PRO C 333 5.52 -21.64 24.28
C PRO C 333 5.29 -20.15 24.12
N THR C 334 5.09 -19.44 25.23
CA THR C 334 4.67 -18.05 25.17
C THR C 334 5.57 -17.24 24.25
N VAL C 335 6.89 -17.39 24.40
CA VAL C 335 7.81 -16.56 23.61
C VAL C 335 7.69 -16.88 22.13
N SER C 336 7.56 -18.16 21.78
CA SER C 336 7.40 -18.52 20.37
C SER C 336 6.07 -18.06 19.81
N ILE C 337 5.03 -17.97 20.66
CA ILE C 337 3.76 -17.40 20.22
C ILE C 337 3.96 -15.94 19.85
N LEU C 338 4.71 -15.20 20.68
CA LEU C 338 4.88 -13.78 20.46
C LEU C 338 5.83 -13.48 19.31
N ASN C 339 6.75 -14.40 19.00
CA ASN C 339 7.60 -14.22 17.83
C ASN C 339 6.81 -14.36 16.54
N LEU C 340 5.61 -14.93 16.59
CA LEU C 340 4.76 -15.04 15.42
C LEU C 340 3.75 -13.91 15.30
N LEU C 341 3.52 -13.16 16.37
CA LEU C 341 2.60 -12.02 16.29
C LEU C 341 3.02 -11.05 15.20
N PRO C 342 4.28 -10.61 15.12
CA PRO C 342 4.69 -9.76 13.99
C PRO C 342 5.11 -10.53 12.76
N GLY C 343 5.51 -11.80 12.91
CA GLY C 343 5.90 -12.59 11.76
C GLY C 343 4.74 -13.02 10.89
N SER C 344 3.52 -13.02 11.44
CA SER C 344 2.33 -13.34 10.67
C SER C 344 1.63 -12.12 10.10
N ILE C 345 1.66 -10.99 10.82
CA ILE C 345 1.11 -9.75 10.26
C ILE C 345 2.00 -9.24 9.14
N GLY C 346 3.31 -9.34 9.29
CA GLY C 346 4.21 -8.95 8.22
C GLY C 346 4.02 -9.80 6.98
N ASN C 347 3.93 -11.11 7.15
CA ASN C 347 3.72 -12.00 6.02
C ASN C 347 2.32 -11.84 5.44
N TYR C 348 1.33 -11.58 6.29
CA TYR C 348 -0.03 -11.39 5.79
C TYR C 348 -0.11 -10.19 4.87
N LEU C 349 0.49 -9.06 5.27
CA LEU C 349 0.45 -7.86 4.45
C LEU C 349 1.37 -7.98 3.24
N SER C 350 2.42 -8.78 3.34
CA SER C 350 3.32 -8.97 2.22
C SER C 350 2.64 -9.73 1.08
N ASN C 351 1.97 -10.84 1.40
CA ASN C 351 1.35 -11.68 0.38
C ASN C 351 -0.14 -11.41 0.21
N PHE C 352 -0.67 -10.34 0.82
CA PHE C 352 -2.10 -10.13 0.76
C PHE C 352 -2.63 -10.19 -0.67
N PHE C 353 -1.90 -9.60 -1.61
CA PHE C 353 -2.31 -9.61 -3.00
C PHE C 353 -1.85 -10.83 -3.76
N GLN C 354 -0.86 -11.56 -3.24
CA GLN C 354 -0.45 -12.82 -3.85
C GLN C 354 -1.45 -13.93 -3.52
N MET C 355 -1.96 -13.92 -2.30
CA MET C 355 -3.04 -14.82 -1.90
C MET C 355 -4.39 -14.38 -2.45
N ALA C 356 -4.62 -13.08 -2.56
CA ALA C 356 -5.87 -12.57 -3.09
C ALA C 356 -6.03 -12.78 -4.59
N GLY C 357 -4.98 -13.22 -5.27
CA GLY C 357 -5.04 -13.52 -6.68
C GLY C 357 -4.72 -14.96 -6.99
N ARG C 358 -5.20 -15.88 -6.17
CA ARG C 358 -4.93 -17.31 -6.31
C ARG C 358 -6.18 -18.00 -6.84
N THR C 359 -6.19 -18.26 -8.14
CA THR C 359 -7.29 -18.95 -8.80
C THR C 359 -6.89 -20.39 -9.08
N ALA C 360 -7.71 -21.09 -9.89
CA ALA C 360 -7.34 -22.42 -10.33
C ALA C 360 -6.15 -22.41 -11.28
N MET C 361 -5.90 -21.29 -11.96
CA MET C 361 -4.74 -21.19 -12.83
C MET C 361 -3.42 -21.14 -12.07
N SER C 362 -3.46 -20.96 -10.76
CA SER C 362 -2.23 -20.93 -9.97
C SER C 362 -1.76 -22.34 -9.67
N ALA C 363 -0.45 -22.49 -9.56
CA ALA C 363 0.20 -23.79 -9.33
C ALA C 363 -0.05 -24.76 -10.47
N ASP C 364 -0.45 -24.24 -11.64
CA ASP C 364 -0.65 -25.05 -12.83
C ASP C 364 -1.73 -26.12 -12.59
N GLY C 365 -2.92 -25.64 -12.22
CA GLY C 365 -4.08 -26.50 -12.07
C GLY C 365 -4.16 -27.25 -10.76
N THR C 366 -3.11 -27.21 -9.93
CA THR C 366 -3.16 -27.92 -8.65
C THR C 366 -3.91 -27.14 -7.58
N ALA C 367 -4.15 -25.84 -7.79
CA ALA C 367 -4.86 -25.04 -6.80
C ALA C 367 -6.37 -25.24 -6.87
N GLY C 368 -6.88 -25.80 -7.96
CA GLY C 368 -8.32 -25.98 -8.08
C GLY C 368 -8.90 -26.88 -7.00
N GLU C 369 -8.23 -28.00 -6.74
CA GLU C 369 -8.72 -28.92 -5.71
C GLU C 369 -8.51 -28.35 -4.32
N TRP C 370 -7.47 -27.55 -4.13
CA TRP C 370 -7.21 -26.93 -2.83
C TRP C 370 -8.18 -25.80 -2.56
N LEU C 371 -8.45 -24.95 -3.56
CA LEU C 371 -9.32 -23.81 -3.34
C LEU C 371 -10.72 -24.24 -2.95
N GLY C 372 -11.27 -25.24 -3.63
CA GLY C 372 -12.60 -25.70 -3.30
C GLY C 372 -12.75 -26.20 -1.89
N SER C 373 -11.65 -26.57 -1.24
CA SER C 373 -11.68 -27.09 0.12
C SER C 373 -11.41 -26.03 1.17
N TRP C 374 -10.63 -25.01 0.85
CA TRP C 374 -10.25 -24.00 1.83
C TRP C 374 -10.78 -22.61 1.49
N THR C 375 -10.43 -22.05 0.33
CA THR C 375 -10.77 -20.65 0.09
C THR C 375 -12.18 -20.49 -0.43
N ILE C 376 -12.51 -21.17 -1.54
CA ILE C 376 -13.86 -21.04 -2.08
C ILE C 376 -14.89 -21.58 -1.10
N PHE C 377 -14.50 -22.48 -0.19
CA PHE C 377 -15.42 -22.93 0.84
C PHE C 377 -15.69 -21.82 1.85
N TYR C 378 -14.63 -21.16 2.32
CA TYR C 378 -14.80 -20.11 3.31
C TYR C 378 -15.58 -18.93 2.75
N TRP C 379 -15.30 -18.49 1.56
CA TRP C 379 -15.99 -17.40 0.99
C TRP C 379 -17.42 -17.72 0.84
N ALA C 380 -17.78 -18.94 0.46
CA ALA C 380 -19.17 -19.36 0.41
C ALA C 380 -19.75 -19.55 1.81
N TRP C 381 -18.91 -19.88 2.79
CA TRP C 381 -19.37 -20.07 4.15
C TRP C 381 -19.69 -18.74 4.82
N TRP C 382 -18.84 -17.74 4.61
CA TRP C 382 -19.08 -16.42 5.20
C TRP C 382 -20.21 -15.70 4.48
N ILE C 383 -20.32 -15.89 3.17
CA ILE C 383 -21.43 -15.29 2.41
C ILE C 383 -22.76 -15.89 2.86
N SER C 384 -22.75 -17.14 3.30
CA SER C 384 -23.97 -17.77 3.80
C SER C 384 -24.44 -17.12 5.08
N TRP C 385 -23.51 -16.72 5.95
CA TRP C 385 -23.87 -16.09 7.22
C TRP C 385 -24.14 -14.61 7.11
N SER C 386 -23.78 -13.99 5.98
CA SER C 386 -23.99 -12.55 5.85
C SER C 386 -25.45 -12.13 5.96
N PRO C 387 -26.43 -12.86 5.41
CA PRO C 387 -27.81 -12.35 5.47
C PRO C 387 -28.30 -12.10 6.88
N PHE C 388 -27.96 -12.95 7.84
CA PHE C 388 -28.46 -12.79 9.19
C PHE C 388 -27.47 -12.12 10.14
N VAL C 389 -26.18 -12.16 9.84
CA VAL C 389 -25.25 -11.30 10.57
C VAL C 389 -25.33 -9.87 10.07
N GLY C 390 -25.79 -9.68 8.83
CA GLY C 390 -26.03 -8.34 8.34
C GLY C 390 -27.16 -7.64 9.08
N MET C 391 -28.27 -8.34 9.30
CA MET C 391 -29.39 -7.71 9.99
C MET C 391 -29.19 -7.67 11.50
N PHE C 392 -28.33 -8.51 12.07
CA PHE C 392 -28.01 -8.35 13.48
C PHE C 392 -27.04 -7.20 13.69
N LEU C 393 -26.06 -7.02 12.78
CA LEU C 393 -25.15 -5.89 12.89
C LEU C 393 -25.89 -4.58 12.75
N ALA C 394 -26.90 -4.53 11.86
CA ALA C 394 -27.69 -3.32 11.71
C ALA C 394 -28.48 -3.00 12.97
N ARG C 395 -29.07 -4.02 13.60
CA ARG C 395 -29.93 -3.74 14.75
C ARG C 395 -29.17 -3.06 15.87
N ILE C 396 -27.95 -3.51 16.16
CA ILE C 396 -27.21 -3.00 17.32
C ILE C 396 -26.33 -1.81 16.98
N SER C 397 -26.24 -1.42 15.71
CA SER C 397 -25.38 -0.32 15.28
C SER C 397 -26.19 0.90 14.88
N ARG C 398 -27.22 1.21 15.67
CA ARG C 398 -27.98 2.44 15.46
C ARG C 398 -27.18 3.65 15.93
N GLY C 399 -27.14 4.69 15.11
CA GLY C 399 -26.50 5.92 15.50
C GLY C 399 -24.99 5.95 15.33
N ARG C 400 -24.39 4.92 14.78
CA ARG C 400 -22.95 4.91 14.50
C ARG C 400 -22.70 5.44 13.09
N SER C 401 -21.64 6.24 12.96
CA SER C 401 -21.26 6.72 11.65
C SER C 401 -20.80 5.56 10.78
N ILE C 402 -20.96 5.71 9.47
CA ILE C 402 -20.57 4.65 8.55
C ILE C 402 -19.10 4.32 8.72
N ARG C 403 -18.25 5.34 8.87
CA ARG C 403 -16.83 5.10 9.08
C ARG C 403 -16.59 4.34 10.37
N GLU C 404 -17.31 4.70 11.43
CA GLU C 404 -17.18 3.99 12.69
C GLU C 404 -17.73 2.57 12.60
N PHE C 405 -18.74 2.35 11.74
CA PHE C 405 -19.29 1.01 11.55
C PHE C 405 -18.31 0.11 10.82
N ILE C 406 -17.72 0.61 9.73
CA ILE C 406 -16.78 -0.21 8.96
C ILE C 406 -15.59 -0.61 9.82
N LEU C 407 -14.98 0.36 10.50
CA LEU C 407 -13.76 0.06 11.26
C LEU C 407 -14.06 -0.82 12.46
N GLY C 408 -15.20 -0.63 13.11
CA GLY C 408 -15.55 -1.46 14.24
C GLY C 408 -15.85 -2.90 13.88
N VAL C 409 -16.16 -3.15 12.61
CA VAL C 409 -16.44 -4.50 12.13
C VAL C 409 -15.24 -5.12 11.46
N LEU C 410 -14.53 -4.36 10.63
CA LEU C 410 -13.41 -4.90 9.87
C LEU C 410 -12.20 -5.17 10.76
N LEU C 411 -11.87 -4.23 11.63
CA LEU C 411 -10.58 -4.27 12.32
C LEU C 411 -10.62 -5.06 13.62
N VAL C 412 -11.53 -4.73 14.53
CA VAL C 412 -11.51 -5.38 15.84
C VAL C 412 -11.70 -6.89 15.74
N PRO C 413 -12.71 -7.40 15.02
CA PRO C 413 -12.79 -8.86 14.83
C PRO C 413 -11.59 -9.45 14.14
N ALA C 414 -10.95 -8.70 13.24
CA ALA C 414 -9.71 -9.18 12.62
C ALA C 414 -8.57 -9.23 13.62
N GLY C 415 -8.55 -8.30 14.59
CA GLY C 415 -7.53 -8.36 15.63
C GLY C 415 -7.70 -9.55 16.56
N VAL C 416 -8.95 -9.88 16.91
CA VAL C 416 -9.19 -11.02 17.78
C VAL C 416 -8.86 -12.32 17.04
N SER C 417 -9.21 -12.39 15.75
CA SER C 417 -8.90 -13.58 14.98
C SER C 417 -7.39 -13.75 14.82
N THR C 418 -6.67 -12.65 14.58
CA THR C 418 -5.22 -12.72 14.40
C THR C 418 -4.53 -13.24 15.65
N VAL C 419 -4.98 -12.80 16.83
CA VAL C 419 -4.40 -13.27 18.08
C VAL C 419 -4.87 -14.67 18.43
N TRP C 420 -6.03 -15.09 17.94
CA TRP C 420 -6.51 -16.43 18.23
C TRP C 420 -5.67 -17.48 17.53
N PHE C 421 -5.39 -17.28 16.24
CA PHE C 421 -4.66 -18.28 15.48
C PHE C 421 -3.18 -18.30 15.82
N SER C 422 -2.63 -17.18 16.29
CA SER C 422 -1.25 -17.17 16.73
C SER C 422 -1.06 -17.99 18.00
N ILE C 423 -2.01 -17.92 18.92
CA ILE C 423 -1.93 -18.69 20.16
C ILE C 423 -2.14 -20.18 19.86
N PHE C 424 -3.09 -20.50 18.98
CA PHE C 424 -3.46 -21.88 18.70
C PHE C 424 -2.75 -22.45 17.49
N GLY C 425 -2.65 -21.69 16.40
CA GLY C 425 -1.85 -22.14 15.27
C GLY C 425 -0.36 -22.16 15.60
N GLY C 426 0.11 -21.17 16.35
CA GLY C 426 1.50 -21.14 16.74
C GLY C 426 1.87 -22.28 17.68
N THR C 427 1.01 -22.56 18.67
CA THR C 427 1.29 -23.62 19.62
C THR C 427 1.24 -25.00 18.98
N ALA C 428 0.53 -25.15 17.87
CA ALA C 428 0.47 -26.42 17.17
C ALA C 428 1.58 -26.59 16.16
N ILE C 429 2.08 -25.49 15.62
CA ILE C 429 3.19 -25.55 14.66
C ILE C 429 4.51 -25.79 15.39
N VAL C 430 4.69 -25.18 16.56
CA VAL C 430 5.92 -25.40 17.32
C VAL C 430 6.01 -26.86 17.74
N PHE C 431 4.88 -27.46 18.10
CA PHE C 431 4.87 -28.88 18.44
C PHE C 431 5.34 -29.72 17.27
N GLU C 432 4.90 -29.38 16.06
CA GLU C 432 5.42 -30.07 14.88
C GLU C 432 6.93 -29.89 14.76
N GLN C 433 7.40 -28.66 14.95
CA GLN C 433 8.83 -28.40 14.85
C GLN C 433 9.61 -29.16 15.91
N ASN C 434 9.12 -29.17 17.15
CA ASN C 434 9.79 -29.89 18.21
C ASN C 434 9.86 -31.38 17.90
N GLY C 435 8.78 -31.94 17.36
CA GLY C 435 8.70 -33.35 17.08
C GLY C 435 7.42 -33.96 17.61
N GLU C 436 6.94 -33.46 18.75
CA GLU C 436 5.70 -33.96 19.34
C GLU C 436 4.54 -33.44 18.50
N SER C 437 4.08 -34.25 17.55
CA SER C 437 3.04 -33.83 16.62
C SER C 437 1.67 -34.17 17.19
N ILE C 438 0.76 -33.20 17.15
CA ILE C 438 -0.62 -33.43 17.58
C ILE C 438 -1.53 -33.83 16.43
N TRP C 439 -0.97 -34.05 15.24
CA TRP C 439 -1.79 -34.46 14.11
C TRP C 439 -2.55 -35.74 14.42
N GLY C 440 -1.87 -36.73 14.96
CA GLY C 440 -2.53 -37.98 15.28
C GLY C 440 -3.09 -38.64 14.04
N ASP C 441 -4.38 -39.00 14.11
CA ASP C 441 -5.03 -39.64 12.97
C ASP C 441 -5.17 -38.68 11.79
N GLY C 442 -5.26 -37.39 12.06
CA GLY C 442 -5.43 -36.39 11.02
C GLY C 442 -6.84 -35.86 10.87
N ALA C 443 -7.75 -36.22 11.77
CA ALA C 443 -9.12 -35.72 11.70
C ALA C 443 -9.19 -34.28 12.18
N ALA C 444 -9.85 -33.44 11.39
CA ALA C 444 -9.90 -32.01 11.71
C ALA C 444 -10.59 -31.75 13.04
N GLU C 445 -11.47 -32.66 13.46
CA GLU C 445 -12.24 -32.47 14.69
C GLU C 445 -11.48 -32.89 15.94
N GLU C 446 -10.30 -33.47 15.81
CA GLU C 446 -9.52 -33.92 16.96
C GLU C 446 -8.25 -33.12 17.18
N GLN C 447 -7.96 -32.14 16.32
CA GLN C 447 -6.73 -31.38 16.47
C GLN C 447 -6.73 -30.56 17.75
N LEU C 448 -7.84 -29.89 18.06
CA LEU C 448 -7.86 -29.01 19.22
C LEU C 448 -7.63 -29.79 20.51
N PHE C 449 -8.29 -30.94 20.64
CA PHE C 449 -8.20 -31.71 21.87
C PHE C 449 -6.91 -32.51 21.97
N GLY C 450 -6.23 -32.74 20.85
CA GLY C 450 -4.86 -33.20 20.92
C GLY C 450 -3.94 -32.13 21.47
N LEU C 451 -4.17 -30.87 21.07
CA LEU C 451 -3.32 -29.78 21.53
C LEU C 451 -3.52 -29.53 23.03
N LEU C 452 -4.77 -29.43 23.48
CA LEU C 452 -5.02 -29.12 24.88
C LEU C 452 -4.49 -30.20 25.80
N HIS C 453 -4.65 -31.47 25.42
CA HIS C 453 -4.18 -32.56 26.27
C HIS C 453 -2.65 -32.55 26.40
N ALA C 454 -1.95 -32.15 25.34
CA ALA C 454 -0.50 -32.05 25.43
C ALA C 454 -0.07 -31.06 26.49
N LEU C 455 -0.73 -29.91 26.55
CA LEU C 455 -0.38 -28.92 27.55
C LEU C 455 -0.79 -29.41 28.94
N PRO C 456 -0.03 -29.05 29.98
CA PRO C 456 -0.43 -29.43 31.34
C PRO C 456 -1.76 -28.80 31.72
N GLY C 457 -2.57 -29.54 32.48
CA GLY C 457 -3.85 -29.05 32.91
C GLY C 457 -4.91 -28.99 31.83
N GLY C 458 -4.71 -29.72 30.73
CA GLY C 458 -5.63 -29.71 29.62
C GLY C 458 -6.80 -30.65 29.76
N GLN C 459 -6.97 -31.31 30.90
CA GLN C 459 -8.12 -32.16 31.13
C GLN C 459 -9.34 -31.40 31.63
N ILE C 460 -9.14 -30.23 32.25
CA ILE C 460 -10.25 -29.40 32.70
C ILE C 460 -10.49 -28.32 31.66
N MET C 461 -9.42 -27.89 30.98
CA MET C 461 -9.55 -26.95 29.88
C MET C 461 -9.93 -27.64 28.57
N GLY C 462 -9.81 -28.96 28.49
CA GLY C 462 -10.34 -29.69 27.36
C GLY C 462 -11.84 -29.86 27.40
N ILE C 463 -12.46 -29.63 28.55
CA ILE C 463 -13.91 -29.66 28.67
C ILE C 463 -14.51 -28.30 28.40
N ILE C 464 -13.85 -27.23 28.87
CA ILE C 464 -14.33 -25.88 28.60
C ILE C 464 -14.27 -25.55 27.12
N ALA C 465 -13.45 -26.28 26.36
CA ALA C 465 -13.49 -26.13 24.90
C ALA C 465 -14.84 -26.58 24.35
N MET C 466 -15.44 -27.61 24.93
CA MET C 466 -16.75 -28.09 24.49
C MET C 466 -17.86 -27.14 24.93
N ILE C 467 -17.77 -26.59 26.14
CA ILE C 467 -18.72 -25.58 26.57
C ILE C 467 -18.56 -24.32 25.73
N LEU C 468 -17.33 -24.02 25.33
CA LEU C 468 -17.09 -22.87 24.45
C LEU C 468 -17.56 -23.13 23.04
N LEU C 469 -17.64 -24.40 22.63
CA LEU C 469 -18.22 -24.73 21.34
C LEU C 469 -19.73 -24.60 21.35
N GLY C 470 -20.35 -24.58 22.53
CA GLY C 470 -21.79 -24.42 22.63
C GLY C 470 -22.20 -22.97 22.57
N THR C 471 -21.59 -22.13 23.40
CA THR C 471 -21.95 -20.71 23.41
C THR C 471 -21.62 -20.05 22.07
N PHE C 472 -20.51 -20.42 21.46
CA PHE C 472 -20.12 -19.85 20.19
C PHE C 472 -21.16 -20.08 19.16
N PHE C 473 -21.70 -21.28 19.07
CA PHE C 473 -22.76 -21.57 18.13
C PHE C 473 -24.10 -21.01 18.60
N ILE C 474 -24.38 -21.10 19.90
CA ILE C 474 -25.69 -20.70 20.40
C ILE C 474 -25.91 -19.20 20.22
N THR C 475 -24.89 -18.40 20.49
CA THR C 475 -25.04 -16.95 20.32
C THR C 475 -25.34 -16.59 18.87
N SER C 476 -24.66 -17.26 17.93
CA SER C 476 -24.93 -17.01 16.52
C SER C 476 -26.23 -17.64 16.07
N ALA C 477 -26.50 -18.88 16.50
CA ALA C 477 -27.73 -19.54 16.09
C ALA C 477 -28.96 -18.88 16.70
N ASP C 478 -28.84 -18.39 17.93
CA ASP C 478 -29.95 -17.65 18.54
C ASP C 478 -30.31 -16.42 17.71
N SER C 479 -29.30 -15.70 17.23
CA SER C 479 -29.55 -14.52 16.39
C SER C 479 -29.95 -14.89 14.97
N ALA C 480 -29.61 -16.09 14.51
CA ALA C 480 -30.03 -16.50 13.17
C ALA C 480 -31.53 -16.73 13.11
N SER C 481 -32.08 -17.48 14.09
CA SER C 481 -33.50 -17.73 14.12
C SER C 481 -34.29 -16.44 14.29
N THR C 482 -33.86 -15.60 15.22
CA THR C 482 -34.52 -14.30 15.41
C THR C 482 -34.55 -13.52 14.11
N VAL C 483 -33.42 -13.52 13.38
CA VAL C 483 -33.37 -12.85 12.09
C VAL C 483 -34.17 -13.61 11.05
N MET C 484 -34.06 -14.94 11.04
CA MET C 484 -34.79 -15.73 10.05
C MET C 484 -36.29 -15.59 10.24
N GLY C 485 -36.75 -15.37 11.47
CA GLY C 485 -38.15 -15.11 11.72
C GLY C 485 -38.61 -13.72 11.38
N THR C 486 -37.67 -12.83 11.08
CA THR C 486 -38.00 -11.46 10.68
C THR C 486 -38.10 -11.31 9.17
N MET C 487 -37.30 -12.05 8.41
CA MET C 487 -37.42 -12.02 6.96
C MET C 487 -38.72 -12.64 6.47
N SER C 488 -39.45 -13.36 7.33
CA SER C 488 -40.72 -13.96 6.96
C SER C 488 -41.93 -13.15 7.39
N GLN C 489 -41.80 -12.31 8.41
CA GLN C 489 -42.90 -11.50 8.92
C GLN C 489 -42.84 -10.06 8.39
N HIS C 490 -42.41 -9.88 7.14
CA HIS C 490 -42.34 -8.56 6.54
C HIS C 490 -41.45 -7.62 7.37
N GLY C 491 -40.33 -8.15 7.86
CA GLY C 491 -39.36 -7.31 8.53
C GLY C 491 -39.75 -6.83 9.91
N GLN C 492 -40.67 -7.53 10.56
CA GLN C 492 -41.06 -7.14 11.91
C GLN C 492 -40.03 -7.63 12.91
N LEU C 493 -39.52 -6.72 13.74
CA LEU C 493 -38.44 -7.06 14.66
C LEU C 493 -38.88 -8.16 15.63
N GLU C 494 -40.09 -8.03 16.18
CA GLU C 494 -40.62 -9.02 17.12
C GLU C 494 -41.35 -10.09 16.33
N ALA C 495 -40.59 -11.06 15.83
CA ALA C 495 -41.16 -12.13 15.03
C ALA C 495 -41.89 -13.14 15.92
N ASN C 496 -42.81 -13.86 15.30
CA ASN C 496 -43.61 -14.84 16.04
C ASN C 496 -42.71 -15.93 16.60
N LYS C 497 -43.00 -16.36 17.83
CA LYS C 497 -42.14 -17.33 18.50
C LYS C 497 -42.07 -18.64 17.72
N TRP C 498 -43.19 -19.09 17.17
CA TRP C 498 -43.21 -20.37 16.48
C TRP C 498 -42.55 -20.30 15.10
N VAL C 499 -42.49 -19.12 14.49
CA VAL C 499 -41.76 -18.98 13.23
C VAL C 499 -40.27 -19.11 13.46
N THR C 500 -39.76 -18.55 14.57
CA THR C 500 -38.36 -18.76 14.90
C THR C 500 -38.08 -20.22 15.23
N ALA C 501 -38.98 -20.87 15.96
CA ALA C 501 -38.80 -22.28 16.28
C ALA C 501 -38.82 -23.13 15.02
N ALA C 502 -39.71 -22.82 14.08
CA ALA C 502 -39.79 -23.60 12.85
C ALA C 502 -38.47 -23.54 12.09
N TRP C 503 -37.86 -22.35 12.01
CA TRP C 503 -36.57 -22.22 11.37
C TRP C 503 -35.42 -22.75 12.22
N GLY C 504 -35.61 -22.80 13.54
CA GLY C 504 -34.57 -23.37 14.39
C GLY C 504 -34.39 -24.85 14.16
N VAL C 505 -35.48 -25.59 14.01
CA VAL C 505 -35.39 -27.02 13.78
C VAL C 505 -35.17 -27.37 12.32
N ALA C 506 -35.52 -26.48 11.39
CA ALA C 506 -35.16 -26.70 10.00
C ALA C 506 -33.65 -26.64 9.82
N THR C 507 -32.98 -25.77 10.58
CA THR C 507 -31.52 -25.75 10.58
C THR C 507 -30.95 -27.05 11.14
N ALA C 508 -31.53 -27.55 12.22
CA ALA C 508 -31.02 -28.77 12.83
C ALA C 508 -31.26 -29.98 11.92
N ALA C 509 -32.40 -30.02 11.24
CA ALA C 509 -32.66 -31.11 10.32
C ALA C 509 -31.64 -31.13 9.19
N ILE C 510 -31.29 -29.95 8.66
CA ILE C 510 -30.28 -29.88 7.62
C ILE C 510 -28.91 -30.28 8.16
N GLY C 511 -28.60 -29.85 9.38
CA GLY C 511 -27.32 -30.21 9.95
C GLY C 511 -27.12 -31.72 10.04
N LEU C 512 -28.15 -32.44 10.50
CA LEU C 512 -28.07 -33.89 10.58
C LEU C 512 -28.05 -34.52 9.20
N THR C 513 -28.81 -33.98 8.25
CA THR C 513 -28.89 -34.57 6.93
C THR C 513 -27.52 -34.60 6.25
N LEU C 514 -26.76 -33.52 6.39
CA LEU C 514 -25.42 -33.48 5.81
C LEU C 514 -24.44 -34.33 6.60
N LEU C 515 -24.65 -34.45 7.92
CA LEU C 515 -23.74 -35.25 8.74
C LEU C 515 -23.96 -36.74 8.52
N LEU C 516 -25.23 -37.17 8.46
CA LEU C 516 -25.51 -38.59 8.27
C LEU C 516 -25.21 -39.04 6.85
N SER C 517 -25.64 -38.25 5.86
CA SER C 517 -25.41 -38.63 4.47
C SER C 517 -23.93 -38.64 4.09
N GLY C 518 -23.10 -37.93 4.86
CA GLY C 518 -21.68 -37.91 4.56
C GLY C 518 -20.94 -39.17 4.98
N GLY C 519 -21.50 -39.94 5.91
CA GLY C 519 -20.83 -41.15 6.35
C GLY C 519 -19.49 -40.82 6.97
N ASP C 520 -18.45 -41.53 6.53
CA ASP C 520 -17.11 -41.30 7.06
C ASP C 520 -16.62 -39.90 6.75
N ASN C 521 -16.82 -39.43 5.52
CA ASN C 521 -16.39 -38.10 5.12
C ASN C 521 -17.56 -37.12 5.24
N ALA C 522 -17.86 -36.80 6.49
CA ALA C 522 -18.93 -35.84 6.78
C ALA C 522 -18.49 -34.41 6.49
N LEU C 523 -17.18 -34.14 6.59
CA LEU C 523 -16.68 -32.80 6.29
C LEU C 523 -16.98 -32.42 4.86
N SER C 524 -16.63 -33.27 3.90
CA SER C 524 -16.81 -32.94 2.50
C SER C 524 -18.27 -32.71 2.17
N ASN C 525 -19.19 -33.37 2.85
CA ASN C 525 -20.59 -33.22 2.49
C ASN C 525 -21.12 -31.94 3.02
N LEU C 526 -20.62 -31.49 4.16
CA LEU C 526 -21.03 -30.18 4.66
C LEU C 526 -20.48 -29.08 3.78
N GLN C 527 -19.24 -29.23 3.31
CA GLN C 527 -18.62 -28.19 2.50
C GLN C 527 -19.24 -28.11 1.10
N ASN C 528 -19.44 -29.25 0.46
CA ASN C 528 -19.94 -29.24 -0.91
C ASN C 528 -21.35 -28.66 -1.02
N VAL C 529 -22.12 -28.69 0.06
CA VAL C 529 -23.50 -28.22 0.01
C VAL C 529 -23.64 -26.76 0.45
N THR C 530 -22.70 -26.24 1.24
CA THR C 530 -22.73 -24.81 1.55
C THR C 530 -22.24 -23.97 0.37
N ILE C 531 -21.31 -24.50 -0.43
CA ILE C 531 -20.86 -23.77 -1.60
C ILE C 531 -21.99 -23.62 -2.61
N VAL C 532 -22.77 -24.69 -2.81
CA VAL C 532 -23.90 -24.61 -3.73
C VAL C 532 -24.99 -23.72 -3.19
N ALA C 533 -25.26 -23.80 -1.89
CA ALA C 533 -26.31 -22.99 -1.28
C ALA C 533 -25.93 -21.51 -1.23
N ALA C 534 -24.65 -21.21 -1.08
CA ALA C 534 -24.17 -19.83 -1.00
C ALA C 534 -23.85 -19.22 -2.35
N THR C 535 -23.87 -20.01 -3.42
CA THR C 535 -23.64 -19.45 -4.75
C THR C 535 -24.74 -18.49 -5.17
N PRO C 536 -26.03 -18.80 -5.02
CA PRO C 536 -27.05 -17.80 -5.38
C PRO C 536 -26.89 -16.49 -4.63
N PHE C 537 -26.51 -16.55 -3.36
CA PHE C 537 -26.34 -15.35 -2.56
C PHE C 537 -25.01 -14.66 -2.79
N LEU C 538 -24.11 -15.24 -3.59
CA LEU C 538 -22.91 -14.51 -3.96
C LEU C 538 -23.26 -13.27 -4.79
N PHE C 539 -24.22 -13.41 -5.71
CA PHE C 539 -24.61 -12.30 -6.57
C PHE C 539 -25.51 -11.29 -5.87
N VAL C 540 -26.15 -11.67 -4.77
CA VAL C 540 -26.92 -10.69 -4.00
C VAL C 540 -25.97 -9.73 -3.30
N VAL C 541 -24.85 -10.23 -2.78
CA VAL C 541 -23.86 -9.33 -2.18
C VAL C 541 -23.19 -8.49 -3.25
N ILE C 542 -22.93 -9.07 -4.43
CA ILE C 542 -22.37 -8.29 -5.53
C ILE C 542 -23.34 -7.19 -5.94
N GLY C 543 -24.64 -7.48 -5.89
CA GLY C 543 -25.63 -6.46 -6.19
C GLY C 543 -25.88 -5.47 -5.08
N LEU C 544 -25.45 -5.78 -3.86
CA LEU C 544 -25.60 -4.85 -2.75
C LEU C 544 -24.57 -3.73 -2.80
N MET C 545 -23.43 -3.97 -3.45
CA MET C 545 -22.46 -2.89 -3.64
C MET C 545 -23.05 -1.78 -4.51
N PHE C 546 -23.79 -2.15 -5.56
CA PHE C 546 -24.42 -1.14 -6.40
C PHE C 546 -25.60 -0.49 -5.70
N ALA C 547 -26.44 -1.28 -5.04
CA ALA C 547 -27.58 -0.72 -4.33
C ALA C 547 -27.13 0.20 -3.20
N LEU C 548 -26.08 -0.19 -2.48
CA LEU C 548 -25.59 0.65 -1.39
C LEU C 548 -25.06 1.97 -1.91
N VAL C 549 -24.34 1.96 -3.03
CA VAL C 549 -23.80 3.19 -3.59
C VAL C 549 -24.93 4.07 -4.12
N LYS C 550 -25.96 3.46 -4.70
CA LYS C 550 -27.05 4.24 -5.29
C LYS C 550 -27.75 5.09 -4.24
N ASP C 551 -28.03 4.52 -3.06
CA ASP C 551 -28.78 5.26 -2.05
C ASP C 551 -27.88 5.99 -1.06
N LEU C 552 -26.60 5.64 -0.96
CA LEU C 552 -25.67 6.50 -0.24
C LEU C 552 -25.52 7.83 -0.95
N SER C 553 -25.44 7.82 -2.28
CA SER C 553 -25.35 9.06 -3.03
C SER C 553 -26.61 9.90 -2.86
N ASN C 554 -27.78 9.26 -2.92
CA ASN C 554 -29.05 9.96 -2.82
C ASN C 554 -29.47 10.20 -1.38
N ASP C 555 -28.56 10.78 -0.60
CA ASP C 555 -28.82 11.13 0.78
C ASP C 555 -29.44 12.53 0.86
N VAL C 556 -30.08 12.81 1.98
CA VAL C 556 -30.71 14.12 2.16
C VAL C 556 -29.68 15.23 2.23
N ILE C 557 -28.42 14.92 2.52
CA ILE C 557 -27.40 15.95 2.66
C ILE C 557 -26.61 16.10 1.38
N TYR C 558 -27.13 15.54 0.27
CA TYR C 558 -26.46 15.66 -1.03
C TYR C 558 -27.39 16.04 -2.16
N LEU C 559 -28.71 15.98 -1.98
CA LEU C 559 -29.62 16.26 -3.09
C LEU C 559 -29.48 17.70 -3.57
N GLU C 560 -29.39 18.66 -2.64
CA GLU C 560 -29.25 20.06 -3.04
C GLU C 560 -27.98 20.27 -3.84
N TYR C 561 -26.86 19.71 -3.38
CA TYR C 561 -25.61 19.84 -4.11
C TYR C 561 -25.67 19.11 -5.44
N ARG C 562 -26.28 17.93 -5.47
CA ARG C 562 -26.40 17.20 -6.72
C ARG C 562 -27.39 17.85 -7.67
N GLU C 563 -28.46 18.45 -7.14
CA GLU C 563 -29.44 19.11 -7.99
C GLU C 563 -28.82 20.30 -8.72
N GLN C 564 -28.03 21.11 -8.01
CA GLN C 564 -27.41 22.27 -8.64
C GLN C 564 -26.38 21.85 -9.67
N GLN C 565 -25.55 20.85 -9.36
CA GLN C 565 -24.49 20.45 -10.28
C GLN C 565 -25.08 19.94 -11.59
N ARG C 566 -26.15 19.14 -11.52
CA ARG C 566 -26.76 18.61 -12.74
C ARG C 566 -27.31 19.75 -13.59
N PHE C 567 -27.96 20.73 -12.98
CA PHE C 567 -28.50 21.84 -13.75
C PHE C 567 -27.40 22.62 -14.46
N ASN C 568 -26.31 22.91 -13.75
CA ASN C 568 -25.19 23.60 -14.37
C ASN C 568 -24.61 22.78 -15.51
N ALA C 569 -24.44 21.47 -15.29
CA ALA C 569 -23.86 20.62 -16.33
C ALA C 569 -24.75 20.60 -17.57
N ARG C 570 -26.06 20.57 -17.37
CA ARG C 570 -26.98 20.57 -18.52
C ARG C 570 -26.82 21.83 -19.35
N LEU C 571 -26.66 22.98 -18.69
CA LEU C 571 -26.43 24.22 -19.42
C LEU C 571 -25.12 24.15 -20.20
N ALA C 572 -24.06 23.63 -19.57
CA ALA C 572 -22.77 23.55 -20.25
C ALA C 572 -22.87 22.69 -21.51
N ARG C 573 -23.53 21.52 -21.41
CA ARG C 573 -23.74 20.71 -22.59
C ARG C 573 -24.59 21.45 -23.62
N GLU C 574 -25.60 22.17 -23.16
CA GLU C 574 -26.47 22.91 -24.08
C GLU C 574 -25.68 23.99 -24.82
N ARG C 575 -24.81 24.71 -24.11
CA ARG C 575 -24.00 25.73 -24.76
C ARG C 575 -23.08 25.12 -25.81
N ARG C 576 -22.43 24.01 -25.48
CA ARG C 576 -21.53 23.37 -26.42
C ARG C 576 -22.29 22.92 -27.67
N VAL C 577 -23.47 22.34 -27.50
CA VAL C 577 -24.26 21.92 -28.65
C VAL C 577 -24.63 23.13 -29.51
N HIS C 578 -25.09 24.21 -28.86
CA HIS C 578 -25.39 25.41 -29.62
C HIS C 578 -24.14 25.99 -30.28
N ASN C 579 -23.02 25.99 -29.55
CA ASN C 579 -21.78 26.46 -30.15
C ASN C 579 -21.36 25.58 -31.32
N GLU C 580 -21.56 24.27 -31.20
CA GLU C 580 -21.24 23.38 -32.31
C GLU C 580 -22.07 23.72 -33.55
N HIS C 581 -23.37 23.95 -33.38
CA HIS C 581 -24.22 24.32 -34.51
C HIS C 581 -23.76 25.65 -35.10
N ARG C 582 -23.39 26.61 -34.26
CA ARG C 582 -22.95 27.91 -34.74
C ARG C 582 -21.69 27.77 -35.59
N LYS C 583 -20.74 26.95 -35.15
CA LYS C 583 -19.46 26.82 -35.84
C LYS C 583 -19.53 25.83 -37.00
N ARG C 584 -20.20 24.70 -36.82
CA ARG C 584 -20.29 23.73 -37.91
C ARG C 584 -21.04 24.33 -39.10
N GLU C 585 -22.09 25.10 -38.83
CA GLU C 585 -22.86 25.74 -39.88
C GLU C 585 -23.42 24.71 -40.85
#